data_2JPF
#
_entry.id   2JPF
#
_cell.length_a   1.000
_cell.length_b   1.000
_cell.length_c   1.000
_cell.angle_alpha   90.00
_cell.angle_beta   90.00
_cell.angle_gamma   90.00
#
_symmetry.space_group_name_H-M   'P 1'
#
_entity_poly.entity_id   1
_entity_poly.type   'polypeptide(L)'
_entity_poly.pdbx_seq_one_letter_code
;MGSSHHHHHHSSGRENLYFQGKQQLQEHAPSHANLDVKWLDGLRAGSMALQGDVKVWMQNLEDLHTRRPDEFTARLQQST
DALYSHLEAQWAKQHGTPPTASDVVGMPQWQEYTAMLRERFAGLDTI
;
_entity_poly.pdbx_strand_id   A
#
# COMPACT_ATOMS: atom_id res chain seq x y z
N LYS A 22 14.30 24.99 -4.24
CA LYS A 22 13.85 24.54 -2.92
C LYS A 22 14.60 23.28 -2.49
N GLN A 23 14.82 23.14 -1.19
CA GLN A 23 15.51 21.98 -0.66
C GLN A 23 16.92 21.88 -1.23
N GLN A 24 17.60 23.02 -1.30
CA GLN A 24 18.97 23.06 -1.82
C GLN A 24 19.91 22.25 -0.95
N LEU A 25 19.91 22.55 0.35
CA LEU A 25 20.76 21.84 1.30
C LEU A 25 20.25 20.43 1.55
N GLN A 26 21.17 19.51 1.84
CA GLN A 26 20.81 18.12 2.10
C GLN A 26 20.64 17.88 3.60
N GLU A 27 19.84 16.87 3.94
CA GLU A 27 19.59 16.54 5.35
C GLU A 27 19.12 15.10 5.48
N HIS A 28 19.30 14.53 6.67
CA HIS A 28 18.89 13.15 6.94
C HIS A 28 18.76 12.91 8.43
N ALA A 29 17.93 11.93 8.80
CA ALA A 29 17.71 11.60 10.20
C ALA A 29 17.13 10.20 10.34
N PRO A 30 17.16 9.66 11.57
CA PRO A 30 16.64 8.32 11.86
C PRO A 30 15.12 8.26 11.78
N SER A 31 14.62 7.46 10.83
CA SER A 31 13.18 7.32 10.64
C SER A 31 12.88 6.12 9.75
N HIS A 32 11.61 5.70 9.74
CA HIS A 32 11.19 4.57 8.93
C HIS A 32 10.70 5.03 7.56
N ALA A 33 11.02 4.26 6.53
CA ALA A 33 10.62 4.59 5.17
C ALA A 33 9.72 3.50 4.58
N ASN A 34 9.15 3.78 3.41
CA ASN A 34 8.27 2.82 2.74
C ASN A 34 8.99 1.50 2.52
N LEU A 35 10.26 1.56 2.14
CA LEU A 35 11.05 0.37 1.89
C LEU A 35 10.98 -0.58 3.07
N ASP A 36 11.05 -0.04 4.28
CA ASP A 36 10.99 -0.84 5.49
C ASP A 36 9.77 -1.76 5.47
N VAL A 37 8.60 -1.17 5.23
CA VAL A 37 7.36 -1.95 5.18
C VAL A 37 7.39 -2.97 4.05
N LYS A 38 6.91 -4.17 4.34
CA LYS A 38 6.88 -5.24 3.35
C LYS A 38 5.77 -5.01 2.34
N TRP A 39 5.69 -5.89 1.35
CA TRP A 39 4.67 -5.78 0.31
C TRP A 39 3.27 -5.89 0.91
N LEU A 40 2.26 -5.72 0.06
CA LEU A 40 0.87 -5.80 0.52
C LEU A 40 0.58 -7.15 1.17
N ASP A 41 1.38 -8.16 0.79
CA ASP A 41 1.20 -9.50 1.35
C ASP A 41 0.92 -9.44 2.84
N GLY A 42 1.55 -8.49 3.52
CA GLY A 42 1.35 -8.35 4.95
C GLY A 42 2.66 -8.38 5.73
N LEU A 43 2.61 -7.94 6.98
CA LEU A 43 3.80 -7.91 7.83
C LEU A 43 3.56 -8.70 9.11
N ARG A 44 4.47 -9.63 9.40
CA ARG A 44 4.36 -10.46 10.60
C ARG A 44 4.81 -9.69 11.83
N ALA A 45 6.03 -9.15 11.78
CA ALA A 45 6.58 -8.38 12.89
C ALA A 45 6.72 -6.91 12.54
N GLY A 46 7.07 -6.65 11.27
CA GLY A 46 7.22 -5.28 10.82
C GLY A 46 6.19 -4.34 11.43
N SER A 47 4.92 -4.58 11.11
CA SER A 47 3.83 -3.75 11.62
C SER A 47 2.60 -4.59 11.91
N MET A 48 2.37 -4.88 13.18
CA MET A 48 1.22 -5.68 13.58
C MET A 48 0.08 -4.79 14.06
N ALA A 49 0.36 -3.96 15.06
CA ALA A 49 -0.65 -3.05 15.61
C ALA A 49 -1.26 -2.19 14.51
N LEU A 50 -0.43 -1.35 13.89
CA LEU A 50 -0.90 -0.46 12.83
C LEU A 50 -0.68 -1.11 11.46
N GLN A 51 -1.37 -0.59 10.45
CA GLN A 51 -1.26 -1.11 9.09
C GLN A 51 -0.19 -0.36 8.31
N GLY A 52 0.90 -1.04 7.99
CA GLY A 52 1.98 -0.41 7.25
C GLY A 52 1.71 -0.38 5.75
N ASP A 53 0.79 -1.23 5.30
CA ASP A 53 0.45 -1.31 3.89
C ASP A 53 -0.17 0.02 3.42
N VAL A 54 -1.25 0.42 4.06
CA VAL A 54 -1.93 1.66 3.70
C VAL A 54 -1.23 2.86 4.30
N LYS A 55 -0.79 2.73 5.55
CA LYS A 55 -0.11 3.81 6.25
C LYS A 55 0.93 4.48 5.33
N VAL A 56 1.64 3.67 4.56
CA VAL A 56 2.65 4.17 3.64
C VAL A 56 2.04 4.46 2.27
N TRP A 57 0.93 3.80 1.97
CA TRP A 57 0.25 3.99 0.69
C TRP A 57 0.19 5.47 0.32
N MET A 58 -0.19 6.31 1.28
CA MET A 58 -0.28 7.74 1.05
C MET A 58 1.10 8.38 1.03
N GLN A 59 1.85 8.19 2.11
CA GLN A 59 3.20 8.75 2.22
C GLN A 59 3.98 8.54 0.92
N ASN A 60 3.76 7.40 0.27
CA ASN A 60 4.44 7.07 -0.97
C ASN A 60 4.04 8.04 -2.08
N LEU A 61 2.77 8.42 -2.09
CA LEU A 61 2.25 9.34 -3.10
C LEU A 61 2.57 10.79 -2.72
N GLU A 62 2.68 11.04 -1.43
CA GLU A 62 2.98 12.38 -0.93
C GLU A 62 4.28 12.90 -1.53
N ASP A 63 5.28 12.02 -1.60
CA ASP A 63 6.58 12.39 -2.14
C ASP A 63 6.58 12.32 -3.67
N LEU A 64 6.02 11.23 -4.21
CA LEU A 64 5.95 11.05 -5.65
C LEU A 64 5.02 12.08 -6.29
N HIS A 65 3.76 12.08 -5.87
CA HIS A 65 2.78 13.02 -6.39
C HIS A 65 3.37 14.41 -6.51
N THR A 66 4.26 14.76 -5.58
CA THR A 66 4.90 16.06 -5.58
C THR A 66 5.44 16.41 -6.97
N ARG A 67 6.14 15.47 -7.58
CA ARG A 67 6.71 15.67 -8.91
C ARG A 67 5.68 15.37 -9.99
N ARG A 68 5.27 14.11 -10.08
CA ARG A 68 4.29 13.70 -11.08
C ARG A 68 3.18 12.88 -10.44
N PRO A 69 1.92 13.31 -10.65
CA PRO A 69 0.75 12.62 -10.11
C PRO A 69 0.50 11.28 -10.77
N ASP A 70 0.46 11.28 -12.10
CA ASP A 70 0.23 10.05 -12.86
C ASP A 70 1.15 8.93 -12.38
N GLU A 71 2.29 9.32 -11.81
CA GLU A 71 3.26 8.35 -11.30
C GLU A 71 2.98 8.01 -9.85
N PHE A 72 2.28 8.90 -9.15
CA PHE A 72 1.94 8.69 -7.75
C PHE A 72 1.40 7.29 -7.52
N THR A 73 0.55 6.83 -8.43
CA THR A 73 -0.05 5.51 -8.34
C THR A 73 0.98 4.41 -8.65
N ALA A 74 2.04 4.80 -9.37
CA ALA A 74 3.09 3.85 -9.73
C ALA A 74 3.94 3.48 -8.52
N ARG A 75 3.89 4.33 -7.49
CA ARG A 75 4.66 4.09 -6.28
C ARG A 75 4.15 2.84 -5.54
N LEU A 76 2.93 2.92 -5.05
CA LEU A 76 2.32 1.80 -4.33
C LEU A 76 1.96 0.68 -5.29
N GLN A 77 1.85 1.01 -6.57
CA GLN A 77 1.50 0.02 -7.59
C GLN A 77 2.34 -1.24 -7.43
N GLN A 78 3.58 -1.07 -6.96
CA GLN A 78 4.48 -2.19 -6.77
C GLN A 78 4.09 -3.00 -5.54
N SER A 79 3.65 -2.31 -4.49
CA SER A 79 3.26 -2.95 -3.24
C SER A 79 1.88 -3.59 -3.38
N THR A 80 0.88 -2.76 -3.63
CA THR A 80 -0.49 -3.23 -3.78
C THR A 80 -0.55 -4.50 -4.63
N ASP A 81 0.48 -4.70 -5.44
CA ASP A 81 0.56 -5.87 -6.30
C ASP A 81 0.34 -7.15 -5.50
N ALA A 82 1.01 -7.24 -4.36
CA ALA A 82 0.89 -8.42 -3.50
C ALA A 82 -0.57 -8.80 -3.29
N LEU A 83 -1.37 -7.84 -2.83
CA LEU A 83 -2.79 -8.08 -2.58
C LEU A 83 -3.54 -8.27 -3.90
N TYR A 84 -3.29 -7.37 -4.85
CA TYR A 84 -3.94 -7.43 -6.15
C TYR A 84 -3.92 -8.86 -6.71
N SER A 85 -2.74 -9.47 -6.70
CA SER A 85 -2.57 -10.82 -7.20
C SER A 85 -2.96 -11.85 -6.13
N HIS A 86 -2.48 -11.63 -4.92
CA HIS A 86 -2.77 -12.53 -3.80
C HIS A 86 -4.26 -12.87 -3.76
N LEU A 87 -5.09 -11.87 -4.05
CA LEU A 87 -6.54 -12.06 -4.03
C LEU A 87 -7.00 -12.89 -5.23
N GLU A 88 -6.73 -12.39 -6.43
CA GLU A 88 -7.11 -13.09 -7.66
C GLU A 88 -6.58 -14.53 -7.65
N ALA A 89 -5.43 -14.72 -7.01
CA ALA A 89 -4.82 -16.05 -6.92
C ALA A 89 -5.40 -16.84 -5.77
N GLN A 90 -5.24 -16.33 -4.55
CA GLN A 90 -5.74 -16.99 -3.36
C GLN A 90 -7.26 -17.14 -3.42
N TRP A 91 -7.95 -16.01 -3.57
CA TRP A 91 -9.41 -16.02 -3.63
C TRP A 91 -9.90 -16.99 -4.71
N ALA A 92 -9.09 -17.16 -5.76
CA ALA A 92 -9.44 -18.05 -6.85
C ALA A 92 -9.99 -19.37 -6.32
N LYS A 93 -9.47 -19.81 -5.18
CA LYS A 93 -9.90 -21.06 -4.57
C LYS A 93 -11.39 -21.01 -4.22
N GLN A 94 -11.83 -19.87 -3.71
CA GLN A 94 -13.23 -19.69 -3.33
C GLN A 94 -14.15 -20.02 -4.50
N HIS A 95 -14.01 -19.29 -5.60
CA HIS A 95 -14.83 -19.52 -6.79
C HIS A 95 -13.95 -19.69 -8.02
N GLY A 96 -13.05 -18.74 -8.25
CA GLY A 96 -12.17 -18.81 -9.39
C GLY A 96 -12.78 -18.18 -10.64
N THR A 97 -14.10 -18.05 -10.64
CA THR A 97 -14.81 -17.45 -11.77
C THR A 97 -14.88 -15.94 -11.64
N PRO A 98 -15.38 -15.46 -10.50
CA PRO A 98 -15.52 -14.02 -10.22
C PRO A 98 -14.16 -13.35 -10.03
N PRO A 99 -13.18 -14.13 -9.57
CA PRO A 99 -11.82 -13.61 -9.33
C PRO A 99 -11.08 -13.28 -10.62
N THR A 100 -10.89 -11.99 -10.87
CA THR A 100 -10.21 -11.53 -12.06
C THR A 100 -9.82 -10.06 -11.95
N ALA A 101 -8.77 -9.68 -12.67
CA ALA A 101 -8.30 -8.30 -12.65
C ALA A 101 -9.47 -7.32 -12.64
N SER A 102 -10.59 -7.75 -13.19
CA SER A 102 -11.79 -6.90 -13.24
C SER A 102 -12.42 -6.77 -11.88
N ASP A 103 -12.52 -7.88 -11.17
CA ASP A 103 -13.12 -7.90 -9.83
C ASP A 103 -12.07 -7.56 -8.77
N VAL A 104 -10.96 -8.28 -8.80
CA VAL A 104 -9.88 -8.07 -7.85
C VAL A 104 -9.62 -6.58 -7.65
N VAL A 105 -9.99 -5.78 -8.64
CA VAL A 105 -9.79 -4.33 -8.57
C VAL A 105 -10.49 -3.74 -7.35
N GLY A 106 -11.70 -4.23 -7.08
CA GLY A 106 -12.45 -3.74 -5.94
C GLY A 106 -12.90 -4.85 -5.01
N MET A 107 -12.59 -6.08 -5.38
CA MET A 107 -12.95 -7.25 -4.57
C MET A 107 -12.32 -7.16 -3.18
N PRO A 108 -11.03 -6.82 -3.14
CA PRO A 108 -10.29 -6.69 -1.87
C PRO A 108 -10.73 -5.48 -1.06
N GLN A 109 -10.15 -5.33 0.12
CA GLN A 109 -10.49 -4.21 0.99
C GLN A 109 -9.69 -2.96 0.61
N TRP A 110 -8.46 -3.17 0.14
CA TRP A 110 -7.61 -2.06 -0.26
C TRP A 110 -8.39 -1.02 -1.04
N GLN A 111 -9.22 -1.49 -1.98
CA GLN A 111 -10.03 -0.59 -2.79
C GLN A 111 -10.74 0.44 -1.93
N GLU A 112 -11.34 -0.03 -0.84
CA GLU A 112 -12.06 0.86 0.07
C GLU A 112 -11.11 1.53 1.05
N TYR A 113 -10.31 0.73 1.72
CA TYR A 113 -9.35 1.24 2.70
C TYR A 113 -8.62 2.47 2.15
N THR A 114 -7.86 2.27 1.08
CA THR A 114 -7.12 3.35 0.46
C THR A 114 -8.03 4.54 0.15
N ALA A 115 -9.29 4.24 -0.15
CA ALA A 115 -10.26 5.28 -0.47
C ALA A 115 -10.61 6.10 0.76
N MET A 116 -10.40 5.51 1.93
CA MET A 116 -10.69 6.19 3.20
C MET A 116 -9.54 7.09 3.61
N LEU A 117 -8.32 6.60 3.41
CA LEU A 117 -7.12 7.37 3.78
C LEU A 117 -6.81 8.42 2.71
N ARG A 118 -6.55 7.95 1.50
CA ARG A 118 -6.23 8.85 0.39
C ARG A 118 -7.28 9.95 0.26
N GLU A 119 -8.54 9.58 0.50
CA GLU A 119 -9.64 10.54 0.40
C GLU A 119 -9.77 11.35 1.70
N ARG A 120 -9.92 10.65 2.81
CA ARG A 120 -10.06 11.29 4.11
C ARG A 120 -8.69 11.62 4.70
N PHE A 121 -7.69 11.72 3.84
CA PHE A 121 -6.32 12.02 4.28
C PHE A 121 -6.28 13.34 5.05
N ALA A 122 -7.16 14.25 4.67
CA ALA A 122 -7.22 15.56 5.32
C ALA A 122 -7.18 15.42 6.84
N GLY A 123 -7.54 14.23 7.33
CA GLY A 123 -7.53 13.99 8.76
C GLY A 123 -7.31 12.52 9.09
N LEU A 124 -6.15 12.00 8.69
CA LEU A 124 -5.80 10.61 8.96
C LEU A 124 -5.84 10.31 10.45
N ASP A 125 -6.89 9.64 10.89
CA ASP A 125 -7.04 9.29 12.30
C ASP A 125 -7.03 7.77 12.49
N THR A 126 -7.52 7.06 11.48
CA THR A 126 -7.57 5.60 11.53
C THR A 126 -6.27 5.02 12.07
N ILE A 127 -5.17 5.72 11.80
CA ILE A 127 -3.85 5.27 12.26
C ILE A 127 -3.51 5.88 13.62
N LYS A 22 17.06 -8.44 -18.03
CA LYS A 22 15.75 -8.45 -18.69
C LYS A 22 14.93 -9.66 -18.24
N GLN A 23 15.57 -10.82 -18.16
CA GLN A 23 14.90 -12.04 -17.75
C GLN A 23 14.84 -12.15 -16.23
N GLN A 24 15.99 -11.94 -15.59
CA GLN A 24 16.06 -12.02 -14.13
C GLN A 24 15.79 -10.66 -13.50
N LEU A 25 15.09 -10.66 -12.37
CA LEU A 25 14.76 -9.43 -11.67
C LEU A 25 15.78 -9.13 -10.57
N GLN A 26 15.77 -7.90 -10.08
CA GLN A 26 16.69 -7.49 -9.03
C GLN A 26 16.63 -8.44 -7.85
N GLU A 27 17.75 -8.57 -7.13
CA GLU A 27 17.82 -9.45 -5.98
C GLU A 27 16.84 -9.00 -4.88
N HIS A 28 16.76 -9.80 -3.82
CA HIS A 28 15.86 -9.48 -2.71
C HIS A 28 16.62 -8.78 -1.58
N ALA A 29 16.33 -7.51 -1.38
CA ALA A 29 16.99 -6.73 -0.33
C ALA A 29 15.96 -6.00 0.53
N PRO A 30 16.25 -5.89 1.83
CA PRO A 30 15.37 -5.21 2.79
C PRO A 30 15.33 -3.71 2.58
N SER A 31 16.52 -3.10 2.48
CA SER A 31 16.62 -1.66 2.28
C SER A 31 15.83 -0.91 3.34
N HIS A 32 15.80 -1.45 4.56
CA HIS A 32 15.07 -0.83 5.66
C HIS A 32 15.61 0.58 5.94
N ALA A 33 14.83 1.59 5.56
CA ALA A 33 15.22 2.97 5.77
C ALA A 33 14.01 3.89 5.81
N ASN A 34 14.22 5.12 6.25
CA ASN A 34 13.13 6.10 6.33
C ASN A 34 12.44 6.26 4.99
N LEU A 35 11.12 6.09 4.98
CA LEU A 35 10.33 6.22 3.76
C LEU A 35 10.76 5.17 2.73
N ASP A 36 11.07 3.97 3.21
CA ASP A 36 11.50 2.89 2.32
C ASP A 36 11.14 1.53 2.92
N VAL A 37 10.17 0.86 2.31
CA VAL A 37 9.73 -0.45 2.78
C VAL A 37 9.67 -1.45 1.63
N LYS A 38 9.50 -2.72 1.98
CA LYS A 38 9.42 -3.78 0.98
C LYS A 38 8.05 -3.79 0.31
N TRP A 39 7.88 -4.69 -0.66
CA TRP A 39 6.61 -4.80 -1.38
C TRP A 39 5.45 -4.96 -0.41
N LEU A 40 4.24 -5.02 -0.95
CA LEU A 40 3.04 -5.17 -0.13
C LEU A 40 3.32 -6.05 1.08
N ASP A 41 3.58 -7.33 0.83
CA ASP A 41 3.87 -8.29 1.90
C ASP A 41 5.31 -8.76 1.83
N GLY A 42 5.69 -9.60 2.79
CA GLY A 42 7.06 -10.12 2.81
C GLY A 42 7.96 -9.29 3.70
N LEU A 43 7.50 -8.98 4.90
CA LEU A 43 8.28 -8.19 5.84
C LEU A 43 8.32 -8.85 7.22
N ARG A 44 9.48 -9.39 7.59
CA ARG A 44 9.64 -10.06 8.86
C ARG A 44 10.32 -9.13 9.88
N ALA A 45 11.23 -8.30 9.39
CA ALA A 45 11.95 -7.37 10.25
C ALA A 45 11.01 -6.72 11.26
N GLY A 46 10.09 -5.91 10.77
CA GLY A 46 9.14 -5.24 11.64
C GLY A 46 8.80 -3.84 11.16
N SER A 47 7.99 -3.76 10.12
CA SER A 47 7.60 -2.47 9.56
C SER A 47 6.10 -2.24 9.73
N MET A 48 5.47 -3.08 10.54
CA MET A 48 4.04 -2.98 10.79
C MET A 48 3.24 -3.25 9.52
N ALA A 49 3.75 -4.14 8.68
CA ALA A 49 3.09 -4.50 7.44
C ALA A 49 1.57 -4.46 7.59
N LEU A 50 1.10 -4.80 8.78
CA LEU A 50 -0.33 -4.82 9.07
C LEU A 50 -1.02 -3.59 8.48
N GLN A 51 -0.50 -2.41 8.81
CA GLN A 51 -1.05 -1.16 8.30
C GLN A 51 -0.04 -0.43 7.44
N GLY A 52 1.25 -0.62 7.73
CA GLY A 52 2.29 0.04 6.97
C GLY A 52 2.01 0.04 5.48
N ASP A 53 1.32 -1.00 5.01
CA ASP A 53 0.98 -1.12 3.59
C ASP A 53 0.19 0.10 3.12
N VAL A 54 -0.94 0.34 3.76
CA VAL A 54 -1.80 1.48 3.39
C VAL A 54 -1.31 2.75 4.07
N LYS A 55 -1.00 2.66 5.36
CA LYS A 55 -0.52 3.80 6.13
C LYS A 55 0.48 4.62 5.31
N VAL A 56 1.32 3.92 4.55
CA VAL A 56 2.32 4.59 3.72
C VAL A 56 1.77 4.91 2.33
N TRP A 57 0.69 4.23 1.96
CA TRP A 57 0.07 4.45 0.65
C TRP A 57 -0.01 5.93 0.33
N MET A 58 -0.19 6.75 1.36
CA MET A 58 -0.28 8.20 1.19
C MET A 58 1.11 8.82 1.10
N GLN A 59 1.95 8.53 2.10
CA GLN A 59 3.29 9.08 2.14
C GLN A 59 4.05 8.75 0.84
N ASN A 60 3.68 7.64 0.21
CA ASN A 60 4.32 7.22 -1.03
C ASN A 60 4.02 8.21 -2.16
N LEU A 61 2.74 8.56 -2.31
CA LEU A 61 2.33 9.49 -3.34
C LEU A 61 2.71 10.92 -2.98
N GLU A 62 2.41 11.33 -1.76
CA GLU A 62 2.72 12.67 -1.29
C GLU A 62 4.16 13.05 -1.68
N ASP A 63 5.06 12.09 -1.60
CA ASP A 63 6.46 12.32 -1.94
C ASP A 63 6.68 12.18 -3.45
N LEU A 64 5.77 11.47 -4.11
CA LEU A 64 5.87 11.27 -5.56
C LEU A 64 5.22 12.43 -6.31
N HIS A 65 3.93 12.64 -6.06
CA HIS A 65 3.20 13.72 -6.72
C HIS A 65 4.05 14.98 -6.79
N THR A 66 4.78 15.26 -5.73
CA THR A 66 5.63 16.45 -5.68
C THR A 66 6.44 16.60 -6.96
N ARG A 67 6.94 15.48 -7.47
CA ARG A 67 7.73 15.49 -8.70
C ARG A 67 6.89 15.03 -9.89
N ARG A 68 6.21 13.90 -9.73
CA ARG A 68 5.37 13.35 -10.79
C ARG A 68 3.98 13.02 -10.27
N PRO A 69 2.98 13.76 -10.74
CA PRO A 69 1.58 13.56 -10.34
C PRO A 69 1.00 12.25 -10.88
N ASP A 70 1.46 11.85 -12.06
CA ASP A 70 0.98 10.63 -12.68
C ASP A 70 1.71 9.41 -12.11
N GLU A 71 3.03 9.51 -12.01
CA GLU A 71 3.84 8.42 -11.47
C GLU A 71 3.45 8.11 -10.03
N PHE A 72 2.70 9.03 -9.42
CA PHE A 72 2.27 8.85 -8.03
C PHE A 72 1.79 7.43 -7.78
N THR A 73 0.93 6.94 -8.67
CA THR A 73 0.41 5.59 -8.54
C THR A 73 1.51 4.55 -8.71
N ALA A 74 2.57 4.92 -9.41
CA ALA A 74 3.70 4.02 -9.64
C ALA A 74 4.33 3.61 -8.32
N ARG A 75 4.07 4.37 -7.27
CA ARG A 75 4.63 4.09 -5.95
C ARG A 75 3.99 2.84 -5.35
N LEU A 76 2.70 2.94 -5.02
CA LEU A 76 1.96 1.81 -4.45
C LEU A 76 1.57 0.82 -5.52
N GLN A 77 1.59 1.25 -6.78
CA GLN A 77 1.23 0.38 -7.89
C GLN A 77 2.01 -0.92 -7.85
N GLN A 78 3.28 -0.84 -7.48
CA GLN A 78 4.13 -2.02 -7.39
C GLN A 78 3.79 -2.85 -6.16
N SER A 79 3.18 -2.21 -5.17
CA SER A 79 2.80 -2.89 -3.94
C SER A 79 1.48 -3.64 -4.12
N THR A 80 0.42 -2.89 -4.41
CA THR A 80 -0.90 -3.49 -4.60
C THR A 80 -0.81 -4.76 -5.43
N ASP A 81 0.25 -4.87 -6.23
CA ASP A 81 0.44 -6.04 -7.07
C ASP A 81 0.32 -7.33 -6.26
N ALA A 82 0.90 -7.32 -5.06
CA ALA A 82 0.86 -8.49 -4.19
C ALA A 82 -0.55 -8.71 -3.65
N LEU A 83 -1.23 -7.62 -3.31
CA LEU A 83 -2.58 -7.71 -2.78
C LEU A 83 -3.57 -8.14 -3.86
N TYR A 84 -3.29 -7.76 -5.09
CA TYR A 84 -4.15 -8.11 -6.21
C TYR A 84 -4.02 -9.59 -6.56
N SER A 85 -2.78 -10.05 -6.71
CA SER A 85 -2.52 -11.45 -7.04
C SER A 85 -2.86 -12.36 -5.86
N HIS A 86 -2.57 -11.88 -4.65
CA HIS A 86 -2.83 -12.65 -3.44
C HIS A 86 -4.32 -12.99 -3.34
N LEU A 87 -5.17 -12.02 -3.60
CA LEU A 87 -6.61 -12.21 -3.55
C LEU A 87 -7.10 -13.05 -4.73
N GLU A 88 -6.80 -12.58 -5.94
CA GLU A 88 -7.21 -13.28 -7.15
C GLU A 88 -6.67 -14.70 -7.15
N ALA A 89 -5.50 -14.90 -6.55
CA ALA A 89 -4.88 -16.21 -6.49
C ALA A 89 -5.44 -17.03 -5.33
N GLN A 90 -5.35 -16.49 -4.12
CA GLN A 90 -5.85 -17.17 -2.93
C GLN A 90 -7.37 -17.25 -2.96
N TRP A 91 -8.01 -16.09 -3.10
CA TRP A 91 -9.47 -16.04 -3.13
C TRP A 91 -10.03 -16.85 -4.29
N ALA A 92 -9.21 -17.04 -5.33
CA ALA A 92 -9.63 -17.82 -6.49
C ALA A 92 -10.16 -19.19 -6.08
N LYS A 93 -9.53 -19.79 -5.08
CA LYS A 93 -9.95 -21.10 -4.58
C LYS A 93 -11.45 -21.14 -4.33
N GLN A 94 -12.02 -19.97 -4.07
CA GLN A 94 -13.45 -19.87 -3.81
C GLN A 94 -14.27 -20.37 -5.00
N HIS A 95 -14.05 -19.76 -6.16
CA HIS A 95 -14.75 -20.15 -7.37
C HIS A 95 -13.79 -20.25 -8.56
N GLY A 96 -13.03 -19.18 -8.78
CA GLY A 96 -12.08 -19.17 -9.88
C GLY A 96 -12.59 -18.39 -11.07
N THR A 97 -13.91 -18.21 -11.13
CA THR A 97 -14.51 -17.47 -12.23
C THR A 97 -14.54 -15.98 -11.95
N PRO A 98 -15.10 -15.59 -10.80
CA PRO A 98 -15.20 -14.19 -10.39
C PRO A 98 -13.84 -13.60 -10.04
N PRO A 99 -12.90 -14.46 -9.60
CA PRO A 99 -11.55 -14.04 -9.23
C PRO A 99 -10.73 -13.61 -10.43
N THR A 100 -10.71 -12.30 -10.69
CA THR A 100 -9.95 -11.76 -11.82
C THR A 100 -9.69 -10.26 -11.63
N ALA A 101 -8.74 -9.74 -12.40
CA ALA A 101 -8.39 -8.32 -12.31
C ALA A 101 -9.64 -7.45 -12.33
N SER A 102 -10.71 -7.97 -12.92
CA SER A 102 -11.96 -7.24 -13.01
C SER A 102 -12.63 -7.12 -11.64
N ASP A 103 -12.65 -8.23 -10.91
CA ASP A 103 -13.26 -8.26 -9.59
C ASP A 103 -12.27 -7.79 -8.53
N VAL A 104 -11.08 -8.38 -8.53
CA VAL A 104 -10.05 -8.02 -7.57
C VAL A 104 -9.90 -6.51 -7.46
N VAL A 105 -10.29 -5.80 -8.52
CA VAL A 105 -10.20 -4.34 -8.54
C VAL A 105 -10.91 -3.74 -7.34
N GLY A 106 -12.01 -4.37 -6.93
CA GLY A 106 -12.76 -3.86 -5.80
C GLY A 106 -13.21 -4.97 -4.86
N MET A 107 -12.85 -6.21 -5.20
CA MET A 107 -13.22 -7.36 -4.38
C MET A 107 -12.59 -7.27 -3.00
N PRO A 108 -11.28 -6.98 -2.96
CA PRO A 108 -10.54 -6.85 -1.70
C PRO A 108 -10.94 -5.61 -0.91
N GLN A 109 -10.33 -5.44 0.26
CA GLN A 109 -10.62 -4.29 1.10
C GLN A 109 -9.83 -3.06 0.66
N TRP A 110 -8.62 -3.30 0.15
CA TRP A 110 -7.75 -2.22 -0.30
C TRP A 110 -8.55 -1.19 -1.09
N GLN A 111 -9.53 -1.66 -1.85
CA GLN A 111 -10.36 -0.76 -2.66
C GLN A 111 -11.14 0.19 -1.78
N GLU A 112 -11.66 -0.32 -0.66
CA GLU A 112 -12.42 0.49 0.28
C GLU A 112 -11.50 1.27 1.21
N TYR A 113 -10.58 0.56 1.85
CA TYR A 113 -9.64 1.18 2.78
C TYR A 113 -8.96 2.39 2.14
N THR A 114 -8.34 2.16 0.98
CA THR A 114 -7.66 3.24 0.27
C THR A 114 -8.51 4.51 0.25
N ALA A 115 -9.82 4.34 0.17
CA ALA A 115 -10.73 5.48 0.14
C ALA A 115 -10.84 6.12 1.52
N MET A 116 -10.83 5.30 2.56
CA MET A 116 -10.92 5.80 3.93
C MET A 116 -9.80 6.79 4.23
N LEU A 117 -8.71 6.70 3.47
CA LEU A 117 -7.57 7.59 3.66
C LEU A 117 -7.89 8.98 3.13
N ARG A 118 -8.15 9.08 1.83
CA ARG A 118 -8.47 10.35 1.21
C ARG A 118 -9.78 10.92 1.76
N GLU A 119 -10.73 10.03 2.02
CA GLU A 119 -12.02 10.45 2.55
C GLU A 119 -11.91 10.92 3.99
N ARG A 120 -11.34 10.08 4.85
CA ARG A 120 -11.16 10.41 6.25
C ARG A 120 -9.76 10.94 6.51
N PHE A 121 -9.11 11.43 5.46
CA PHE A 121 -7.76 11.97 5.58
C PHE A 121 -7.66 12.98 6.71
N ALA A 122 -8.76 13.71 6.93
CA ALA A 122 -8.81 14.72 7.99
C ALA A 122 -8.36 14.13 9.33
N GLY A 123 -8.46 12.81 9.44
CA GLY A 123 -8.06 12.15 10.68
C GLY A 123 -6.58 11.85 10.73
N LEU A 124 -6.08 11.18 9.69
CA LEU A 124 -4.67 10.83 9.62
C LEU A 124 -3.83 12.03 9.23
N ASP A 125 -4.46 13.21 9.19
CA ASP A 125 -3.76 14.44 8.83
C ASP A 125 -2.31 14.40 9.32
N THR A 126 -2.12 13.97 10.56
CA THR A 126 -0.79 13.90 11.15
C THR A 126 0.25 13.50 10.10
N ILE A 127 -0.04 12.44 9.37
CA ILE A 127 0.87 11.96 8.33
C ILE A 127 0.44 12.46 6.96
N LYS A 22 43.61 1.86 -5.33
CA LYS A 22 42.95 1.26 -4.17
C LYS A 22 41.86 2.18 -3.64
N GLN A 23 40.67 1.62 -3.42
CA GLN A 23 39.55 2.39 -2.92
C GLN A 23 38.86 1.66 -1.76
N GLN A 24 37.96 2.35 -1.08
CA GLN A 24 37.24 1.78 0.04
C GLN A 24 35.74 2.00 -0.09
N LEU A 25 34.95 1.10 0.49
CA LEU A 25 33.50 1.21 0.42
C LEU A 25 32.88 0.99 1.80
N GLN A 26 31.82 1.75 2.09
CA GLN A 26 31.14 1.63 3.38
C GLN A 26 29.63 1.78 3.21
N GLU A 27 28.88 1.44 4.25
CA GLU A 27 27.43 1.54 4.22
C GLU A 27 26.96 2.92 4.65
N HIS A 28 26.23 3.59 3.76
CA HIS A 28 25.72 4.93 4.04
C HIS A 28 24.54 4.86 5.00
N ALA A 29 23.50 4.13 4.60
CA ALA A 29 22.31 3.99 5.43
C ALA A 29 22.00 2.52 5.71
N PRO A 30 21.57 2.22 6.94
CA PRO A 30 21.24 0.86 7.36
C PRO A 30 19.98 0.33 6.69
N SER A 31 18.91 1.13 6.75
CA SER A 31 17.64 0.74 6.15
C SER A 31 16.81 1.97 5.79
N HIS A 32 15.69 1.74 5.11
CA HIS A 32 14.80 2.84 4.71
C HIS A 32 13.42 2.67 5.32
N ALA A 33 12.87 3.77 5.83
CA ALA A 33 11.54 3.75 6.44
C ALA A 33 10.47 3.50 5.39
N ASN A 34 10.67 4.03 4.20
CA ASN A 34 9.70 3.88 3.11
C ASN A 34 9.48 2.40 2.80
N LEU A 35 10.58 1.69 2.51
CA LEU A 35 10.51 0.28 2.19
C LEU A 35 10.78 -0.58 3.42
N ASP A 36 10.86 0.07 4.58
CA ASP A 36 11.12 -0.62 5.83
C ASP A 36 10.45 -1.99 5.84
N VAL A 37 9.13 -2.00 5.63
CA VAL A 37 8.38 -3.25 5.61
C VAL A 37 8.49 -3.95 4.26
N LYS A 38 8.08 -5.21 4.22
CA LYS A 38 8.14 -5.99 2.99
C LYS A 38 6.89 -5.77 2.13
N TRP A 39 6.86 -6.41 0.98
CA TRP A 39 5.71 -6.28 0.06
C TRP A 39 4.41 -6.66 0.78
N LEU A 40 3.29 -6.23 0.21
CA LEU A 40 1.99 -6.53 0.79
C LEU A 40 1.88 -7.99 1.18
N ASP A 41 2.54 -8.86 0.43
CA ASP A 41 2.53 -10.29 0.71
C ASP A 41 3.93 -10.78 1.10
N GLY A 42 4.00 -11.51 2.22
CA GLY A 42 5.27 -12.02 2.68
C GLY A 42 5.83 -11.21 3.84
N LEU A 43 4.94 -10.73 4.70
CA LEU A 43 5.36 -9.95 5.86
C LEU A 43 5.10 -10.70 7.16
N ARG A 44 4.77 -11.98 7.04
CA ARG A 44 4.50 -12.81 8.20
C ARG A 44 5.78 -13.05 9.01
N ALA A 45 6.92 -12.78 8.39
CA ALA A 45 8.21 -12.95 9.04
C ALA A 45 8.52 -11.79 9.98
N GLY A 46 8.24 -10.58 9.51
CA GLY A 46 8.49 -9.40 10.32
C GLY A 46 7.30 -9.02 11.18
N SER A 47 6.19 -8.68 10.54
CA SER A 47 4.98 -8.29 11.25
C SER A 47 5.23 -7.06 12.11
N MET A 48 6.00 -6.13 11.59
CA MET A 48 6.33 -4.90 12.31
C MET A 48 5.13 -3.94 12.30
N ALA A 49 4.32 -4.02 11.25
CA ALA A 49 3.15 -3.16 11.13
C ALA A 49 2.08 -3.82 10.26
N LEU A 50 0.88 -3.92 10.80
CA LEU A 50 -0.24 -4.54 10.09
C LEU A 50 -0.85 -3.55 9.08
N GLN A 51 -0.80 -2.27 9.43
CA GLN A 51 -1.34 -1.23 8.55
C GLN A 51 -0.23 -0.55 7.77
N GLY A 52 1.00 -0.65 8.27
CA GLY A 52 2.13 -0.04 7.60
C GLY A 52 2.08 -0.21 6.09
N ASP A 53 1.46 -1.29 5.64
CA ASP A 53 1.34 -1.56 4.22
C ASP A 53 0.65 -0.41 3.49
N VAL A 54 -0.57 -0.10 3.92
CA VAL A 54 -1.34 0.99 3.32
C VAL A 54 -0.94 2.34 3.91
N LYS A 55 -0.75 2.36 5.23
CA LYS A 55 -0.36 3.58 5.93
C LYS A 55 0.69 4.35 5.14
N VAL A 56 1.49 3.63 4.38
CA VAL A 56 2.55 4.24 3.57
C VAL A 56 2.04 4.61 2.18
N TRP A 57 1.03 3.88 1.72
CA TRP A 57 0.45 4.13 0.41
C TRP A 57 0.23 5.62 0.18
N MET A 58 0.14 6.37 1.27
CA MET A 58 -0.07 7.81 1.20
C MET A 58 1.24 8.54 0.92
N GLN A 59 2.21 8.37 1.82
CA GLN A 59 3.51 9.01 1.67
C GLN A 59 4.09 8.75 0.28
N ASN A 60 3.79 7.57 -0.28
CA ASN A 60 4.28 7.20 -1.59
C ASN A 60 3.80 8.19 -2.64
N LEU A 61 2.52 8.54 -2.59
CA LEU A 61 1.94 9.47 -3.55
C LEU A 61 2.21 10.91 -3.13
N GLU A 62 2.52 11.12 -1.85
CA GLU A 62 2.82 12.45 -1.33
C GLU A 62 4.10 13.00 -1.95
N ASP A 63 5.15 12.19 -1.94
CA ASP A 63 6.44 12.60 -2.50
C ASP A 63 6.46 12.41 -4.02
N LEU A 64 5.65 11.46 -4.50
CA LEU A 64 5.58 11.17 -5.92
C LEU A 64 4.66 12.16 -6.64
N HIS A 65 3.41 12.23 -6.17
CA HIS A 65 2.43 13.14 -6.77
C HIS A 65 3.03 14.53 -6.97
N THR A 66 3.64 15.07 -5.91
CA THR A 66 4.25 16.39 -5.97
C THR A 66 5.02 16.58 -7.27
N ARG A 67 5.48 15.47 -7.86
CA ARG A 67 6.22 15.52 -9.10
C ARG A 67 5.34 15.13 -10.28
N ARG A 68 4.95 13.85 -10.34
CA ARG A 68 4.11 13.36 -11.41
C ARG A 68 3.01 12.46 -10.87
N PRO A 69 1.75 12.77 -11.23
CA PRO A 69 0.59 11.99 -10.79
C PRO A 69 0.54 10.60 -11.42
N ASP A 70 0.63 10.57 -12.75
CA ASP A 70 0.59 9.30 -13.48
C ASP A 70 1.52 8.28 -12.85
N GLU A 71 2.60 8.77 -12.24
CA GLU A 71 3.57 7.90 -11.59
C GLU A 71 3.20 7.66 -10.12
N PHE A 72 2.52 8.63 -9.52
CA PHE A 72 2.11 8.53 -8.13
C PHE A 72 1.55 7.15 -7.83
N THR A 73 0.69 6.65 -8.72
CA THR A 73 0.07 5.34 -8.55
C THR A 73 1.12 4.24 -8.63
N ALA A 74 2.10 4.41 -9.52
CA ALA A 74 3.16 3.43 -9.69
C ALA A 74 3.97 3.27 -8.41
N ARG A 75 4.01 4.33 -7.60
CA ARG A 75 4.76 4.32 -6.36
C ARG A 75 4.17 3.30 -5.38
N LEU A 76 2.94 3.54 -4.96
CA LEU A 76 2.26 2.64 -4.02
C LEU A 76 1.84 1.35 -4.72
N GLN A 77 1.42 1.47 -5.98
CA GLN A 77 0.99 0.32 -6.75
C GLN A 77 1.97 -0.85 -6.59
N GLN A 78 3.25 -0.52 -6.49
CA GLN A 78 4.28 -1.54 -6.33
C GLN A 78 4.00 -2.41 -5.11
N SER A 79 3.51 -1.80 -4.05
CA SER A 79 3.20 -2.51 -2.81
C SER A 79 1.87 -3.25 -2.93
N THR A 80 0.80 -2.48 -3.15
CA THR A 80 -0.53 -3.05 -3.27
C THR A 80 -0.54 -4.22 -4.24
N ASP A 81 0.45 -4.26 -5.14
CA ASP A 81 0.56 -5.33 -6.12
C ASP A 81 0.31 -6.69 -5.47
N ALA A 82 1.17 -7.04 -4.51
CA ALA A 82 1.06 -8.31 -3.82
C ALA A 82 -0.37 -8.56 -3.35
N LEU A 83 -1.05 -7.48 -2.93
CA LEU A 83 -2.42 -7.59 -2.46
C LEU A 83 -3.36 -7.98 -3.59
N TYR A 84 -3.01 -7.56 -4.81
CA TYR A 84 -3.83 -7.86 -5.98
C TYR A 84 -3.78 -9.36 -6.30
N SER A 85 -2.57 -9.91 -6.30
CA SER A 85 -2.38 -11.34 -6.60
C SER A 85 -2.89 -12.20 -5.45
N HIS A 86 -2.66 -11.73 -4.23
CA HIS A 86 -3.09 -12.47 -3.04
C HIS A 86 -4.59 -12.75 -3.09
N LEU A 87 -5.36 -11.75 -3.51
CA LEU A 87 -6.81 -11.89 -3.61
C LEU A 87 -7.19 -12.70 -4.84
N GLU A 88 -6.80 -12.21 -6.02
CA GLU A 88 -7.11 -12.88 -7.27
C GLU A 88 -6.69 -14.35 -7.21
N ALA A 89 -5.60 -14.62 -6.51
CA ALA A 89 -5.10 -15.99 -6.37
C ALA A 89 -5.82 -16.73 -5.26
N GLN A 90 -5.73 -16.20 -4.04
CA GLN A 90 -6.38 -16.81 -2.88
C GLN A 90 -7.90 -16.77 -3.03
N TRP A 91 -8.43 -15.56 -3.17
CA TRP A 91 -9.88 -15.38 -3.31
C TRP A 91 -10.42 -16.22 -4.45
N ALA A 92 -9.56 -16.55 -5.41
CA ALA A 92 -9.95 -17.35 -6.56
C ALA A 92 -10.27 -18.78 -6.14
N LYS A 93 -9.64 -19.23 -5.06
CA LYS A 93 -9.86 -20.59 -4.56
C LYS A 93 -11.35 -20.90 -4.46
N GLN A 94 -12.13 -19.89 -4.11
CA GLN A 94 -13.58 -20.05 -3.98
C GLN A 94 -14.16 -20.72 -5.23
N HIS A 95 -14.05 -20.03 -6.35
CA HIS A 95 -14.56 -20.56 -7.62
C HIS A 95 -13.57 -20.32 -8.75
N GLY A 96 -13.17 -19.07 -8.93
CA GLY A 96 -12.23 -18.73 -9.98
C GLY A 96 -12.90 -18.10 -11.19
N THR A 97 -14.16 -17.71 -11.02
CA THR A 97 -14.92 -17.09 -12.10
C THR A 97 -14.91 -15.57 -11.98
N PRO A 98 -15.43 -15.07 -10.85
CA PRO A 98 -15.49 -13.63 -10.57
C PRO A 98 -14.11 -13.02 -10.33
N PRO A 99 -13.18 -13.85 -9.84
CA PRO A 99 -11.81 -13.42 -9.56
C PRO A 99 -11.02 -13.11 -10.83
N THR A 100 -10.59 -11.87 -10.97
CA THR A 100 -9.83 -11.45 -12.15
C THR A 100 -9.22 -10.07 -11.94
N ALA A 101 -8.33 -9.67 -12.85
CA ALA A 101 -7.70 -8.37 -12.77
C ALA A 101 -8.72 -7.26 -12.60
N SER A 102 -9.92 -7.49 -13.13
CA SER A 102 -11.00 -6.49 -13.03
C SER A 102 -11.63 -6.53 -11.65
N ASP A 103 -12.18 -7.67 -11.28
CA ASP A 103 -12.82 -7.83 -9.98
C ASP A 103 -11.89 -7.39 -8.85
N VAL A 104 -10.68 -7.95 -8.84
CA VAL A 104 -9.69 -7.61 -7.82
C VAL A 104 -9.62 -6.10 -7.60
N VAL A 105 -10.02 -5.34 -8.61
CA VAL A 105 -10.01 -3.88 -8.54
C VAL A 105 -10.75 -3.40 -7.30
N GLY A 106 -12.06 -3.61 -7.28
CA GLY A 106 -12.87 -3.19 -6.15
C GLY A 106 -13.42 -4.36 -5.35
N MET A 107 -13.01 -5.57 -5.72
CA MET A 107 -13.45 -6.77 -5.05
C MET A 107 -12.95 -6.80 -3.60
N PRO A 108 -11.64 -6.61 -3.44
CA PRO A 108 -10.99 -6.61 -2.12
C PRO A 108 -11.38 -5.39 -1.29
N GLN A 109 -10.86 -5.33 -0.06
CA GLN A 109 -11.15 -4.21 0.83
C GLN A 109 -10.24 -3.03 0.53
N TRP A 110 -9.00 -3.32 0.17
CA TRP A 110 -8.03 -2.28 -0.14
C TRP A 110 -8.67 -1.18 -0.97
N GLN A 111 -9.57 -1.56 -1.88
CA GLN A 111 -10.25 -0.60 -2.74
C GLN A 111 -11.06 0.38 -1.91
N GLU A 112 -11.80 -0.14 -0.92
CA GLU A 112 -12.62 0.70 -0.06
C GLU A 112 -11.77 1.38 1.02
N TYR A 113 -11.02 0.56 1.75
CA TYR A 113 -10.18 1.08 2.83
C TYR A 113 -9.35 2.27 2.34
N THR A 114 -8.55 2.05 1.31
CA THR A 114 -7.71 3.11 0.75
C THR A 114 -8.49 4.40 0.60
N ALA A 115 -9.80 4.28 0.50
CA ALA A 115 -10.67 5.45 0.34
C ALA A 115 -10.97 6.09 1.70
N MET A 116 -11.28 5.26 2.69
CA MET A 116 -11.59 5.74 4.03
C MET A 116 -10.43 6.56 4.58
N LEU A 117 -9.24 6.32 4.06
CA LEU A 117 -8.04 7.04 4.51
C LEU A 117 -8.12 8.51 4.11
N ARG A 118 -8.26 8.77 2.82
CA ARG A 118 -8.34 10.14 2.31
C ARG A 118 -9.71 10.75 2.62
N GLU A 119 -10.73 9.89 2.68
CA GLU A 119 -12.08 10.36 2.97
C GLU A 119 -12.24 10.68 4.45
N ARG A 120 -11.93 9.71 5.30
CA ARG A 120 -12.03 9.90 6.74
C ARG A 120 -10.76 10.51 7.32
N PHE A 121 -9.62 9.93 6.97
CA PHE A 121 -8.33 10.42 7.45
C PHE A 121 -8.37 10.66 8.95
N ALA A 122 -9.17 9.87 9.65
CA ALA A 122 -9.29 9.99 11.10
C ALA A 122 -8.42 8.97 11.82
N GLY A 123 -8.28 7.79 11.23
CA GLY A 123 -7.48 6.75 11.82
C GLY A 123 -6.00 6.92 11.54
N LEU A 124 -5.68 7.37 10.33
CA LEU A 124 -4.29 7.57 9.93
C LEU A 124 -3.72 8.83 10.58
N ASP A 125 -4.50 9.45 11.46
CA ASP A 125 -4.07 10.66 12.16
C ASP A 125 -2.57 10.61 12.44
N THR A 126 -2.08 9.43 12.79
CA THR A 126 -0.66 9.25 13.09
C THR A 126 0.21 9.81 11.97
N ILE A 127 -0.10 9.44 10.74
CA ILE A 127 0.66 9.91 9.58
C ILE A 127 -0.05 11.07 8.89
N LYS A 22 5.97 25.55 8.60
CA LYS A 22 7.24 25.26 9.24
C LYS A 22 7.66 23.81 9.01
N GLN A 23 8.90 23.62 8.57
CA GLN A 23 9.42 22.29 8.31
C GLN A 23 10.45 21.89 9.37
N GLN A 24 10.06 20.97 10.25
CA GLN A 24 10.94 20.50 11.30
C GLN A 24 11.90 19.44 10.78
N LEU A 25 11.35 18.34 10.29
CA LEU A 25 12.16 17.25 9.75
C LEU A 25 13.16 16.75 10.79
N GLN A 26 12.71 16.64 12.04
CA GLN A 26 13.57 16.18 13.12
C GLN A 26 13.06 14.87 13.69
N GLU A 27 11.79 14.57 13.44
CA GLU A 27 11.18 13.33 13.93
C GLU A 27 11.48 12.17 13.00
N HIS A 28 12.32 12.42 12.00
CA HIS A 28 12.69 11.39 11.03
C HIS A 28 13.66 10.39 11.66
N ALA A 29 13.39 9.11 11.43
CA ALA A 29 14.24 8.05 11.97
C ALA A 29 14.82 7.17 10.85
N PRO A 30 16.15 7.08 10.79
CA PRO A 30 16.84 6.28 9.78
C PRO A 30 16.65 4.78 9.99
N SER A 31 16.53 4.39 11.25
CA SER A 31 16.33 2.98 11.59
C SER A 31 15.29 2.33 10.68
N HIS A 32 14.07 2.87 10.73
CA HIS A 32 12.99 2.33 9.91
C HIS A 32 12.39 3.43 9.04
N ALA A 33 12.19 3.12 7.76
CA ALA A 33 11.62 4.07 6.81
C ALA A 33 10.59 3.40 5.92
N ASN A 34 9.80 4.22 5.21
CA ASN A 34 8.77 3.71 4.32
C ASN A 34 9.40 3.02 3.11
N LEU A 35 10.42 3.63 2.54
CA LEU A 35 11.11 3.08 1.38
C LEU A 35 11.60 1.67 1.67
N ASP A 36 11.98 1.42 2.92
CA ASP A 36 12.46 0.10 3.32
C ASP A 36 11.58 -1.00 2.74
N VAL A 37 10.27 -0.89 2.96
CA VAL A 37 9.33 -1.88 2.45
C VAL A 37 9.37 -1.96 0.93
N LYS A 38 10.02 -3.00 0.43
CA LYS A 38 10.14 -3.20 -1.02
C LYS A 38 8.76 -3.34 -1.66
N TRP A 39 7.98 -4.31 -1.19
CA TRP A 39 6.64 -4.54 -1.72
C TRP A 39 5.60 -4.45 -0.61
N LEU A 40 4.32 -4.41 -1.01
CA LEU A 40 3.23 -4.33 -0.06
C LEU A 40 3.38 -5.38 1.04
N ASP A 41 3.70 -6.60 0.63
CA ASP A 41 3.87 -7.70 1.58
C ASP A 41 4.94 -8.68 1.09
N GLY A 42 5.78 -9.14 2.01
CA GLY A 42 6.82 -10.08 1.65
C GLY A 42 8.21 -9.54 1.93
N LEU A 43 8.60 -9.55 3.20
CA LEU A 43 9.92 -9.06 3.60
C LEU A 43 10.54 -9.95 4.66
N ARG A 44 11.77 -10.36 4.43
CA ARG A 44 12.49 -11.22 5.37
C ARG A 44 12.58 -10.57 6.75
N ALA A 45 13.25 -9.42 6.80
CA ALA A 45 13.41 -8.70 8.05
C ALA A 45 12.12 -8.68 8.85
N GLY A 46 11.00 -8.48 8.15
CA GLY A 46 9.71 -8.45 8.82
C GLY A 46 9.11 -7.05 8.84
N SER A 47 7.82 -6.95 8.50
CA SER A 47 7.14 -5.67 8.48
C SER A 47 6.50 -5.37 9.83
N MET A 48 5.84 -6.37 10.40
CA MET A 48 5.19 -6.21 11.70
C MET A 48 4.27 -4.99 11.70
N ALA A 49 3.48 -4.85 10.63
CA ALA A 49 2.55 -3.75 10.51
C ALA A 49 1.26 -4.18 9.82
N LEU A 50 0.15 -4.09 10.55
CA LEU A 50 -1.15 -4.47 10.02
C LEU A 50 -1.66 -3.43 9.03
N GLN A 51 -1.39 -2.15 9.32
CA GLN A 51 -1.82 -1.07 8.45
C GLN A 51 -0.63 -0.39 7.80
N GLY A 52 0.54 -0.52 8.43
CA GLY A 52 1.74 0.09 7.89
C GLY A 52 1.86 -0.09 6.39
N ASP A 53 1.17 -1.09 5.86
CA ASP A 53 1.20 -1.38 4.43
C ASP A 53 0.58 -0.23 3.63
N VAL A 54 -0.69 0.06 3.93
CA VAL A 54 -1.39 1.14 3.24
C VAL A 54 -1.09 2.49 3.88
N LYS A 55 -0.93 2.50 5.20
CA LYS A 55 -0.63 3.72 5.93
C LYS A 55 0.49 4.51 5.24
N VAL A 56 1.41 3.79 4.61
CA VAL A 56 2.53 4.42 3.92
C VAL A 56 2.18 4.70 2.46
N TRP A 57 1.36 3.83 1.88
CA TRP A 57 0.95 3.98 0.48
C TRP A 57 0.62 5.44 0.17
N MET A 58 0.15 6.16 1.17
CA MET A 58 -0.20 7.57 1.00
C MET A 58 1.05 8.42 0.88
N GLN A 59 2.02 8.20 1.77
CA GLN A 59 3.26 8.96 1.76
C GLN A 59 4.06 8.67 0.50
N ASN A 60 3.82 7.50 -0.09
CA ASN A 60 4.53 7.11 -1.31
C ASN A 60 4.12 7.98 -2.48
N LEU A 61 2.82 8.27 -2.59
CA LEU A 61 2.30 9.09 -3.66
C LEU A 61 2.44 10.58 -3.33
N GLU A 62 2.14 10.93 -2.08
CA GLU A 62 2.24 12.31 -1.63
C GLU A 62 3.54 12.94 -2.10
N ASP A 63 4.59 12.12 -2.19
CA ASP A 63 5.90 12.60 -2.62
C ASP A 63 5.98 12.66 -4.14
N LEU A 64 5.82 11.51 -4.79
CA LEU A 64 5.88 11.43 -6.24
C LEU A 64 4.72 12.18 -6.87
N HIS A 65 3.49 11.81 -6.49
CA HIS A 65 2.30 12.45 -7.01
C HIS A 65 2.48 13.96 -7.09
N THR A 66 3.12 14.53 -6.07
CA THR A 66 3.36 15.97 -6.02
C THR A 66 3.99 16.47 -7.32
N ARG A 67 4.94 15.70 -7.86
CA ARG A 67 5.61 16.06 -9.09
C ARG A 67 4.87 15.48 -10.30
N ARG A 68 4.87 14.16 -10.40
CA ARG A 68 4.20 13.48 -11.51
C ARG A 68 3.15 12.50 -10.99
N PRO A 69 1.88 12.78 -11.30
CA PRO A 69 0.76 11.93 -10.88
C PRO A 69 0.73 10.60 -11.60
N ASP A 70 0.77 10.65 -12.93
CA ASP A 70 0.76 9.44 -13.75
C ASP A 70 1.80 8.44 -13.25
N GLU A 71 2.89 8.96 -12.68
CA GLU A 71 3.95 8.11 -12.16
C GLU A 71 3.72 7.76 -10.69
N PHE A 72 2.93 8.59 -10.02
CA PHE A 72 2.62 8.37 -8.61
C PHE A 72 2.27 6.91 -8.35
N THR A 73 1.37 6.37 -9.17
CA THR A 73 0.96 4.98 -9.02
C THR A 73 2.13 4.02 -9.24
N ALA A 74 3.14 4.48 -9.97
CA ALA A 74 4.31 3.67 -10.24
C ALA A 74 5.02 3.27 -8.95
N ARG A 75 4.73 4.01 -7.87
CA ARG A 75 5.34 3.73 -6.57
C ARG A 75 4.71 2.50 -5.94
N LEU A 76 3.44 2.59 -5.59
CA LEU A 76 2.73 1.47 -4.97
C LEU A 76 2.30 0.45 -6.01
N GLN A 77 2.30 0.86 -7.27
CA GLN A 77 1.91 -0.02 -8.37
C GLN A 77 2.55 -1.40 -8.20
N GLN A 78 3.82 -1.42 -7.80
CA GLN A 78 4.54 -2.66 -7.61
C GLN A 78 4.23 -3.27 -6.25
N SER A 79 3.73 -2.44 -5.33
CA SER A 79 3.39 -2.89 -3.98
C SER A 79 2.03 -3.59 -3.98
N THR A 80 0.99 -2.84 -4.33
CA THR A 80 -0.36 -3.38 -4.36
C THR A 80 -0.39 -4.76 -5.00
N ASP A 81 0.61 -5.05 -5.82
CA ASP A 81 0.70 -6.34 -6.48
C ASP A 81 0.53 -7.47 -5.49
N ALA A 82 1.09 -7.30 -4.30
CA ALA A 82 0.99 -8.33 -3.26
C ALA A 82 -0.46 -8.67 -2.96
N LEU A 83 -1.23 -7.67 -2.58
CA LEU A 83 -2.64 -7.86 -2.25
C LEU A 83 -3.43 -8.26 -3.49
N TYR A 84 -3.13 -7.62 -4.61
CA TYR A 84 -3.81 -7.91 -5.87
C TYR A 84 -3.73 -9.40 -6.20
N SER A 85 -2.51 -9.90 -6.36
CA SER A 85 -2.28 -11.31 -6.67
C SER A 85 -2.70 -12.20 -5.50
N HIS A 86 -2.61 -11.65 -4.30
CA HIS A 86 -2.97 -12.40 -3.09
C HIS A 86 -4.45 -12.80 -3.14
N LEU A 87 -5.32 -11.82 -3.30
CA LEU A 87 -6.76 -12.07 -3.35
C LEU A 87 -7.15 -12.71 -4.68
N GLU A 88 -6.70 -12.12 -5.77
CA GLU A 88 -7.00 -12.64 -7.10
C GLU A 88 -6.59 -14.09 -7.22
N ALA A 89 -5.44 -14.43 -6.66
CA ALA A 89 -4.93 -15.80 -6.70
C ALA A 89 -5.54 -16.65 -5.59
N GLN A 90 -5.32 -16.23 -4.35
CA GLN A 90 -5.85 -16.95 -3.19
C GLN A 90 -7.36 -17.11 -3.29
N TRP A 91 -8.05 -15.98 -3.42
CA TRP A 91 -9.51 -15.98 -3.51
C TRP A 91 -9.96 -16.78 -4.73
N ALA A 92 -9.08 -16.90 -5.72
CA ALA A 92 -9.39 -17.64 -6.94
C ALA A 92 -10.09 -18.96 -6.62
N LYS A 93 -9.74 -19.55 -5.48
CA LYS A 93 -10.33 -20.81 -5.06
C LYS A 93 -11.85 -20.69 -4.95
N GLN A 94 -12.31 -19.56 -4.42
CA GLN A 94 -13.73 -19.32 -4.24
C GLN A 94 -14.49 -19.63 -5.53
N HIS A 95 -14.15 -18.93 -6.60
CA HIS A 95 -14.81 -19.13 -7.89
C HIS A 95 -13.77 -19.21 -9.01
N GLY A 96 -12.90 -18.21 -9.08
CA GLY A 96 -11.88 -18.18 -10.11
C GLY A 96 -12.28 -17.36 -11.32
N THR A 97 -13.59 -17.15 -11.46
CA THR A 97 -14.11 -16.37 -12.58
C THR A 97 -14.13 -14.88 -12.26
N PRO A 98 -14.76 -14.52 -11.14
CA PRO A 98 -14.86 -13.13 -10.69
C PRO A 98 -13.52 -12.57 -10.23
N PRO A 99 -12.63 -13.46 -9.76
CA PRO A 99 -11.30 -13.08 -9.28
C PRO A 99 -10.39 -12.63 -10.42
N THR A 100 -10.29 -11.31 -10.62
CA THR A 100 -9.46 -10.75 -11.66
C THR A 100 -9.24 -9.26 -11.47
N ALA A 101 -8.14 -8.75 -11.98
CA ALA A 101 -7.82 -7.33 -11.86
C ALA A 101 -9.06 -6.47 -12.05
N SER A 102 -10.05 -7.02 -12.74
CA SER A 102 -11.30 -6.30 -13.00
C SER A 102 -12.13 -6.16 -11.72
N ASP A 103 -12.29 -7.26 -11.00
CA ASP A 103 -13.05 -7.26 -9.76
C ASP A 103 -12.15 -6.92 -8.57
N VAL A 104 -10.96 -7.49 -8.55
CA VAL A 104 -10.00 -7.24 -7.48
C VAL A 104 -9.92 -5.75 -7.15
N VAL A 105 -10.29 -4.93 -8.11
CA VAL A 105 -10.26 -3.47 -7.93
C VAL A 105 -11.01 -3.07 -6.67
N GLY A 106 -12.09 -3.81 -6.37
CA GLY A 106 -12.88 -3.50 -5.19
C GLY A 106 -13.35 -4.75 -4.48
N MET A 107 -12.95 -5.91 -4.98
CA MET A 107 -13.34 -7.18 -4.39
C MET A 107 -12.75 -7.32 -2.98
N PRO A 108 -11.44 -7.06 -2.87
CA PRO A 108 -10.73 -7.15 -1.59
C PRO A 108 -11.15 -6.05 -0.61
N GLN A 109 -10.55 -6.06 0.58
CA GLN A 109 -10.86 -5.06 1.60
C GLN A 109 -10.06 -3.77 1.37
N TRP A 110 -8.85 -3.92 0.87
CA TRP A 110 -7.99 -2.77 0.61
C TRP A 110 -8.78 -1.63 -0.04
N GLN A 111 -9.71 -1.99 -0.92
CA GLN A 111 -10.53 -1.01 -1.60
C GLN A 111 -11.39 -0.23 -0.61
N GLU A 112 -12.06 -0.95 0.29
CA GLU A 112 -12.91 -0.32 1.29
C GLU A 112 -12.06 0.41 2.33
N TYR A 113 -10.99 -0.23 2.77
CA TYR A 113 -10.10 0.36 3.77
C TYR A 113 -9.48 1.65 3.25
N THR A 114 -8.78 1.55 2.12
CA THR A 114 -8.13 2.71 1.52
C THR A 114 -9.07 3.91 1.48
N ALA A 115 -10.38 3.64 1.53
CA ALA A 115 -11.38 4.70 1.51
C ALA A 115 -11.52 5.34 2.88
N MET A 116 -11.51 4.51 3.93
CA MET A 116 -11.64 5.00 5.29
C MET A 116 -10.52 5.98 5.63
N LEU A 117 -9.40 5.86 4.91
CA LEU A 117 -8.26 6.73 5.14
C LEU A 117 -8.51 8.14 4.58
N ARG A 118 -8.84 8.20 3.29
CA ARG A 118 -9.11 9.48 2.63
C ARG A 118 -10.48 10.00 3.04
N GLU A 119 -11.35 9.11 3.49
CA GLU A 119 -12.70 9.49 3.91
C GLU A 119 -12.71 9.97 5.35
N ARG A 120 -12.14 9.16 6.24
CA ARG A 120 -12.09 9.49 7.66
C ARG A 120 -10.80 10.24 7.99
N PHE A 121 -9.68 9.75 7.47
CA PHE A 121 -8.38 10.36 7.71
C PHE A 121 -8.19 10.67 9.19
N ALA A 122 -8.78 9.83 10.05
CA ALA A 122 -8.68 10.01 11.49
C ALA A 122 -7.73 8.99 12.11
N GLY A 123 -6.52 9.43 12.42
CA GLY A 123 -5.54 8.54 13.01
C GLY A 123 -4.18 8.66 12.35
N LEU A 124 -4.12 8.36 11.06
CA LEU A 124 -2.87 8.43 10.30
C LEU A 124 -2.22 9.80 10.46
N ASP A 125 -1.19 9.87 11.30
CA ASP A 125 -0.48 11.12 11.54
C ASP A 125 0.93 10.84 12.06
N THR A 126 1.70 11.92 12.23
CA THR A 126 3.06 11.80 12.72
C THR A 126 3.72 10.52 12.21
N ILE A 127 3.34 10.10 11.02
CA ILE A 127 3.89 8.89 10.41
C ILE A 127 5.32 9.12 9.94
N LYS A 22 36.96 -8.20 13.20
CA LYS A 22 38.13 -7.36 13.02
C LYS A 22 38.18 -6.78 11.61
N GLN A 23 37.92 -7.62 10.62
CA GLN A 23 37.94 -7.19 9.23
C GLN A 23 36.58 -6.59 8.84
N GLN A 24 35.52 -7.32 9.12
CA GLN A 24 34.17 -6.86 8.80
C GLN A 24 33.31 -6.77 10.06
N LEU A 25 32.30 -5.91 10.01
CA LEU A 25 31.40 -5.72 11.14
C LEU A 25 30.04 -5.20 10.68
N GLN A 26 29.01 -5.48 11.47
CA GLN A 26 27.66 -5.05 11.14
C GLN A 26 27.58 -3.52 11.05
N GLU A 27 27.44 -3.00 9.85
CA GLU A 27 27.36 -1.56 9.63
C GLU A 27 25.94 -1.06 9.86
N HIS A 28 24.99 -1.67 9.16
CA HIS A 28 23.58 -1.29 9.28
C HIS A 28 23.06 -1.55 10.70
N ALA A 29 21.86 -1.06 10.99
CA ALA A 29 21.26 -1.24 12.30
C ALA A 29 19.74 -1.30 12.20
N PRO A 30 19.10 -1.90 13.21
CA PRO A 30 17.64 -2.02 13.25
C PRO A 30 16.94 -0.69 13.48
N SER A 31 16.32 -0.17 12.43
CA SER A 31 15.62 1.10 12.51
C SER A 31 14.52 1.19 11.46
N HIS A 32 13.38 1.78 11.83
CA HIS A 32 12.26 1.93 10.93
C HIS A 32 12.61 2.86 9.76
N ALA A 33 12.25 2.46 8.55
CA ALA A 33 12.53 3.25 7.37
C ALA A 33 11.60 2.88 6.22
N ASN A 34 11.71 3.60 5.12
CA ASN A 34 10.88 3.35 3.94
C ASN A 34 11.12 1.93 3.42
N LEU A 35 12.36 1.63 3.10
CA LEU A 35 12.73 0.32 2.57
C LEU A 35 12.14 -0.79 3.45
N ASP A 36 12.08 -0.55 4.74
CA ASP A 36 11.53 -1.52 5.69
C ASP A 36 10.37 -2.28 5.05
N VAL A 37 9.33 -1.56 4.66
CA VAL A 37 8.16 -2.17 4.05
C VAL A 37 8.54 -2.99 2.83
N LYS A 38 7.99 -4.19 2.74
CA LYS A 38 8.27 -5.09 1.62
C LYS A 38 7.26 -4.88 0.49
N TRP A 39 6.01 -5.27 0.74
CA TRP A 39 4.96 -5.12 -0.26
C TRP A 39 3.61 -4.90 0.42
N LEU A 40 2.57 -4.70 -0.39
CA LEU A 40 1.22 -4.48 0.12
C LEU A 40 0.87 -5.53 1.17
N ASP A 41 1.41 -6.73 1.01
CA ASP A 41 1.16 -7.82 1.94
C ASP A 41 2.44 -8.56 2.29
N GLY A 42 2.47 -9.17 3.47
CA GLY A 42 3.65 -9.90 3.90
C GLY A 42 4.08 -9.52 5.31
N LEU A 43 3.65 -8.34 5.76
CA LEU A 43 4.00 -7.86 7.09
C LEU A 43 2.93 -8.26 8.10
N ARG A 44 3.21 -9.26 8.92
CA ARG A 44 2.27 -9.73 9.93
C ARG A 44 2.07 -8.66 11.01
N ALA A 45 3.15 -8.35 11.72
CA ALA A 45 3.10 -7.35 12.78
C ALA A 45 2.79 -5.97 12.22
N GLY A 46 3.42 -5.63 11.11
CA GLY A 46 3.20 -4.33 10.49
C GLY A 46 4.21 -3.30 10.94
N SER A 47 3.95 -2.03 10.62
CA SER A 47 4.84 -0.95 10.99
C SER A 47 4.39 -0.29 12.30
N MET A 48 3.09 -0.10 12.43
CA MET A 48 2.53 0.52 13.63
C MET A 48 1.07 0.11 13.82
N ALA A 49 0.47 0.55 14.93
CA ALA A 49 -0.92 0.23 15.23
C ALA A 49 -1.76 0.25 13.97
N LEU A 50 -1.78 1.38 13.27
CA LEU A 50 -2.55 1.53 12.05
C LEU A 50 -2.16 0.46 11.03
N GLN A 51 -2.90 0.41 9.93
CA GLN A 51 -2.62 -0.56 8.87
C GLN A 51 -1.40 -0.15 8.07
N GLY A 52 -0.28 -0.84 8.32
CA GLY A 52 0.95 -0.54 7.61
C GLY A 52 0.85 -0.82 6.13
N ASP A 53 -0.13 -1.63 5.75
CA ASP A 53 -0.33 -1.98 4.35
C ASP A 53 -0.85 -0.79 3.55
N VAL A 54 -1.99 -0.25 3.97
CA VAL A 54 -2.60 0.89 3.31
C VAL A 54 -1.97 2.20 3.79
N LYS A 55 -1.37 2.16 4.97
CA LYS A 55 -0.73 3.35 5.54
C LYS A 55 0.41 3.83 4.65
N VAL A 56 1.13 2.88 4.04
CA VAL A 56 2.23 3.21 3.16
C VAL A 56 1.74 3.67 1.80
N TRP A 57 0.52 3.28 1.46
CA TRP A 57 -0.07 3.65 0.18
C TRP A 57 -0.01 5.16 -0.03
N MET A 58 -0.25 5.91 1.04
CA MET A 58 -0.23 7.37 0.97
C MET A 58 1.20 7.90 1.13
N GLN A 59 1.99 7.20 1.92
CA GLN A 59 3.38 7.59 2.15
C GLN A 59 4.22 7.41 0.89
N ASN A 60 3.80 6.48 0.04
CA ASN A 60 4.51 6.20 -1.20
C ASN A 60 4.28 7.30 -2.23
N LEU A 61 3.10 7.92 -2.15
CA LEU A 61 2.75 9.00 -3.07
C LEU A 61 3.37 10.32 -2.63
N GLU A 62 3.19 10.65 -1.36
CA GLU A 62 3.73 11.89 -0.81
C GLU A 62 5.17 12.09 -1.25
N ASP A 63 5.86 10.99 -1.50
CA ASP A 63 7.26 11.04 -1.94
C ASP A 63 7.36 11.29 -3.43
N LEU A 64 6.53 10.58 -4.20
CA LEU A 64 6.53 10.71 -5.66
C LEU A 64 5.65 11.88 -6.09
N HIS A 65 4.37 11.84 -5.70
CA HIS A 65 3.44 12.90 -6.04
C HIS A 65 4.10 14.28 -5.92
N THR A 66 4.70 14.53 -4.76
CA THR A 66 5.37 15.81 -4.53
C THR A 66 6.18 16.24 -5.74
N ARG A 67 6.81 15.28 -6.41
CA ARG A 67 7.61 15.56 -7.59
C ARG A 67 6.78 15.44 -8.86
N ARG A 68 6.15 14.29 -9.04
CA ARG A 68 5.32 14.05 -10.22
C ARG A 68 4.06 13.26 -9.84
N PRO A 69 2.89 13.84 -10.17
CA PRO A 69 1.60 13.23 -9.87
C PRO A 69 1.34 11.99 -10.73
N ASP A 70 1.50 12.14 -12.04
CA ASP A 70 1.28 11.04 -12.97
C ASP A 70 1.99 9.78 -12.48
N GLU A 71 3.10 9.96 -11.78
CA GLU A 71 3.89 8.84 -11.26
C GLU A 71 3.42 8.46 -9.86
N PHE A 72 2.79 9.40 -9.17
CA PHE A 72 2.29 9.16 -7.82
C PHE A 72 1.57 7.81 -7.74
N THR A 73 0.80 7.50 -8.77
CA THR A 73 0.06 6.25 -8.81
C THR A 73 0.97 5.08 -9.20
N ALA A 74 2.08 5.40 -9.85
CA ALA A 74 3.03 4.37 -10.27
C ALA A 74 3.78 3.79 -9.07
N ARG A 75 3.77 4.53 -7.97
CA ARG A 75 4.46 4.09 -6.75
C ARG A 75 3.74 2.89 -6.13
N LEU A 76 2.52 3.11 -5.67
CA LEU A 76 1.73 2.05 -5.07
C LEU A 76 1.19 1.09 -6.12
N GLN A 77 1.16 1.55 -7.37
CA GLN A 77 0.68 0.73 -8.47
C GLN A 77 1.35 -0.64 -8.47
N GLN A 78 2.65 -0.65 -8.20
CA GLN A 78 3.42 -1.90 -8.18
C GLN A 78 3.34 -2.55 -6.80
N SER A 79 3.04 -1.75 -5.79
CA SER A 79 2.94 -2.26 -4.43
C SER A 79 1.64 -3.02 -4.22
N THR A 80 0.52 -2.34 -4.41
CA THR A 80 -0.80 -2.96 -4.25
C THR A 80 -0.83 -4.34 -4.86
N ASP A 81 0.02 -4.56 -5.87
CA ASP A 81 0.09 -5.85 -6.54
C ASP A 81 0.08 -7.00 -5.53
N ALA A 82 0.62 -6.74 -4.34
CA ALA A 82 0.67 -7.75 -3.29
C ALA A 82 -0.73 -8.18 -2.88
N LEU A 83 -1.65 -7.22 -2.80
CA LEU A 83 -3.02 -7.51 -2.43
C LEU A 83 -3.86 -7.88 -3.64
N TYR A 84 -3.59 -7.21 -4.76
CA TYR A 84 -4.32 -7.48 -6.00
C TYR A 84 -4.12 -8.92 -6.46
N SER A 85 -2.89 -9.39 -6.39
CA SER A 85 -2.57 -10.75 -6.80
C SER A 85 -2.85 -11.74 -5.67
N HIS A 86 -2.60 -11.29 -4.43
CA HIS A 86 -2.83 -12.14 -3.27
C HIS A 86 -4.26 -12.65 -3.23
N LEU A 87 -5.22 -11.73 -3.35
CA LEU A 87 -6.63 -12.09 -3.34
C LEU A 87 -7.03 -12.82 -4.61
N GLU A 88 -6.78 -12.17 -5.75
CA GLU A 88 -7.11 -12.76 -7.05
C GLU A 88 -6.50 -14.14 -7.19
N ALA A 89 -5.32 -14.31 -6.61
CA ALA A 89 -4.61 -15.60 -6.67
C ALA A 89 -5.12 -16.55 -5.60
N GLN A 90 -4.98 -16.16 -4.33
CA GLN A 90 -5.42 -16.98 -3.22
C GLN A 90 -6.93 -17.21 -3.28
N TRP A 91 -7.68 -16.13 -3.30
CA TRP A 91 -9.14 -16.22 -3.37
C TRP A 91 -9.58 -17.21 -4.43
N ALA A 92 -8.80 -17.31 -5.50
CA ALA A 92 -9.12 -18.22 -6.60
C ALA A 92 -9.23 -19.65 -6.09
N LYS A 93 -8.37 -20.02 -5.15
CA LYS A 93 -8.37 -21.37 -4.59
C LYS A 93 -9.78 -21.78 -4.19
N GLN A 94 -10.66 -20.80 -4.01
CA GLN A 94 -12.04 -21.07 -3.63
C GLN A 94 -12.87 -21.45 -4.85
N HIS A 95 -12.96 -20.54 -5.82
CA HIS A 95 -13.72 -20.78 -7.03
C HIS A 95 -12.90 -20.43 -8.27
N GLY A 96 -12.37 -19.22 -8.30
CA GLY A 96 -11.57 -18.77 -9.43
C GLY A 96 -12.42 -18.21 -10.56
N THR A 97 -13.71 -18.04 -10.29
CA THR A 97 -14.62 -17.50 -11.28
C THR A 97 -14.83 -16.00 -11.09
N PRO A 98 -15.31 -15.62 -9.90
CA PRO A 98 -15.56 -14.21 -9.57
C PRO A 98 -14.27 -13.42 -9.41
N PRO A 99 -13.18 -14.11 -9.04
CA PRO A 99 -11.87 -13.49 -8.86
C PRO A 99 -11.24 -13.04 -10.17
N THR A 100 -11.30 -11.73 -10.42
CA THR A 100 -10.74 -11.17 -11.65
C THR A 100 -9.98 -9.88 -11.36
N ALA A 101 -9.08 -9.52 -12.27
CA ALA A 101 -8.29 -8.30 -12.13
C ALA A 101 -9.19 -7.09 -11.87
N SER A 102 -10.40 -7.13 -12.43
CA SER A 102 -11.35 -6.03 -12.27
C SER A 102 -12.04 -6.09 -10.91
N ASP A 103 -12.62 -7.25 -10.60
CA ASP A 103 -13.30 -7.45 -9.33
C ASP A 103 -12.34 -7.28 -8.16
N VAL A 104 -11.28 -8.08 -8.15
CA VAL A 104 -10.29 -8.03 -7.09
C VAL A 104 -9.99 -6.59 -6.70
N VAL A 105 -10.00 -5.69 -7.68
CA VAL A 105 -9.72 -4.28 -7.44
C VAL A 105 -10.56 -3.76 -6.28
N GLY A 106 -11.84 -4.11 -6.26
CA GLY A 106 -12.73 -3.66 -5.19
C GLY A 106 -13.58 -4.79 -4.64
N MET A 107 -13.20 -6.03 -4.97
CA MET A 107 -13.94 -7.19 -4.50
C MET A 107 -13.67 -7.44 -3.02
N PRO A 108 -12.39 -7.41 -2.63
CA PRO A 108 -11.98 -7.64 -1.24
C PRO A 108 -12.38 -6.48 -0.32
N GLN A 109 -11.82 -6.47 0.88
CA GLN A 109 -12.12 -5.43 1.85
C GLN A 109 -11.44 -4.12 1.46
N TRP A 110 -10.13 -4.18 1.22
CA TRP A 110 -9.36 -3.00 0.84
C TRP A 110 -10.14 -2.14 -0.15
N GLN A 111 -11.11 -2.76 -0.83
CA GLN A 111 -11.92 -2.05 -1.81
C GLN A 111 -12.27 -0.65 -1.32
N GLU A 112 -12.96 -0.59 -0.18
CA GLU A 112 -13.37 0.69 0.39
C GLU A 112 -12.23 1.30 1.22
N TYR A 113 -11.44 0.44 1.85
CA TYR A 113 -10.33 0.88 2.68
C TYR A 113 -9.43 1.83 1.90
N THR A 114 -8.82 1.32 0.83
CA THR A 114 -7.92 2.13 0.00
C THR A 114 -8.68 3.28 -0.64
N ALA A 115 -9.87 3.00 -1.17
CA ALA A 115 -10.68 4.01 -1.81
C ALA A 115 -11.00 5.16 -0.85
N MET A 116 -11.19 4.82 0.42
CA MET A 116 -11.50 5.82 1.44
C MET A 116 -10.32 6.76 1.66
N LEU A 117 -9.12 6.26 1.37
CA LEU A 117 -7.91 7.05 1.54
C LEU A 117 -7.69 7.97 0.34
N ARG A 118 -7.56 7.38 -0.84
CA ARG A 118 -7.36 8.15 -2.06
C ARG A 118 -8.55 9.06 -2.34
N GLU A 119 -9.74 8.60 -1.96
CA GLU A 119 -10.95 9.39 -2.17
C GLU A 119 -11.13 10.41 -1.05
N ARG A 120 -11.15 9.93 0.19
CA ARG A 120 -11.33 10.81 1.34
C ARG A 120 -10.00 11.45 1.75
N PHE A 121 -8.98 10.61 1.95
CA PHE A 121 -7.67 11.10 2.35
C PHE A 121 -7.75 11.95 3.60
N ALA A 122 -8.61 11.55 4.54
CA ALA A 122 -8.79 12.29 5.78
C ALA A 122 -8.35 11.44 6.98
N GLY A 123 -7.52 12.02 7.84
CA GLY A 123 -7.04 11.31 9.01
C GLY A 123 -5.63 10.79 8.83
N LEU A 124 -5.43 9.97 7.81
CA LEU A 124 -4.11 9.40 7.53
C LEU A 124 -3.01 10.44 7.74
N ASP A 125 -3.34 11.69 7.47
CA ASP A 125 -2.38 12.78 7.63
C ASP A 125 -1.51 12.56 8.86
N THR A 126 -2.10 12.00 9.91
CA THR A 126 -1.38 11.74 11.15
C THR A 126 0.07 11.34 10.87
N ILE A 127 0.24 10.39 9.95
CA ILE A 127 1.57 9.91 9.59
C ILE A 127 1.69 9.72 8.08
N LYS A 22 34.03 19.75 7.65
CA LYS A 22 34.84 19.35 6.51
C LYS A 22 34.48 17.95 6.04
N GLN A 23 34.38 17.02 6.99
CA GLN A 23 34.04 15.64 6.67
C GLN A 23 32.57 15.52 6.29
N GLN A 24 31.70 16.14 7.09
CA GLN A 24 30.27 16.10 6.84
C GLN A 24 29.77 14.66 6.75
N LEU A 25 30.25 13.81 7.66
CA LEU A 25 29.86 12.42 7.69
C LEU A 25 28.50 12.25 8.34
N GLN A 26 27.48 11.96 7.52
CA GLN A 26 26.13 11.77 8.02
C GLN A 26 25.43 10.64 7.28
N GLU A 27 24.54 9.94 7.98
CA GLU A 27 23.81 8.83 7.38
C GLU A 27 22.89 9.32 6.27
N HIS A 28 22.77 8.53 5.20
CA HIS A 28 21.93 8.89 4.07
C HIS A 28 20.51 9.22 4.54
N ALA A 29 19.94 8.34 5.36
CA ALA A 29 18.60 8.54 5.87
C ALA A 29 18.47 8.04 7.31
N PRO A 30 17.55 8.66 8.08
CA PRO A 30 17.33 8.29 9.48
C PRO A 30 16.67 6.92 9.61
N SER A 31 16.07 6.44 8.53
CA SER A 31 15.41 5.15 8.54
C SER A 31 15.65 4.40 7.23
N HIS A 32 16.15 3.17 7.34
CA HIS A 32 16.43 2.36 6.15
C HIS A 32 15.21 1.53 5.77
N ALA A 33 14.73 0.72 6.71
CA ALA A 33 13.57 -0.13 6.46
C ALA A 33 12.31 0.49 7.06
N ASN A 34 11.48 1.06 6.20
CA ASN A 34 10.23 1.69 6.64
C ASN A 34 9.42 0.74 7.50
N LEU A 35 9.47 0.94 8.82
CA LEU A 35 8.74 0.10 9.75
C LEU A 35 8.99 -1.38 9.47
N ASP A 36 10.19 -1.69 8.99
CA ASP A 36 10.55 -3.07 8.67
C ASP A 36 9.34 -3.86 8.19
N VAL A 37 8.44 -3.18 7.48
CA VAL A 37 7.25 -3.81 6.96
C VAL A 37 7.54 -4.58 5.68
N LYS A 38 6.57 -5.38 5.23
CA LYS A 38 6.73 -6.16 4.01
C LYS A 38 5.70 -5.76 2.98
N TRP A 39 5.76 -6.39 1.80
CA TRP A 39 4.83 -6.10 0.72
C TRP A 39 3.39 -6.17 1.20
N LEU A 40 2.46 -5.81 0.33
CA LEU A 40 1.03 -5.83 0.68
C LEU A 40 0.66 -7.15 1.34
N ASP A 41 1.24 -8.25 0.85
CA ASP A 41 0.97 -9.57 1.39
C ASP A 41 2.23 -10.18 2.00
N GLY A 42 2.14 -10.57 3.27
CA GLY A 42 3.28 -11.17 3.93
C GLY A 42 3.34 -10.79 5.40
N LEU A 43 3.04 -9.53 5.70
CA LEU A 43 3.07 -9.05 7.08
C LEU A 43 2.18 -9.91 7.98
N ARG A 44 2.77 -10.46 9.03
CA ARG A 44 2.03 -11.30 9.96
C ARG A 44 1.40 -10.46 11.07
N ALA A 45 2.22 -9.63 11.72
CA ALA A 45 1.75 -8.78 12.79
C ALA A 45 2.49 -7.44 12.80
N GLY A 46 1.74 -6.35 12.87
CA GLY A 46 2.34 -5.03 12.89
C GLY A 46 1.33 -3.92 12.75
N SER A 47 0.37 -4.11 11.85
CA SER A 47 -0.67 -3.12 11.60
C SER A 47 -1.79 -3.24 12.65
N MET A 48 -1.49 -3.93 13.74
CA MET A 48 -2.47 -4.12 14.81
C MET A 48 -3.29 -2.85 15.02
N ALA A 49 -2.65 -1.80 15.51
CA ALA A 49 -3.32 -0.53 15.76
C ALA A 49 -3.38 0.32 14.50
N LEU A 50 -2.21 0.80 14.08
CA LEU A 50 -2.12 1.64 12.87
C LEU A 50 -1.72 0.79 11.66
N GLN A 51 -2.40 1.02 10.54
CA GLN A 51 -2.11 0.29 9.31
C GLN A 51 -0.93 0.92 8.57
N GLY A 52 0.24 0.29 8.68
CA GLY A 52 1.42 0.80 8.02
C GLY A 52 1.42 0.51 6.53
N ASP A 53 0.60 -0.45 6.12
CA ASP A 53 0.51 -0.83 4.71
C ASP A 53 -0.18 0.27 3.90
N VAL A 54 -1.38 0.67 4.34
CA VAL A 54 -2.14 1.70 3.65
C VAL A 54 -1.69 3.09 4.09
N LYS A 55 -1.07 3.16 5.27
CA LYS A 55 -0.60 4.44 5.80
C LYS A 55 0.51 5.01 4.93
N VAL A 56 1.39 4.14 4.44
CA VAL A 56 2.49 4.56 3.58
C VAL A 56 1.99 4.95 2.19
N TRP A 57 0.95 4.27 1.74
CA TRP A 57 0.37 4.54 0.43
C TRP A 57 0.24 6.04 0.19
N MET A 58 0.13 6.80 1.28
CA MET A 58 0.01 8.25 1.19
C MET A 58 1.35 8.90 0.88
N GLN A 59 2.33 8.65 1.75
CA GLN A 59 3.66 9.21 1.57
C GLN A 59 4.23 8.87 0.19
N ASN A 60 3.85 7.69 -0.32
CA ASN A 60 4.31 7.25 -1.62
C ASN A 60 3.92 8.25 -2.71
N LEU A 61 2.68 8.68 -2.68
CA LEU A 61 2.17 9.64 -3.67
C LEU A 61 2.54 11.07 -3.27
N GLU A 62 2.84 11.26 -1.99
CA GLU A 62 3.20 12.58 -1.49
C GLU A 62 4.53 13.03 -2.08
N ASP A 63 5.52 12.15 -2.03
CA ASP A 63 6.85 12.46 -2.57
C ASP A 63 6.89 12.26 -4.08
N LEU A 64 5.96 11.45 -4.59
CA LEU A 64 5.89 11.18 -6.02
C LEU A 64 5.06 12.24 -6.74
N HIS A 65 3.81 12.37 -6.34
CA HIS A 65 2.91 13.35 -6.94
C HIS A 65 3.61 14.69 -7.14
N THR A 66 4.29 15.15 -6.10
CA THR A 66 5.01 16.41 -6.14
C THR A 66 5.75 16.57 -7.47
N ARG A 67 6.25 15.46 -8.00
CA ARG A 67 6.99 15.48 -9.26
C ARG A 67 6.06 15.14 -10.42
N ARG A 68 5.48 13.94 -10.40
CA ARG A 68 4.58 13.50 -11.46
C ARG A 68 3.41 12.71 -10.88
N PRO A 69 2.18 13.14 -11.21
CA PRO A 69 0.96 12.48 -10.74
C PRO A 69 0.76 11.10 -11.37
N ASP A 70 0.80 11.06 -12.69
CA ASP A 70 0.62 9.81 -13.42
C ASP A 70 1.50 8.71 -12.84
N GLU A 71 2.62 9.11 -12.24
CA GLU A 71 3.55 8.15 -11.65
C GLU A 71 3.24 7.96 -10.16
N PHE A 72 2.50 8.90 -9.59
CA PHE A 72 2.14 8.84 -8.18
C PHE A 72 1.66 7.44 -7.81
N THR A 73 0.90 6.82 -8.70
CA THR A 73 0.38 5.48 -8.46
C THR A 73 1.48 4.42 -8.64
N ALA A 74 2.49 4.76 -9.43
CA ALA A 74 3.60 3.85 -9.67
C ALA A 74 4.26 3.42 -8.37
N ARG A 75 4.04 4.20 -7.32
CA ARG A 75 4.63 3.90 -6.01
C ARG A 75 3.87 2.77 -5.32
N LEU A 76 2.62 3.05 -4.96
CA LEU A 76 1.79 2.05 -4.29
C LEU A 76 1.35 0.96 -5.27
N GLN A 77 1.43 1.26 -6.55
CA GLN A 77 1.04 0.31 -7.59
C GLN A 77 1.86 -0.98 -7.47
N GLN A 78 3.12 -0.84 -7.10
CA GLN A 78 4.02 -1.99 -6.96
C GLN A 78 3.66 -2.78 -5.70
N SER A 79 3.19 -2.08 -4.67
CA SER A 79 2.84 -2.72 -3.41
C SER A 79 1.51 -3.47 -3.54
N THR A 80 0.45 -2.74 -3.86
CA THR A 80 -0.86 -3.35 -4.01
C THR A 80 -0.79 -4.65 -4.79
N ASP A 81 0.28 -4.82 -5.56
CA ASP A 81 0.47 -6.02 -6.35
C ASP A 81 0.41 -7.26 -5.48
N ALA A 82 1.20 -7.27 -4.41
CA ALA A 82 1.23 -8.40 -3.49
C ALA A 82 -0.18 -8.83 -3.10
N LEU A 83 -1.10 -7.88 -3.06
CA LEU A 83 -2.49 -8.16 -2.71
C LEU A 83 -3.29 -8.57 -3.94
N TYR A 84 -3.20 -7.77 -4.99
CA TYR A 84 -3.91 -8.05 -6.24
C TYR A 84 -3.80 -9.52 -6.60
N SER A 85 -2.57 -10.03 -6.62
CA SER A 85 -2.32 -11.43 -6.97
C SER A 85 -2.74 -12.35 -5.82
N HIS A 86 -2.46 -11.93 -4.59
CA HIS A 86 -2.81 -12.71 -3.41
C HIS A 86 -4.28 -13.07 -3.42
N LEU A 87 -5.14 -12.08 -3.63
CA LEU A 87 -6.58 -12.29 -3.66
C LEU A 87 -7.01 -12.98 -4.95
N GLU A 88 -6.69 -12.35 -6.08
CA GLU A 88 -7.03 -12.91 -7.39
C GLU A 88 -6.65 -14.38 -7.46
N ALA A 89 -5.49 -14.72 -6.91
CA ALA A 89 -5.00 -16.09 -6.92
C ALA A 89 -5.61 -16.90 -5.77
N GLN A 90 -5.37 -16.45 -4.55
CA GLN A 90 -5.89 -17.14 -3.37
C GLN A 90 -7.41 -17.18 -3.40
N TRP A 91 -8.03 -16.01 -3.49
CA TRP A 91 -9.49 -15.92 -3.53
C TRP A 91 -10.06 -16.76 -4.67
N ALA A 92 -9.24 -17.00 -5.68
CA ALA A 92 -9.66 -17.81 -6.82
C ALA A 92 -10.29 -19.13 -6.37
N LYS A 93 -9.72 -19.71 -5.33
CA LYS A 93 -10.23 -20.98 -4.80
C LYS A 93 -11.75 -20.98 -4.75
N GLN A 94 -12.33 -19.85 -4.35
CA GLN A 94 -13.78 -19.72 -4.26
C GLN A 94 -14.44 -20.05 -5.60
N HIS A 95 -14.06 -19.31 -6.64
CA HIS A 95 -14.61 -19.54 -7.97
C HIS A 95 -13.50 -19.57 -9.02
N GLY A 96 -12.61 -18.61 -8.96
CA GLY A 96 -11.50 -18.55 -9.91
C GLY A 96 -11.93 -17.96 -11.25
N THR A 97 -13.23 -18.00 -11.52
CA THR A 97 -13.76 -17.47 -12.78
C THR A 97 -14.04 -15.97 -12.66
N PRO A 98 -14.83 -15.60 -11.64
CA PRO A 98 -15.19 -14.20 -11.40
C PRO A 98 -14.00 -13.36 -10.92
N PRO A 99 -13.03 -14.02 -10.27
CA PRO A 99 -11.83 -13.36 -9.77
C PRO A 99 -10.90 -12.90 -10.87
N THR A 100 -10.79 -11.59 -11.05
CA THR A 100 -9.93 -11.03 -12.08
C THR A 100 -9.66 -9.54 -11.83
N ALA A 101 -8.62 -9.02 -12.46
CA ALA A 101 -8.27 -7.62 -12.31
C ALA A 101 -9.50 -6.73 -12.24
N SER A 102 -10.56 -7.15 -12.92
CA SER A 102 -11.82 -6.39 -12.94
C SER A 102 -12.46 -6.38 -11.55
N ASP A 103 -12.48 -7.55 -10.91
CA ASP A 103 -13.07 -7.67 -9.58
C ASP A 103 -12.06 -7.29 -8.50
N VAL A 104 -10.89 -7.91 -8.54
CA VAL A 104 -9.84 -7.63 -7.58
C VAL A 104 -9.72 -6.14 -7.30
N VAL A 105 -10.16 -5.33 -8.26
CA VAL A 105 -10.11 -3.88 -8.12
C VAL A 105 -10.72 -3.43 -6.80
N GLY A 106 -11.85 -4.04 -6.44
CA GLY A 106 -12.51 -3.70 -5.20
C GLY A 106 -12.92 -4.92 -4.39
N MET A 107 -12.73 -6.09 -4.97
CA MET A 107 -13.08 -7.34 -4.30
C MET A 107 -12.40 -7.45 -2.95
N PRO A 108 -11.09 -7.15 -2.92
CA PRO A 108 -10.29 -7.20 -1.70
C PRO A 108 -10.67 -6.09 -0.71
N GLN A 109 -10.02 -6.10 0.45
CA GLN A 109 -10.28 -5.11 1.48
C GLN A 109 -9.49 -3.82 1.22
N TRP A 110 -8.31 -3.98 0.65
CA TRP A 110 -7.46 -2.83 0.35
C TRP A 110 -8.27 -1.69 -0.24
N GLN A 111 -9.12 -2.01 -1.21
CA GLN A 111 -9.96 -1.00 -1.84
C GLN A 111 -10.88 -0.33 -0.84
N GLU A 112 -11.37 -1.12 0.12
CA GLU A 112 -12.27 -0.61 1.15
C GLU A 112 -11.50 0.21 2.18
N TYR A 113 -10.50 -0.42 2.79
CA TYR A 113 -9.68 0.24 3.80
C TYR A 113 -9.07 1.52 3.25
N THR A 114 -8.30 1.39 2.17
CA THR A 114 -7.65 2.54 1.54
C THR A 114 -8.62 3.70 1.41
N ALA A 115 -9.90 3.39 1.24
CA ALA A 115 -10.92 4.42 1.10
C ALA A 115 -11.41 4.90 2.46
N MET A 116 -11.61 3.95 3.38
CA MET A 116 -12.07 4.26 4.71
C MET A 116 -11.36 5.49 5.28
N LEU A 117 -10.03 5.52 5.08
CA LEU A 117 -9.23 6.64 5.56
C LEU A 117 -9.56 7.92 4.80
N ARG A 118 -9.59 7.82 3.48
CA ARG A 118 -9.90 8.98 2.64
C ARG A 118 -11.18 9.66 3.08
N GLU A 119 -12.26 8.88 3.13
CA GLU A 119 -13.56 9.41 3.54
C GLU A 119 -13.59 9.70 5.04
N ARG A 120 -13.12 8.73 5.83
CA ARG A 120 -13.09 8.87 7.28
C ARG A 120 -11.88 9.71 7.72
N PHE A 121 -11.27 10.39 6.76
CA PHE A 121 -10.10 11.23 7.04
C PHE A 121 -10.46 12.32 8.04
N ALA A 122 -10.05 12.12 9.29
CA ALA A 122 -10.32 13.08 10.35
C ALA A 122 -9.02 13.63 10.93
N GLY A 123 -8.03 12.76 11.06
CA GLY A 123 -6.75 13.18 11.60
C GLY A 123 -5.60 12.32 11.12
N LEU A 124 -5.66 11.93 9.85
CA LEU A 124 -4.61 11.10 9.25
C LEU A 124 -3.70 11.93 8.35
N ASP A 125 -3.75 13.25 8.52
CA ASP A 125 -2.94 14.15 7.72
C ASP A 125 -1.59 13.51 7.37
N THR A 126 -0.94 12.94 8.38
CA THR A 126 0.36 12.29 8.18
C THR A 126 0.19 10.93 7.52
N ILE A 127 -0.87 10.23 7.89
CA ILE A 127 -1.14 8.91 7.33
C ILE A 127 -1.95 9.01 6.03
N LYS A 22 33.76 -10.93 -6.46
CA LYS A 22 34.43 -10.80 -7.75
C LYS A 22 34.09 -9.47 -8.41
N GLN A 23 32.99 -8.86 -7.97
CA GLN A 23 32.55 -7.59 -8.52
C GLN A 23 32.56 -6.50 -7.44
N GLN A 24 33.50 -5.57 -7.56
CA GLN A 24 33.60 -4.48 -6.59
C GLN A 24 32.28 -3.74 -6.45
N LEU A 25 31.72 -3.78 -5.24
CA LEU A 25 30.45 -3.11 -4.98
C LEU A 25 30.26 -2.89 -3.48
N GLN A 26 29.45 -1.89 -3.13
CA GLN A 26 29.18 -1.58 -1.73
C GLN A 26 27.69 -1.33 -1.51
N GLU A 27 27.06 -2.21 -0.73
CA GLU A 27 25.65 -2.09 -0.45
C GLU A 27 25.41 -1.74 1.03
N HIS A 28 24.39 -0.96 1.29
CA HIS A 28 24.06 -0.56 2.66
C HIS A 28 22.56 -0.32 2.81
N ALA A 29 21.99 -0.84 3.90
CA ALA A 29 20.56 -0.68 4.16
C ALA A 29 20.22 0.78 4.42
N PRO A 30 19.44 1.38 3.50
CA PRO A 30 19.03 2.78 3.61
C PRO A 30 18.01 3.00 4.74
N SER A 31 17.85 4.25 5.14
CA SER A 31 16.92 4.59 6.21
C SER A 31 15.51 4.14 5.86
N HIS A 32 14.61 4.22 6.85
CA HIS A 32 13.22 3.82 6.65
C HIS A 32 12.60 4.58 5.49
N ALA A 33 12.36 3.87 4.38
CA ALA A 33 11.76 4.48 3.21
C ALA A 33 11.08 3.43 2.33
N ASN A 34 10.23 3.90 1.42
CA ASN A 34 9.50 3.00 0.52
C ASN A 34 10.42 1.89 0.02
N LEU A 35 11.63 2.27 -0.40
CA LEU A 35 12.60 1.31 -0.90
C LEU A 35 12.76 0.14 0.06
N ASP A 36 12.93 0.45 1.33
CA ASP A 36 13.09 -0.58 2.36
C ASP A 36 12.04 -1.67 2.20
N VAL A 37 10.77 -1.27 2.16
CA VAL A 37 9.67 -2.21 2.02
C VAL A 37 9.77 -2.98 0.69
N LYS A 38 10.24 -4.22 0.78
CA LYS A 38 10.39 -5.05 -0.41
C LYS A 38 9.09 -5.09 -1.21
N TRP A 39 8.00 -5.48 -0.56
CA TRP A 39 6.70 -5.56 -1.21
C TRP A 39 5.57 -5.47 -0.19
N LEU A 40 4.34 -5.47 -0.69
CA LEU A 40 3.17 -5.39 0.18
C LEU A 40 3.26 -6.42 1.31
N ASP A 41 3.73 -7.61 0.98
CA ASP A 41 3.87 -8.69 1.95
C ASP A 41 4.66 -8.21 3.17
N GLY A 42 4.16 -8.55 4.35
CA GLY A 42 4.83 -8.15 5.58
C GLY A 42 6.33 -8.40 5.53
N LEU A 43 7.05 -7.86 6.51
CA LEU A 43 8.50 -8.02 6.57
C LEU A 43 8.93 -8.50 7.96
N ARG A 44 10.14 -9.03 8.03
CA ARG A 44 10.68 -9.53 9.30
C ARG A 44 10.47 -8.50 10.41
N ALA A 45 10.93 -7.28 10.18
CA ALA A 45 10.79 -6.21 11.16
C ALA A 45 9.36 -6.11 11.67
N GLY A 46 8.41 -6.04 10.73
CA GLY A 46 7.01 -5.94 11.10
C GLY A 46 6.32 -4.76 10.46
N SER A 47 6.24 -4.78 9.13
CA SER A 47 5.60 -3.69 8.39
C SER A 47 4.08 -3.84 8.41
N MET A 48 3.59 -4.77 9.22
CA MET A 48 2.16 -5.01 9.32
C MET A 48 1.54 -4.11 10.39
N ALA A 49 2.24 -3.94 11.51
CA ALA A 49 1.76 -3.12 12.60
C ALA A 49 1.38 -1.72 12.10
N LEU A 50 0.29 -1.18 12.63
CA LEU A 50 -0.18 0.14 12.23
C LEU A 50 -0.39 0.22 10.73
N GLN A 51 -0.99 -0.82 10.16
CA GLN A 51 -1.25 -0.87 8.73
C GLN A 51 -0.11 -0.22 7.94
N GLY A 52 1.11 -0.35 8.46
CA GLY A 52 2.26 0.22 7.80
C GLY A 52 2.20 0.08 6.30
N ASP A 53 1.57 -1.00 5.83
CA ASP A 53 1.44 -1.26 4.40
C ASP A 53 0.79 -0.07 3.68
N VAL A 54 -0.42 0.27 4.09
CA VAL A 54 -1.15 1.38 3.50
C VAL A 54 -0.77 2.71 4.16
N LYS A 55 -0.61 2.69 5.48
CA LYS A 55 -0.24 3.88 6.23
C LYS A 55 0.86 4.66 5.51
N VAL A 56 1.70 3.94 4.78
CA VAL A 56 2.80 4.56 4.06
C VAL A 56 2.37 4.93 2.64
N TRP A 57 1.43 4.16 2.09
CA TRP A 57 0.93 4.41 0.74
C TRP A 57 0.60 5.88 0.54
N MET A 58 0.42 6.60 1.65
CA MET A 58 0.09 8.02 1.59
C MET A 58 1.35 8.85 1.34
N GLN A 59 2.34 8.70 2.22
CA GLN A 59 3.59 9.44 2.09
C GLN A 59 4.28 9.11 0.77
N ASN A 60 4.10 7.89 0.30
CA ASN A 60 4.71 7.45 -0.94
C ASN A 60 4.31 8.36 -2.10
N LEU A 61 3.03 8.74 -2.13
CA LEU A 61 2.51 9.61 -3.18
C LEU A 61 2.85 11.07 -2.88
N GLU A 62 2.68 11.47 -1.63
CA GLU A 62 2.96 12.84 -1.21
C GLU A 62 4.29 13.31 -1.80
N ASP A 63 5.29 12.45 -1.75
CA ASP A 63 6.61 12.79 -2.28
C ASP A 63 6.68 12.53 -3.78
N LEU A 64 5.79 11.68 -4.27
CA LEU A 64 5.75 11.34 -5.69
C LEU A 64 5.02 12.43 -6.48
N HIS A 65 3.76 12.66 -6.15
CA HIS A 65 2.96 13.67 -6.82
C HIS A 65 3.78 14.94 -7.08
N THR A 66 4.70 15.24 -6.17
CA THR A 66 5.55 16.41 -6.29
C THR A 66 6.18 16.49 -7.68
N ARG A 67 6.61 15.35 -8.20
CA ARG A 67 7.23 15.29 -9.51
C ARG A 67 6.20 14.93 -10.58
N ARG A 68 5.51 13.81 -10.38
CA ARG A 68 4.50 13.36 -11.33
C ARG A 68 3.28 12.80 -10.59
N PRO A 69 2.10 13.38 -10.87
CA PRO A 69 0.84 12.97 -10.25
C PRO A 69 0.38 11.60 -10.73
N ASP A 70 0.44 11.38 -12.05
CA ASP A 70 0.03 10.11 -12.63
C ASP A 70 0.98 8.99 -12.21
N GLU A 71 2.16 9.37 -11.73
CA GLU A 71 3.16 8.39 -11.29
C GLU A 71 2.99 8.09 -9.80
N PHE A 72 2.25 8.94 -9.11
CA PHE A 72 2.02 8.76 -7.68
C PHE A 72 1.61 7.33 -7.36
N THR A 73 0.67 6.80 -8.15
CA THR A 73 0.19 5.44 -7.96
C THR A 73 1.29 4.43 -8.21
N ALA A 74 2.25 4.79 -9.06
CA ALA A 74 3.37 3.92 -9.38
C ALA A 74 4.15 3.55 -8.13
N ARG A 75 3.98 4.33 -7.08
CA ARG A 75 4.68 4.09 -5.82
C ARG A 75 4.11 2.85 -5.12
N LEU A 76 2.88 2.96 -4.66
CA LEU A 76 2.22 1.85 -3.96
C LEU A 76 1.71 0.82 -4.96
N GLN A 77 1.61 1.22 -6.23
CA GLN A 77 1.14 0.31 -7.27
C GLN A 77 1.93 -0.99 -7.27
N GLN A 78 3.24 -0.88 -7.41
CA GLN A 78 4.10 -2.05 -7.42
C GLN A 78 3.86 -2.94 -6.21
N SER A 79 3.46 -2.31 -5.10
CA SER A 79 3.19 -3.03 -3.87
C SER A 79 1.85 -3.76 -3.95
N THR A 80 0.79 -3.01 -4.27
CA THR A 80 -0.54 -3.59 -4.37
C THR A 80 -0.50 -4.93 -5.10
N ASP A 81 0.50 -5.11 -5.95
CA ASP A 81 0.65 -6.36 -6.71
C ASP A 81 0.50 -7.56 -5.79
N ALA A 82 1.26 -7.57 -4.70
CA ALA A 82 1.21 -8.66 -3.74
C ALA A 82 -0.22 -9.03 -3.39
N LEU A 83 -1.07 -8.02 -3.29
CA LEU A 83 -2.48 -8.23 -2.96
C LEU A 83 -3.28 -8.63 -4.19
N TYR A 84 -3.16 -7.83 -5.25
CA TYR A 84 -3.87 -8.10 -6.49
C TYR A 84 -3.80 -9.58 -6.85
N SER A 85 -2.60 -10.15 -6.77
CA SER A 85 -2.39 -11.55 -7.09
C SER A 85 -2.89 -12.45 -5.95
N HIS A 86 -2.57 -12.05 -4.73
CA HIS A 86 -2.97 -12.80 -3.55
C HIS A 86 -4.48 -13.06 -3.56
N LEU A 87 -5.24 -12.07 -3.98
CA LEU A 87 -6.70 -12.18 -4.04
C LEU A 87 -7.13 -13.04 -5.23
N GLU A 88 -6.78 -12.58 -6.43
CA GLU A 88 -7.13 -13.31 -7.65
C GLU A 88 -6.70 -14.77 -7.55
N ALA A 89 -5.58 -15.01 -6.87
CA ALA A 89 -5.06 -16.36 -6.70
C ALA A 89 -5.75 -17.08 -5.54
N GLN A 90 -5.62 -16.50 -4.35
CA GLN A 90 -6.23 -17.09 -3.16
C GLN A 90 -7.75 -17.10 -3.28
N TRP A 91 -8.32 -15.92 -3.47
CA TRP A 91 -9.78 -15.79 -3.59
C TRP A 91 -10.33 -16.84 -4.55
N ALA A 92 -9.55 -17.18 -5.57
CA ALA A 92 -9.97 -18.17 -6.56
C ALA A 92 -10.53 -19.40 -5.88
N LYS A 93 -9.91 -19.82 -4.78
CA LYS A 93 -10.35 -21.00 -4.05
C LYS A 93 -11.84 -20.93 -3.76
N GLN A 94 -12.36 -19.71 -3.61
CA GLN A 94 -13.77 -19.51 -3.33
C GLN A 94 -14.63 -20.04 -4.47
N HIS A 95 -14.46 -19.46 -5.66
CA HIS A 95 -15.23 -19.87 -6.83
C HIS A 95 -14.32 -19.97 -8.05
N GLY A 96 -13.61 -18.88 -8.34
CA GLY A 96 -12.72 -18.85 -9.48
C GLY A 96 -13.33 -18.14 -10.68
N THR A 97 -14.57 -17.68 -10.52
CA THR A 97 -15.26 -16.98 -11.60
C THR A 97 -15.06 -15.48 -11.48
N PRO A 98 -15.48 -14.91 -10.34
CA PRO A 98 -15.36 -13.47 -10.08
C PRO A 98 -13.90 -13.04 -9.89
N PRO A 99 -13.06 -13.98 -9.43
CA PRO A 99 -11.64 -13.71 -9.19
C PRO A 99 -10.87 -13.51 -10.49
N THR A 100 -10.69 -12.25 -10.88
CA THR A 100 -9.98 -11.92 -12.10
C THR A 100 -9.39 -10.52 -12.03
N ALA A 101 -8.33 -10.28 -12.79
CA ALA A 101 -7.67 -8.98 -12.82
C ALA A 101 -8.69 -7.86 -12.95
N SER A 102 -9.89 -8.21 -13.42
CA SER A 102 -10.95 -7.22 -13.60
C SER A 102 -11.64 -6.92 -12.27
N ASP A 103 -12.05 -7.96 -11.57
CA ASP A 103 -12.72 -7.80 -10.28
C ASP A 103 -11.72 -7.44 -9.19
N VAL A 104 -10.61 -8.18 -9.14
CA VAL A 104 -9.57 -7.93 -8.14
C VAL A 104 -9.34 -6.44 -7.95
N VAL A 105 -9.67 -5.66 -8.97
CA VAL A 105 -9.50 -4.20 -8.93
C VAL A 105 -10.21 -3.61 -7.72
N GLY A 106 -11.44 -4.06 -7.48
CA GLY A 106 -12.22 -3.56 -6.36
C GLY A 106 -12.73 -4.67 -5.47
N MET A 107 -12.39 -5.90 -5.82
CA MET A 107 -12.83 -7.06 -5.04
C MET A 107 -12.24 -7.03 -3.63
N PRO A 108 -10.93 -6.76 -3.54
CA PRO A 108 -10.22 -6.70 -2.26
C PRO A 108 -10.62 -5.48 -1.44
N GLN A 109 -10.05 -5.35 -0.25
CA GLN A 109 -10.34 -4.23 0.63
C GLN A 109 -9.51 -3.01 0.27
N TRP A 110 -8.28 -3.26 -0.17
CA TRP A 110 -7.38 -2.18 -0.56
C TRP A 110 -8.12 -1.11 -1.36
N GLN A 111 -9.20 -1.51 -2.02
CA GLN A 111 -9.98 -0.59 -2.82
C GLN A 111 -10.68 0.44 -1.94
N GLU A 112 -11.50 -0.03 -1.00
CA GLU A 112 -12.22 0.85 -0.10
C GLU A 112 -11.31 1.33 1.03
N TYR A 113 -10.56 0.40 1.62
CA TYR A 113 -9.66 0.73 2.71
C TYR A 113 -8.90 2.04 2.42
N THR A 114 -8.09 2.02 1.37
CA THR A 114 -7.31 3.19 0.99
C THR A 114 -8.21 4.41 0.82
N ALA A 115 -9.22 4.28 -0.04
CA ALA A 115 -10.15 5.37 -0.29
C ALA A 115 -10.63 6.00 1.01
N MET A 116 -10.89 5.16 2.00
CA MET A 116 -11.36 5.64 3.30
C MET A 116 -10.31 6.54 3.95
N LEU A 117 -9.03 6.23 3.70
CA LEU A 117 -7.94 7.01 4.27
C LEU A 117 -7.73 8.31 3.48
N ARG A 118 -7.54 8.18 2.18
CA ARG A 118 -7.33 9.34 1.32
C ARG A 118 -8.55 10.25 1.34
N GLU A 119 -9.73 9.65 1.44
CA GLU A 119 -10.97 10.42 1.47
C GLU A 119 -11.21 11.02 2.85
N ARG A 120 -11.20 10.18 3.87
CA ARG A 120 -11.41 10.62 5.24
C ARG A 120 -10.14 11.27 5.80
N PHE A 121 -9.06 10.50 5.85
CA PHE A 121 -7.79 11.00 6.36
C PHE A 121 -7.99 11.70 7.69
N ALA A 122 -8.97 11.23 8.47
CA ALA A 122 -9.26 11.82 9.77
C ALA A 122 -8.41 11.17 10.86
N GLY A 123 -8.20 9.87 10.75
CA GLY A 123 -7.41 9.15 11.73
C GLY A 123 -5.93 9.18 11.43
N LEU A 124 -5.54 8.62 10.29
CA LEU A 124 -4.14 8.59 9.88
C LEU A 124 -3.45 9.90 10.23
N ASP A 125 -4.21 10.99 10.24
CA ASP A 125 -3.67 12.30 10.56
C ASP A 125 -2.80 12.24 11.80
N THR A 126 -3.30 11.58 12.84
CA THR A 126 -2.57 11.45 14.09
C THR A 126 -1.08 11.30 13.85
N ILE A 127 -0.73 10.71 12.71
CA ILE A 127 0.67 10.51 12.35
C ILE A 127 1.51 11.74 12.68
N LYS A 22 35.28 4.40 11.61
CA LYS A 22 36.02 4.45 12.87
C LYS A 22 35.07 4.44 14.06
N GLN A 23 34.01 5.24 13.99
CA GLN A 23 33.03 5.33 15.05
C GLN A 23 31.64 4.97 14.55
N GLN A 24 31.10 3.86 15.03
CA GLN A 24 29.77 3.41 14.62
C GLN A 24 28.69 4.25 15.29
N LEU A 25 28.72 4.30 16.61
CA LEU A 25 27.73 5.06 17.36
C LEU A 25 27.44 6.40 16.68
N GLN A 26 28.49 7.06 16.22
CA GLN A 26 28.34 8.35 15.55
C GLN A 26 27.51 8.21 14.29
N GLU A 27 26.25 8.66 14.36
CA GLU A 27 25.35 8.58 13.22
C GLU A 27 25.29 9.91 12.48
N HIS A 28 25.66 9.89 11.20
CA HIS A 28 25.65 11.09 10.38
C HIS A 28 24.23 11.48 9.99
N ALA A 29 23.52 10.54 9.38
CA ALA A 29 22.14 10.78 8.95
C ALA A 29 21.19 9.79 9.61
N PRO A 30 19.97 10.26 9.93
CA PRO A 30 18.94 9.42 10.57
C PRO A 30 18.39 8.36 9.63
N SER A 31 17.44 7.57 10.13
CA SER A 31 16.83 6.51 9.33
C SER A 31 15.64 7.03 8.54
N HIS A 32 15.60 6.73 7.25
CA HIS A 32 14.52 7.16 6.39
C HIS A 32 13.16 6.74 6.95
N ALA A 33 12.96 5.43 7.07
CA ALA A 33 11.71 4.90 7.59
C ALA A 33 10.54 5.20 6.66
N ASN A 34 10.79 5.07 5.36
CA ASN A 34 9.76 5.34 4.36
C ASN A 34 9.09 4.04 3.91
N LEU A 35 9.91 3.07 3.53
CA LEU A 35 9.40 1.78 3.08
C LEU A 35 9.72 0.67 4.09
N ASP A 36 10.10 1.09 5.30
CA ASP A 36 10.43 0.14 6.35
C ASP A 36 9.54 -1.09 6.28
N VAL A 37 8.23 -0.86 6.21
CA VAL A 37 7.27 -1.95 6.13
C VAL A 37 7.61 -2.92 5.01
N LYS A 38 6.81 -3.97 4.88
CA LYS A 38 7.03 -4.97 3.84
C LYS A 38 5.95 -4.89 2.76
N TRP A 39 6.07 -5.72 1.74
CA TRP A 39 5.10 -5.74 0.64
C TRP A 39 3.69 -5.90 1.18
N LEU A 40 2.72 -5.89 0.28
CA LEU A 40 1.31 -6.04 0.66
C LEU A 40 1.05 -7.42 1.26
N ASP A 41 1.88 -8.39 0.88
CA ASP A 41 1.75 -9.75 1.39
C ASP A 41 1.42 -9.74 2.88
N GLY A 42 2.02 -8.80 3.61
CA GLY A 42 1.79 -8.71 5.04
C GLY A 42 3.02 -8.26 5.81
N LEU A 43 2.91 -8.24 7.13
CA LEU A 43 4.02 -7.82 7.97
C LEU A 43 4.12 -8.69 9.22
N ARG A 44 5.34 -8.95 9.67
CA ARG A 44 5.58 -9.77 10.84
C ARG A 44 5.78 -8.90 12.08
N ALA A 45 6.57 -7.84 11.93
CA ALA A 45 6.85 -6.93 13.02
C ALA A 45 5.84 -5.78 13.06
N GLY A 46 5.67 -5.19 14.24
CA GLY A 46 4.75 -4.09 14.38
C GLY A 46 3.47 -4.30 13.59
N SER A 47 2.79 -3.21 13.27
CA SER A 47 1.53 -3.28 12.52
C SER A 47 0.51 -4.16 13.23
N MET A 48 0.44 -4.02 14.55
CA MET A 48 -0.50 -4.81 15.35
C MET A 48 -1.90 -4.22 15.28
N ALA A 49 -1.98 -2.89 15.20
CA ALA A 49 -3.27 -2.21 15.13
C ALA A 49 -3.63 -1.88 13.68
N LEU A 50 -2.86 -0.98 13.07
CA LEU A 50 -3.10 -0.58 11.69
C LEU A 50 -2.16 -1.32 10.74
N GLN A 51 -2.32 -1.05 9.45
CA GLN A 51 -1.48 -1.68 8.43
C GLN A 51 -0.44 -0.71 7.90
N GLY A 52 0.81 -0.88 8.34
CA GLY A 52 1.87 -0.02 7.90
C GLY A 52 1.97 0.06 6.39
N ASP A 53 1.67 -1.04 5.72
CA ASP A 53 1.72 -1.10 4.27
C ASP A 53 0.90 0.03 3.64
N VAL A 54 -0.30 0.25 4.18
CA VAL A 54 -1.17 1.31 3.69
C VAL A 54 -0.81 2.66 4.30
N LYS A 55 -0.53 2.65 5.59
CA LYS A 55 -0.17 3.87 6.30
C LYS A 55 0.79 4.73 5.46
N VAL A 56 1.65 4.06 4.70
CA VAL A 56 2.61 4.76 3.86
C VAL A 56 2.05 5.00 2.47
N TRP A 57 1.06 4.20 2.09
CA TRP A 57 0.44 4.31 0.78
C TRP A 57 0.20 5.78 0.43
N MET A 58 0.03 6.62 1.44
CA MET A 58 -0.20 8.04 1.24
C MET A 58 1.12 8.78 1.07
N GLN A 59 2.03 8.60 2.03
CA GLN A 59 3.32 9.25 1.98
C GLN A 59 4.09 8.87 0.71
N ASN A 60 3.79 7.70 0.18
CA ASN A 60 4.45 7.22 -1.04
C ASN A 60 4.10 8.11 -2.23
N LEU A 61 2.81 8.46 -2.33
CA LEU A 61 2.35 9.31 -3.43
C LEU A 61 2.60 10.78 -3.12
N GLU A 62 2.42 11.17 -1.87
CA GLU A 62 2.64 12.54 -1.44
C GLU A 62 3.95 13.09 -2.01
N ASP A 63 4.94 12.21 -2.10
CA ASP A 63 6.26 12.60 -2.62
C ASP A 63 6.27 12.57 -4.15
N LEU A 64 5.94 11.41 -4.71
CA LEU A 64 5.92 11.25 -6.16
C LEU A 64 4.87 12.16 -6.80
N HIS A 65 3.62 12.00 -6.38
CA HIS A 65 2.53 12.81 -6.90
C HIS A 65 2.95 14.27 -7.04
N THR A 66 3.69 14.76 -6.04
CA THR A 66 4.16 16.14 -6.05
C THR A 66 4.84 16.48 -7.37
N ARG A 67 5.65 15.56 -7.88
CA ARG A 67 6.36 15.76 -9.14
C ARG A 67 5.64 15.05 -10.29
N ARG A 68 5.44 13.75 -10.14
CA ARG A 68 4.77 12.95 -11.15
C ARG A 68 3.49 12.31 -10.60
N PRO A 69 2.33 12.85 -11.03
CA PRO A 69 1.03 12.35 -10.60
C PRO A 69 0.72 10.97 -11.16
N ASP A 70 0.79 10.84 -12.47
CA ASP A 70 0.51 9.57 -13.14
C ASP A 70 1.42 8.48 -12.61
N GLU A 71 2.54 8.88 -12.00
CA GLU A 71 3.49 7.92 -11.45
C GLU A 71 3.18 7.63 -9.98
N PHE A 72 2.46 8.55 -9.35
CA PHE A 72 2.10 8.40 -7.94
C PHE A 72 1.64 6.97 -7.65
N THR A 73 0.85 6.41 -8.57
CA THR A 73 0.34 5.06 -8.41
C THR A 73 1.44 4.02 -8.61
N ALA A 74 2.43 4.38 -9.42
CA ALA A 74 3.55 3.49 -9.70
C ALA A 74 4.34 3.18 -8.42
N ARG A 75 4.18 4.03 -7.41
CA ARG A 75 4.87 3.85 -6.15
C ARG A 75 4.30 2.66 -5.38
N LEU A 76 3.06 2.78 -4.95
CA LEU A 76 2.40 1.72 -4.20
C LEU A 76 1.97 0.58 -5.13
N GLN A 77 1.91 0.87 -6.42
CA GLN A 77 1.52 -0.13 -7.42
C GLN A 77 2.40 -1.37 -7.31
N GLN A 78 3.68 -1.16 -7.00
CA GLN A 78 4.63 -2.26 -6.87
C GLN A 78 4.35 -3.07 -5.61
N SER A 79 3.85 -2.40 -4.58
CA SER A 79 3.55 -3.05 -3.31
C SER A 79 2.18 -3.73 -3.37
N THR A 80 1.14 -2.93 -3.56
CA THR A 80 -0.22 -3.45 -3.64
C THR A 80 -0.28 -4.73 -4.46
N ASP A 81 0.70 -4.91 -5.34
CA ASP A 81 0.77 -6.08 -6.20
C ASP A 81 0.63 -7.36 -5.37
N ALA A 82 1.36 -7.41 -4.25
CA ALA A 82 1.32 -8.57 -3.37
C ALA A 82 -0.12 -9.00 -3.09
N LEU A 83 -1.01 -8.03 -2.96
CA LEU A 83 -2.41 -8.31 -2.69
C LEU A 83 -3.18 -8.52 -3.98
N TYR A 84 -3.01 -7.60 -4.92
CA TYR A 84 -3.70 -7.68 -6.21
C TYR A 84 -3.60 -9.10 -6.78
N SER A 85 -2.43 -9.71 -6.65
CA SER A 85 -2.21 -11.06 -7.16
C SER A 85 -2.69 -12.10 -6.16
N HIS A 86 -2.29 -11.94 -4.90
CA HIS A 86 -2.67 -12.86 -3.84
C HIS A 86 -4.18 -13.17 -3.92
N LEU A 87 -4.99 -12.14 -3.73
CA LEU A 87 -6.44 -12.30 -3.77
C LEU A 87 -6.86 -13.10 -5.00
N GLU A 88 -6.51 -12.61 -6.18
CA GLU A 88 -6.85 -13.28 -7.43
C GLU A 88 -6.25 -14.69 -7.46
N ALA A 89 -5.26 -14.93 -6.62
CA ALA A 89 -4.61 -16.23 -6.55
C ALA A 89 -5.40 -17.20 -5.66
N GLN A 90 -5.53 -16.83 -4.39
CA GLN A 90 -6.26 -17.67 -3.44
C GLN A 90 -7.75 -17.34 -3.44
N TRP A 91 -8.07 -16.08 -3.16
CA TRP A 91 -9.46 -15.63 -3.13
C TRP A 91 -10.22 -16.16 -4.33
N ALA A 92 -9.52 -16.39 -5.43
CA ALA A 92 -10.12 -16.90 -6.65
C ALA A 92 -10.86 -18.22 -6.38
N LYS A 93 -10.25 -19.07 -5.57
CA LYS A 93 -10.85 -20.36 -5.23
C LYS A 93 -12.33 -20.22 -4.93
N GLN A 94 -12.72 -19.03 -4.45
CA GLN A 94 -14.12 -18.76 -4.12
C GLN A 94 -15.04 -19.20 -5.26
N HIS A 95 -14.81 -18.64 -6.44
CA HIS A 95 -15.62 -18.96 -7.62
C HIS A 95 -14.74 -19.19 -8.84
N GLY A 96 -13.78 -18.29 -9.04
CA GLY A 96 -12.88 -18.42 -10.18
C GLY A 96 -13.40 -17.67 -11.40
N THR A 97 -14.70 -17.46 -11.45
CA THR A 97 -15.31 -16.75 -12.57
C THR A 97 -15.30 -15.24 -12.36
N PRO A 98 -15.82 -14.82 -11.19
CA PRO A 98 -15.87 -13.39 -10.84
C PRO A 98 -14.49 -12.81 -10.56
N PRO A 99 -13.56 -13.66 -10.13
CA PRO A 99 -12.18 -13.26 -9.83
C PRO A 99 -11.40 -12.88 -11.08
N THR A 100 -11.13 -11.59 -11.23
CA THR A 100 -10.38 -11.10 -12.39
C THR A 100 -9.82 -9.71 -12.13
N ALA A 101 -8.79 -9.35 -12.88
CA ALA A 101 -8.15 -8.04 -12.73
C ALA A 101 -9.21 -6.96 -12.46
N SER A 102 -10.37 -7.11 -13.08
CA SER A 102 -11.45 -6.15 -12.91
C SER A 102 -12.06 -6.26 -11.52
N ASP A 103 -12.42 -7.47 -11.13
CA ASP A 103 -13.02 -7.72 -9.82
C ASP A 103 -12.02 -7.43 -8.70
N VAL A 104 -10.86 -8.09 -8.76
CA VAL A 104 -9.82 -7.91 -7.76
C VAL A 104 -9.63 -6.43 -7.44
N VAL A 105 -10.01 -5.57 -8.38
CA VAL A 105 -9.88 -4.12 -8.19
C VAL A 105 -10.63 -3.66 -6.94
N GLY A 106 -11.79 -4.24 -6.70
CA GLY A 106 -12.58 -3.87 -5.54
C GLY A 106 -13.02 -5.08 -4.74
N MET A 107 -12.56 -6.25 -5.14
CA MET A 107 -12.91 -7.49 -4.45
C MET A 107 -12.28 -7.53 -3.05
N PRO A 108 -10.98 -7.19 -2.98
CA PRO A 108 -10.25 -7.18 -1.71
C PRO A 108 -10.69 -6.05 -0.79
N GLN A 109 -10.05 -5.95 0.37
CA GLN A 109 -10.38 -4.91 1.34
C GLN A 109 -9.67 -3.61 1.01
N TRP A 110 -8.41 -3.73 0.60
CA TRP A 110 -7.61 -2.56 0.26
C TRP A 110 -8.43 -1.54 -0.52
N GLN A 111 -9.13 -2.01 -1.55
CA GLN A 111 -9.95 -1.13 -2.37
C GLN A 111 -10.79 -0.19 -1.50
N GLU A 112 -11.28 -0.72 -0.38
CA GLU A 112 -12.09 0.08 0.54
C GLU A 112 -11.21 0.89 1.47
N TYR A 113 -10.14 0.27 1.97
CA TYR A 113 -9.22 0.93 2.88
C TYR A 113 -8.57 2.13 2.21
N THR A 114 -7.83 1.87 1.13
CA THR A 114 -7.15 2.93 0.40
C THR A 114 -8.05 4.14 0.22
N ALA A 115 -9.35 3.89 0.11
CA ALA A 115 -10.33 4.97 -0.07
C ALA A 115 -10.37 5.88 1.16
N MET A 116 -10.27 5.27 2.34
CA MET A 116 -10.31 6.03 3.58
C MET A 116 -9.15 7.03 3.64
N LEU A 117 -8.11 6.77 2.86
CA LEU A 117 -6.95 7.65 2.83
C LEU A 117 -7.19 8.85 1.92
N ARG A 118 -7.58 8.58 0.68
CA ARG A 118 -7.85 9.64 -0.28
C ARG A 118 -9.09 10.43 0.12
N GLU A 119 -10.13 9.72 0.52
CA GLU A 119 -11.37 10.36 0.93
C GLU A 119 -11.24 10.98 2.33
N ARG A 120 -10.83 10.16 3.29
CA ARG A 120 -10.66 10.63 4.66
C ARG A 120 -9.26 11.20 4.87
N PHE A 121 -8.63 11.63 3.78
CA PHE A 121 -7.30 12.19 3.84
C PHE A 121 -7.19 13.24 4.95
N ALA A 122 -8.30 13.94 5.19
CA ALA A 122 -8.33 14.97 6.22
C ALA A 122 -7.77 14.45 7.53
N GLY A 123 -7.95 13.16 7.77
CA GLY A 123 -7.46 12.55 9.00
C GLY A 123 -6.41 11.47 8.74
N LEU A 124 -5.23 11.90 8.30
CA LEU A 124 -4.14 10.96 8.01
C LEU A 124 -3.10 10.97 9.14
N ASP A 125 -3.17 9.95 9.99
CA ASP A 125 -2.23 9.83 11.11
C ASP A 125 -1.69 8.41 11.22
N THR A 126 -0.77 8.21 12.15
CA THR A 126 -0.17 6.89 12.36
C THR A 126 -1.06 6.02 13.23
N ILE A 127 -1.85 6.65 14.08
CA ILE A 127 -2.75 5.92 14.98
C ILE A 127 -2.12 4.62 15.45
N LYS A 22 28.36 20.43 -3.83
CA LYS A 22 28.21 19.42 -2.78
C LYS A 22 28.01 20.09 -1.42
N GLN A 23 27.05 19.58 -0.66
CA GLN A 23 26.76 20.11 0.66
C GLN A 23 27.90 19.85 1.63
N GLN A 24 28.28 18.57 1.74
CA GLN A 24 29.37 18.18 2.63
C GLN A 24 29.06 18.55 4.07
N LEU A 25 27.80 18.37 4.47
CA LEU A 25 27.37 18.70 5.82
C LEU A 25 26.79 17.48 6.52
N GLN A 26 26.47 17.63 7.80
CA GLN A 26 25.90 16.53 8.58
C GLN A 26 24.53 16.90 9.12
N GLU A 27 23.81 15.90 9.63
CA GLU A 27 22.47 16.13 10.18
C GLU A 27 22.01 14.92 10.98
N HIS A 28 20.93 15.10 11.74
CA HIS A 28 20.39 14.02 12.56
C HIS A 28 18.98 13.64 12.09
N ALA A 29 18.79 12.36 11.76
CA ALA A 29 17.51 11.87 11.29
C ALA A 29 16.79 11.08 12.39
N PRO A 30 15.46 10.99 12.28
CA PRO A 30 14.63 10.26 13.25
C PRO A 30 14.85 8.76 13.18
N SER A 31 14.85 8.11 14.35
CA SER A 31 15.04 6.66 14.42
C SER A 31 14.37 5.96 13.25
N HIS A 32 13.09 6.28 13.04
CA HIS A 32 12.32 5.67 11.95
C HIS A 32 12.84 6.15 10.59
N ALA A 33 12.63 5.33 9.56
CA ALA A 33 13.07 5.67 8.22
C ALA A 33 12.04 5.26 7.18
N ASN A 34 12.26 5.68 5.94
CA ASN A 34 11.33 5.36 4.85
C ASN A 34 11.63 3.97 4.27
N LEU A 35 12.92 3.66 4.14
CA LEU A 35 13.34 2.38 3.60
C LEU A 35 13.31 1.30 4.68
N ASP A 36 12.63 1.60 5.79
CA ASP A 36 12.53 0.66 6.89
C ASP A 36 11.68 -0.55 6.50
N VAL A 37 10.49 -0.28 5.96
CA VAL A 37 9.58 -1.35 5.54
C VAL A 37 9.75 -1.65 4.06
N LYS A 38 9.09 -2.71 3.60
CA LYS A 38 9.16 -3.12 2.20
C LYS A 38 7.77 -3.36 1.63
N TRP A 39 7.70 -3.70 0.35
CA TRP A 39 6.43 -3.96 -0.31
C TRP A 39 5.61 -4.98 0.47
N LEU A 40 4.41 -5.26 -0.01
CA LEU A 40 3.53 -6.22 0.64
C LEU A 40 4.01 -7.64 0.40
N ASP A 41 4.82 -7.83 -0.63
CA ASP A 41 5.35 -9.15 -0.96
C ASP A 41 6.79 -9.28 -0.50
N GLY A 42 7.00 -10.01 0.59
CA GLY A 42 8.33 -10.20 1.12
C GLY A 42 8.75 -9.09 2.07
N LEU A 43 8.87 -9.42 3.35
CA LEU A 43 9.25 -8.45 4.37
C LEU A 43 9.84 -9.13 5.60
N ARG A 44 11.10 -8.84 5.88
CA ARG A 44 11.78 -9.44 7.03
C ARG A 44 11.38 -8.72 8.32
N ALA A 45 11.56 -7.41 8.35
CA ALA A 45 11.21 -6.61 9.52
C ALA A 45 9.98 -7.18 10.23
N GLY A 46 8.83 -7.10 9.57
CA GLY A 46 7.60 -7.60 10.16
C GLY A 46 6.79 -6.51 10.82
N SER A 47 5.52 -6.39 10.42
CA SER A 47 4.64 -5.38 10.98
C SER A 47 3.39 -6.02 11.59
N MET A 48 3.06 -5.61 12.80
CA MET A 48 1.90 -6.15 13.50
C MET A 48 1.09 -5.02 14.15
N ALA A 49 -0.21 -5.25 14.31
CA ALA A 49 -1.09 -4.26 14.92
C ALA A 49 -0.94 -2.90 14.24
N LEU A 50 -0.68 -2.93 12.94
CA LEU A 50 -0.52 -1.70 12.17
C LEU A 50 -0.51 -1.99 10.67
N GLN A 51 -0.93 -1.01 9.88
CA GLN A 51 -0.97 -1.16 8.43
C GLN A 51 -0.05 -0.14 7.76
N GLY A 52 1.12 -0.58 7.32
CA GLY A 52 2.06 0.31 6.67
C GLY A 52 1.75 0.48 5.20
N ASP A 53 0.98 -0.45 4.63
CA ASP A 53 0.63 -0.40 3.23
C ASP A 53 -0.17 0.87 2.92
N VAL A 54 -1.30 1.03 3.60
CA VAL A 54 -2.15 2.19 3.39
C VAL A 54 -1.64 3.40 4.17
N LYS A 55 -1.08 3.14 5.35
CA LYS A 55 -0.55 4.21 6.21
C LYS A 55 0.46 5.05 5.44
N VAL A 56 1.38 4.38 4.73
CA VAL A 56 2.40 5.06 3.96
C VAL A 56 1.93 5.33 2.53
N TRP A 57 0.90 4.61 2.11
CA TRP A 57 0.35 4.76 0.77
C TRP A 57 0.23 6.23 0.40
N MET A 58 0.07 7.09 1.40
CA MET A 58 -0.05 8.52 1.18
C MET A 58 1.33 9.17 1.08
N GLN A 59 2.18 8.91 2.07
CA GLN A 59 3.52 9.48 2.08
C GLN A 59 4.27 9.13 0.81
N ASN A 60 3.94 7.98 0.23
CA ASN A 60 4.58 7.53 -1.00
C ASN A 60 4.28 8.47 -2.15
N LEU A 61 3.01 8.78 -2.34
CA LEU A 61 2.58 9.67 -3.41
C LEU A 61 2.73 11.14 -2.99
N GLU A 62 2.80 11.37 -1.69
CA GLU A 62 2.95 12.72 -1.16
C GLU A 62 4.00 13.49 -1.95
N ASP A 63 5.10 12.82 -2.29
CA ASP A 63 6.18 13.45 -3.04
C ASP A 63 5.88 13.43 -4.53
N LEU A 64 5.73 12.25 -5.09
CA LEU A 64 5.43 12.10 -6.51
C LEU A 64 4.35 13.08 -6.95
N HIS A 65 3.36 13.28 -6.10
CA HIS A 65 2.26 14.19 -6.39
C HIS A 65 2.78 15.48 -7.04
N THR A 66 3.96 15.91 -6.60
CA THR A 66 4.57 17.13 -7.13
C THR A 66 5.30 16.84 -8.43
N ARG A 67 5.87 15.64 -8.55
CA ARG A 67 6.60 15.26 -9.74
C ARG A 67 5.64 14.83 -10.85
N ARG A 68 4.98 13.69 -10.66
CA ARG A 68 4.04 13.18 -11.64
C ARG A 68 3.00 12.28 -10.98
N PRO A 69 1.72 12.56 -11.26
CA PRO A 69 0.60 11.78 -10.72
C PRO A 69 0.53 10.37 -11.28
N ASP A 70 0.53 10.27 -12.60
CA ASP A 70 0.48 8.98 -13.28
C ASP A 70 1.43 7.98 -12.61
N GLU A 71 2.52 8.50 -12.05
CA GLU A 71 3.52 7.66 -11.40
C GLU A 71 3.19 7.47 -9.92
N PHE A 72 2.44 8.43 -9.37
CA PHE A 72 2.06 8.38 -7.97
C PHE A 72 1.51 7.01 -7.60
N THR A 73 0.76 6.40 -8.51
CA THR A 73 0.18 5.09 -8.28
C THR A 73 1.20 3.99 -8.55
N ALA A 74 2.22 4.30 -9.33
CA ALA A 74 3.26 3.34 -9.66
C ALA A 74 4.11 3.01 -8.43
N ARG A 75 4.13 3.94 -7.47
CA ARG A 75 4.91 3.75 -6.25
C ARG A 75 4.29 2.66 -5.38
N LEU A 76 3.10 2.92 -4.86
CA LEU A 76 2.41 1.96 -4.00
C LEU A 76 1.93 0.76 -4.82
N GLN A 77 1.87 0.93 -6.14
CA GLN A 77 1.44 -0.14 -7.03
C GLN A 77 2.13 -1.45 -6.68
N GLN A 78 3.33 -1.35 -6.11
CA GLN A 78 4.10 -2.53 -5.73
C GLN A 78 3.54 -3.16 -4.45
N SER A 79 3.07 -2.32 -3.54
CA SER A 79 2.51 -2.80 -2.28
C SER A 79 1.24 -3.61 -2.52
N THR A 80 0.23 -2.95 -3.08
CA THR A 80 -1.05 -3.60 -3.36
C THR A 80 -0.86 -4.78 -4.30
N ASP A 81 0.24 -4.79 -5.04
CA ASP A 81 0.54 -5.87 -5.97
C ASP A 81 0.38 -7.23 -5.29
N ALA A 82 1.15 -7.44 -4.22
CA ALA A 82 1.09 -8.71 -3.48
C ALA A 82 -0.35 -9.07 -3.13
N LEU A 83 -1.06 -8.13 -2.51
CA LEU A 83 -2.44 -8.36 -2.11
C LEU A 83 -3.29 -8.75 -3.32
N TYR A 84 -3.10 -8.05 -4.43
CA TYR A 84 -3.84 -8.33 -5.65
C TYR A 84 -3.77 -9.81 -6.00
N SER A 85 -2.56 -10.36 -5.99
CA SER A 85 -2.36 -11.77 -6.32
C SER A 85 -2.91 -12.67 -5.21
N HIS A 86 -2.83 -12.19 -3.97
CA HIS A 86 -3.32 -12.94 -2.83
C HIS A 86 -4.83 -13.16 -2.93
N LEU A 87 -5.56 -12.09 -3.24
CA LEU A 87 -7.01 -12.18 -3.37
C LEU A 87 -7.41 -12.88 -4.66
N GLU A 88 -6.75 -12.50 -5.76
CA GLU A 88 -7.03 -13.10 -7.07
C GLU A 88 -6.69 -14.58 -7.07
N ALA A 89 -5.63 -14.93 -6.35
CA ALA A 89 -5.19 -16.32 -6.27
C ALA A 89 -5.96 -17.09 -5.20
N GLN A 90 -5.88 -16.61 -3.97
CA GLN A 90 -6.57 -17.25 -2.85
C GLN A 90 -8.07 -17.33 -3.13
N TRP A 91 -8.69 -16.18 -3.39
CA TRP A 91 -10.12 -16.13 -3.67
C TRP A 91 -10.47 -16.97 -4.89
N ALA A 92 -9.56 -17.00 -5.85
CA ALA A 92 -9.79 -17.78 -7.07
C ALA A 92 -10.16 -19.22 -6.75
N LYS A 93 -9.43 -19.82 -5.82
CA LYS A 93 -9.68 -21.20 -5.41
C LYS A 93 -11.18 -21.42 -5.12
N GLN A 94 -11.82 -20.37 -4.61
CA GLN A 94 -13.24 -20.46 -4.29
C GLN A 94 -14.05 -20.89 -5.52
N HIS A 95 -14.02 -20.08 -6.56
CA HIS A 95 -14.75 -20.38 -7.79
C HIS A 95 -13.89 -20.08 -9.01
N GLY A 96 -13.38 -18.86 -9.10
CA GLY A 96 -12.56 -18.47 -10.22
C GLY A 96 -13.33 -17.71 -11.27
N THR A 97 -14.53 -17.25 -10.91
CA THR A 97 -15.38 -16.52 -11.85
C THR A 97 -15.25 -15.01 -11.62
N PRO A 98 -15.57 -14.56 -10.41
CA PRO A 98 -15.50 -13.14 -10.04
C PRO A 98 -14.07 -12.64 -9.94
N PRO A 99 -13.14 -13.56 -9.64
CA PRO A 99 -11.72 -13.23 -9.50
C PRO A 99 -11.08 -12.89 -10.85
N THR A 100 -10.75 -11.62 -11.04
CA THR A 100 -10.13 -11.17 -12.27
C THR A 100 -9.35 -9.87 -12.06
N ALA A 101 -8.27 -9.70 -12.82
CA ALA A 101 -7.45 -8.51 -12.71
C ALA A 101 -8.31 -7.26 -12.56
N SER A 102 -9.52 -7.31 -13.11
CA SER A 102 -10.44 -6.18 -13.04
C SER A 102 -11.16 -6.15 -11.69
N ASP A 103 -11.69 -7.30 -11.28
CA ASP A 103 -12.40 -7.40 -10.01
C ASP A 103 -11.49 -7.05 -8.85
N VAL A 104 -10.36 -7.75 -8.75
CA VAL A 104 -9.40 -7.50 -7.68
C VAL A 104 -9.17 -6.01 -7.47
N VAL A 105 -9.43 -5.23 -8.51
CA VAL A 105 -9.25 -3.78 -8.44
C VAL A 105 -10.01 -3.19 -7.26
N GLY A 106 -11.22 -3.72 -7.01
CA GLY A 106 -12.03 -3.23 -5.92
C GLY A 106 -12.65 -4.36 -5.11
N MET A 107 -12.39 -5.60 -5.53
CA MET A 107 -12.92 -6.76 -4.84
C MET A 107 -12.41 -6.83 -3.41
N PRO A 108 -11.09 -6.64 -3.23
CA PRO A 108 -10.46 -6.68 -1.91
C PRO A 108 -10.85 -5.48 -1.05
N GLN A 109 -10.34 -5.46 0.18
CA GLN A 109 -10.64 -4.37 1.11
C GLN A 109 -9.73 -3.18 0.86
N TRP A 110 -8.48 -3.46 0.50
CA TRP A 110 -7.51 -2.41 0.23
C TRP A 110 -8.13 -1.28 -0.59
N GLN A 111 -8.99 -1.65 -1.54
CA GLN A 111 -9.66 -0.66 -2.38
C GLN A 111 -10.47 0.31 -1.55
N GLU A 112 -11.22 -0.22 -0.57
CA GLU A 112 -12.04 0.61 0.30
C GLU A 112 -11.19 1.31 1.35
N TYR A 113 -10.30 0.55 1.98
CA TYR A 113 -9.42 1.10 3.02
C TYR A 113 -8.60 2.27 2.47
N THR A 114 -7.80 2.00 1.44
CA THR A 114 -6.97 3.01 0.83
C THR A 114 -7.73 4.33 0.68
N ALA A 115 -9.04 4.23 0.45
CA ALA A 115 -9.88 5.40 0.29
C ALA A 115 -10.33 5.94 1.64
N MET A 116 -10.77 5.04 2.52
CA MET A 116 -11.23 5.44 3.85
C MET A 116 -10.30 6.48 4.46
N LEU A 117 -9.00 6.20 4.42
CA LEU A 117 -8.01 7.11 4.97
C LEU A 117 -8.04 8.45 4.25
N ARG A 118 -8.09 8.41 2.92
CA ARG A 118 -8.13 9.61 2.11
C ARG A 118 -9.20 10.57 2.62
N GLU A 119 -10.45 10.12 2.62
CA GLU A 119 -11.56 10.94 3.08
C GLU A 119 -11.59 11.01 4.61
N ARG A 120 -11.62 9.85 5.25
CA ARG A 120 -11.66 9.78 6.70
C ARG A 120 -10.40 10.39 7.31
N PHE A 121 -9.24 9.84 6.94
CA PHE A 121 -7.97 10.34 7.44
C PHE A 121 -7.94 10.29 8.97
N ALA A 122 -8.35 9.15 9.53
CA ALA A 122 -8.37 8.98 10.98
C ALA A 122 -7.65 7.70 11.38
N GLY A 123 -6.48 7.86 11.99
CA GLY A 123 -5.70 6.71 12.42
C GLY A 123 -4.33 6.65 11.77
N LEU A 124 -4.28 6.92 10.48
CA LEU A 124 -3.02 6.90 9.73
C LEU A 124 -1.98 7.78 10.42
N ASP A 125 -0.97 7.15 11.01
CA ASP A 125 0.08 7.88 11.70
C ASP A 125 1.37 7.05 11.76
N THR A 126 2.50 7.73 11.91
CA THR A 126 3.79 7.05 11.97
C THR A 126 4.13 6.64 13.40
N ILE A 127 3.94 5.37 13.70
CA ILE A 127 4.23 4.85 15.03
C ILE A 127 4.87 3.47 14.95
N LYS A 22 30.05 18.00 9.18
CA LYS A 22 31.31 17.97 8.44
C LYS A 22 32.27 16.96 9.05
N GLN A 23 32.10 16.69 10.35
CA GLN A 23 32.95 15.74 11.06
C GLN A 23 32.28 14.38 11.14
N GLN A 24 31.03 14.36 11.60
CA GLN A 24 30.29 13.11 11.72
C GLN A 24 29.26 12.97 10.61
N LEU A 25 29.05 11.74 10.15
CA LEU A 25 28.09 11.47 9.08
C LEU A 25 26.81 10.84 9.64
N GLN A 26 25.67 11.26 9.11
CA GLN A 26 24.38 10.74 9.56
C GLN A 26 23.87 9.68 8.59
N GLU A 27 23.04 8.78 9.10
CA GLU A 27 22.48 7.71 8.28
C GLU A 27 21.23 8.20 7.54
N HIS A 28 21.37 8.42 6.24
CA HIS A 28 20.25 8.89 5.42
C HIS A 28 19.22 7.78 5.24
N ALA A 29 19.67 6.62 4.79
CA ALA A 29 18.79 5.48 4.56
C ALA A 29 18.00 5.15 5.83
N PRO A 30 16.69 5.38 5.80
CA PRO A 30 15.80 5.11 6.94
C PRO A 30 15.63 3.61 7.19
N SER A 31 15.93 3.19 8.41
CA SER A 31 15.81 1.78 8.78
C SER A 31 14.87 1.61 9.97
N HIS A 32 13.78 0.88 9.76
CA HIS A 32 12.80 0.63 10.80
C HIS A 32 12.12 1.93 11.23
N ALA A 33 11.82 2.78 10.26
CA ALA A 33 11.16 4.06 10.52
C ALA A 33 9.66 3.94 10.35
N ASN A 34 8.93 4.93 10.88
CA ASN A 34 7.48 4.94 10.79
C ASN A 34 7.02 5.10 9.34
N LEU A 35 7.66 6.01 8.62
CA LEU A 35 7.32 6.25 7.22
C LEU A 35 7.85 5.13 6.33
N ASP A 36 9.02 4.61 6.66
CA ASP A 36 9.63 3.52 5.90
C ASP A 36 8.77 2.26 5.96
N VAL A 37 8.46 1.72 4.79
CA VAL A 37 7.65 0.51 4.70
C VAL A 37 8.09 -0.38 3.55
N LYS A 38 8.18 -1.67 3.80
CA LYS A 38 8.60 -2.63 2.78
C LYS A 38 7.38 -3.19 2.03
N TRP A 39 7.64 -4.05 1.06
CA TRP A 39 6.58 -4.65 0.26
C TRP A 39 5.52 -5.27 1.16
N LEU A 40 4.38 -5.66 0.56
CA LEU A 40 3.30 -6.27 1.31
C LEU A 40 3.71 -7.63 1.86
N ASP A 41 4.91 -8.06 1.51
CA ASP A 41 5.42 -9.35 1.96
C ASP A 41 5.30 -9.49 3.48
N GLY A 42 5.75 -8.47 4.20
CA GLY A 42 5.68 -8.49 5.64
C GLY A 42 6.33 -7.27 6.28
N LEU A 43 5.85 -6.91 7.47
CA LEU A 43 6.39 -5.76 8.17
C LEU A 43 6.15 -5.89 9.68
N ARG A 44 7.20 -5.69 10.46
CA ARG A 44 7.10 -5.78 11.92
C ARG A 44 6.92 -4.40 12.54
N ALA A 45 7.72 -3.44 12.10
CA ALA A 45 7.63 -2.08 12.61
C ALA A 45 6.23 -1.51 12.44
N GLY A 46 5.76 -0.81 13.47
CA GLY A 46 4.43 -0.23 13.42
C GLY A 46 3.42 -1.15 12.75
N SER A 47 2.45 -0.55 12.06
CA SER A 47 1.42 -1.31 11.38
C SER A 47 0.57 -2.11 12.37
N MET A 48 0.29 -1.50 13.51
CA MET A 48 -0.52 -2.15 14.55
C MET A 48 -1.99 -1.79 14.39
N ALA A 49 -2.30 -0.51 14.54
CA ALA A 49 -3.69 -0.05 14.41
C ALA A 49 -4.09 0.08 12.96
N LEU A 50 -3.45 1.02 12.26
CA LEU A 50 -3.74 1.26 10.85
C LEU A 50 -2.80 0.45 9.95
N GLN A 51 -2.99 0.56 8.64
CA GLN A 51 -2.17 -0.15 7.68
C GLN A 51 -1.04 0.75 7.18
N GLY A 52 0.20 0.39 7.52
CA GLY A 52 1.34 1.17 7.09
C GLY A 52 1.64 0.99 5.61
N ASP A 53 1.13 -0.09 5.03
CA ASP A 53 1.34 -0.37 3.61
C ASP A 53 0.71 0.70 2.75
N VAL A 54 -0.57 0.98 3.00
CA VAL A 54 -1.30 1.99 2.24
C VAL A 54 -1.03 3.39 2.79
N LYS A 55 -0.90 3.49 4.11
CA LYS A 55 -0.65 4.77 4.76
C LYS A 55 0.38 5.58 3.99
N VAL A 56 1.31 4.88 3.33
CA VAL A 56 2.35 5.54 2.55
C VAL A 56 1.89 5.76 1.10
N TRP A 57 0.96 4.93 0.65
CA TRP A 57 0.44 5.03 -0.71
C TRP A 57 0.12 6.48 -1.07
N MET A 58 -0.06 7.30 -0.04
CA MET A 58 -0.36 8.72 -0.24
C MET A 58 0.91 9.54 -0.38
N GLN A 59 1.71 9.56 0.68
CA GLN A 59 2.96 10.30 0.68
C GLN A 59 3.82 9.94 -0.53
N ASN A 60 3.63 8.73 -1.04
CA ASN A 60 4.38 8.26 -2.20
C ASN A 60 4.06 9.10 -3.43
N LEU A 61 2.77 9.18 -3.76
CA LEU A 61 2.31 9.94 -4.91
C LEU A 61 2.18 11.42 -4.57
N GLU A 62 2.11 11.72 -3.28
CA GLU A 62 1.98 13.09 -2.82
C GLU A 62 2.93 14.01 -3.59
N ASP A 63 3.98 13.43 -4.15
CA ASP A 63 4.95 14.20 -4.93
C ASP A 63 4.45 14.46 -6.35
N LEU A 64 4.09 13.39 -7.04
CA LEU A 64 3.60 13.51 -8.41
C LEU A 64 2.17 14.05 -8.43
N HIS A 65 1.51 13.99 -7.28
CA HIS A 65 0.14 14.48 -7.17
C HIS A 65 -0.02 15.83 -7.86
N THR A 66 0.91 16.74 -7.59
CA THR A 66 0.88 18.06 -8.20
C THR A 66 0.49 17.99 -9.67
N ARG A 67 0.85 16.88 -10.31
CA ARG A 67 0.54 16.69 -11.72
C ARG A 67 -0.40 15.50 -11.93
N ARG A 68 0.04 14.33 -11.48
CA ARG A 68 -0.76 13.12 -11.61
C ARG A 68 -0.34 12.08 -10.57
N PRO A 69 -1.17 11.92 -9.53
CA PRO A 69 -0.91 10.96 -8.46
C PRO A 69 -1.05 9.51 -8.91
N ASP A 70 -2.07 9.25 -9.72
CA ASP A 70 -2.31 7.91 -10.24
C ASP A 70 -1.10 7.38 -10.99
N GLU A 71 -0.21 8.29 -11.38
CA GLU A 71 1.00 7.92 -12.10
C GLU A 71 2.06 7.39 -11.15
N PHE A 72 2.42 8.21 -10.15
CA PHE A 72 3.43 7.82 -9.18
C PHE A 72 3.08 6.50 -8.52
N THR A 73 1.81 6.10 -8.65
CA THR A 73 1.35 4.85 -8.07
C THR A 73 2.40 3.75 -8.21
N ALA A 74 3.26 3.89 -9.21
CA ALA A 74 4.31 2.91 -9.46
C ALA A 74 5.09 2.62 -8.18
N ARG A 75 4.99 3.51 -7.20
CA ARG A 75 5.69 3.35 -5.94
C ARG A 75 4.97 2.35 -5.04
N LEU A 76 3.77 2.71 -4.60
CA LEU A 76 2.97 1.85 -3.74
C LEU A 76 2.53 0.58 -4.49
N GLN A 77 2.47 0.68 -5.81
CA GLN A 77 2.06 -0.45 -6.64
C GLN A 77 2.91 -1.68 -6.33
N GLN A 78 4.14 -1.45 -5.88
CA GLN A 78 5.04 -2.53 -5.55
C GLN A 78 4.49 -3.39 -4.41
N SER A 79 3.86 -2.73 -3.44
CA SER A 79 3.29 -3.43 -2.29
C SER A 79 1.92 -4.00 -2.64
N THR A 80 0.98 -3.12 -2.97
CA THR A 80 -0.36 -3.55 -3.32
C THR A 80 -0.35 -4.77 -4.24
N ASP A 81 0.78 -4.96 -4.93
CA ASP A 81 0.92 -6.09 -5.84
C ASP A 81 0.63 -7.40 -5.13
N ALA A 82 1.33 -7.63 -4.02
CA ALA A 82 1.14 -8.85 -3.24
C ALA A 82 -0.34 -9.13 -3.00
N LEU A 83 -1.05 -8.12 -2.49
CA LEU A 83 -2.47 -8.25 -2.21
C LEU A 83 -3.25 -8.51 -3.49
N TYR A 84 -3.02 -7.68 -4.50
CA TYR A 84 -3.71 -7.82 -5.77
C TYR A 84 -3.66 -9.26 -6.28
N SER A 85 -2.45 -9.78 -6.42
CA SER A 85 -2.25 -11.15 -6.90
C SER A 85 -2.71 -12.15 -5.85
N HIS A 86 -2.49 -11.82 -4.58
CA HIS A 86 -2.88 -12.70 -3.48
C HIS A 86 -4.35 -13.10 -3.61
N LEU A 87 -5.24 -12.12 -3.51
CA LEU A 87 -6.68 -12.37 -3.62
C LEU A 87 -6.99 -13.20 -4.85
N GLU A 88 -6.56 -12.72 -6.01
CA GLU A 88 -6.80 -13.42 -7.27
C GLU A 88 -6.10 -14.78 -7.28
N ALA A 89 -5.13 -14.94 -6.38
CA ALA A 89 -4.40 -16.19 -6.29
C ALA A 89 -5.15 -17.22 -5.44
N GLN A 90 -5.39 -16.87 -4.18
CA GLN A 90 -6.11 -17.76 -3.27
C GLN A 90 -7.61 -17.55 -3.37
N TRP A 91 -8.05 -16.31 -3.15
CA TRP A 91 -9.46 -15.97 -3.22
C TRP A 91 -10.10 -16.54 -4.48
N ALA A 92 -9.30 -16.72 -5.52
CA ALA A 92 -9.79 -17.25 -6.78
C ALA A 92 -10.38 -18.64 -6.59
N LYS A 93 -9.72 -19.46 -5.77
CA LYS A 93 -10.18 -20.81 -5.50
C LYS A 93 -11.69 -20.84 -5.27
N GLN A 94 -12.24 -19.71 -4.87
CA GLN A 94 -13.68 -19.59 -4.62
C GLN A 94 -14.48 -20.10 -5.81
N HIS A 95 -14.28 -19.46 -6.96
CA HIS A 95 -14.99 -19.85 -8.18
C HIS A 95 -14.03 -19.89 -9.37
N GLY A 96 -13.24 -18.85 -9.53
CA GLY A 96 -12.29 -18.78 -10.63
C GLY A 96 -12.82 -18.00 -11.81
N THR A 97 -14.14 -17.91 -11.90
CA THR A 97 -14.77 -17.17 -13.00
C THR A 97 -14.91 -15.69 -12.66
N PRO A 98 -15.51 -15.40 -11.49
CA PRO A 98 -15.72 -14.02 -11.03
C PRO A 98 -14.41 -13.34 -10.64
N PRO A 99 -13.41 -14.15 -10.24
CA PRO A 99 -12.09 -13.64 -9.84
C PRO A 99 -11.31 -13.09 -11.02
N THR A 100 -11.27 -11.76 -11.14
CA THR A 100 -10.54 -11.11 -12.23
C THR A 100 -10.21 -9.67 -11.87
N ALA A 101 -9.31 -9.07 -12.64
CA ALA A 101 -8.90 -7.69 -12.41
C ALA A 101 -10.10 -6.80 -12.15
N SER A 102 -11.20 -7.07 -12.84
CA SER A 102 -12.42 -6.29 -12.68
C SER A 102 -12.98 -6.43 -11.27
N ASP A 103 -12.84 -7.62 -10.70
CA ASP A 103 -13.32 -7.88 -9.35
C ASP A 103 -12.23 -7.63 -8.32
N VAL A 104 -11.13 -8.36 -8.42
CA VAL A 104 -10.01 -8.20 -7.50
C VAL A 104 -9.70 -6.74 -7.25
N VAL A 105 -9.95 -5.90 -8.27
CA VAL A 105 -9.70 -4.47 -8.16
C VAL A 105 -10.41 -3.88 -6.94
N GLY A 106 -11.61 -4.35 -6.68
CA GLY A 106 -12.37 -3.86 -5.55
C GLY A 106 -12.93 -4.97 -4.69
N MET A 107 -12.56 -6.21 -5.02
CA MET A 107 -13.02 -7.38 -4.26
C MET A 107 -12.46 -7.37 -2.85
N PRO A 108 -11.14 -7.12 -2.73
CA PRO A 108 -10.46 -7.09 -1.43
C PRO A 108 -10.85 -5.87 -0.61
N GLN A 109 -10.26 -5.74 0.57
CA GLN A 109 -10.55 -4.62 1.46
C GLN A 109 -9.72 -3.39 1.08
N TRP A 110 -8.49 -3.63 0.62
CA TRP A 110 -7.61 -2.55 0.23
C TRP A 110 -8.36 -1.49 -0.56
N GLN A 111 -9.37 -1.92 -1.31
CA GLN A 111 -10.17 -1.01 -2.13
C GLN A 111 -11.04 -0.12 -1.24
N GLU A 112 -11.60 -0.71 -0.19
CA GLU A 112 -12.46 0.03 0.73
C GLU A 112 -11.63 0.86 1.70
N TYR A 113 -10.54 0.29 2.18
CA TYR A 113 -9.65 0.97 3.11
C TYR A 113 -8.96 2.16 2.44
N THR A 114 -8.25 1.88 1.36
CA THR A 114 -7.54 2.92 0.62
C THR A 114 -8.42 4.15 0.42
N ALA A 115 -9.74 3.94 0.45
CA ALA A 115 -10.69 5.03 0.27
C ALA A 115 -10.82 5.86 1.55
N MET A 116 -10.79 5.18 2.70
CA MET A 116 -10.91 5.85 3.98
C MET A 116 -9.73 6.77 4.23
N LEU A 117 -8.54 6.34 3.81
CA LEU A 117 -7.33 7.13 3.98
C LEU A 117 -7.24 8.23 2.94
N ARG A 118 -7.37 7.84 1.66
CA ARG A 118 -7.31 8.80 0.57
C ARG A 118 -8.43 9.83 0.68
N GLU A 119 -9.62 9.37 1.07
CA GLU A 119 -10.77 10.25 1.22
C GLU A 119 -10.66 11.08 2.49
N ARG A 120 -10.45 10.40 3.62
CA ARG A 120 -10.34 11.08 4.90
C ARG A 120 -8.88 11.46 5.19
N PHE A 121 -8.06 11.45 4.15
CA PHE A 121 -6.65 11.80 4.28
C PHE A 121 -6.48 13.05 5.13
N ALA A 122 -7.36 14.03 4.92
CA ALA A 122 -7.29 15.28 5.67
C ALA A 122 -6.94 15.03 7.13
N GLY A 123 -7.25 13.82 7.61
CA GLY A 123 -6.96 13.48 8.99
C GLY A 123 -5.55 12.98 9.18
N LEU A 124 -5.27 11.78 8.68
CA LEU A 124 -3.94 11.18 8.80
C LEU A 124 -2.86 12.20 8.46
N ASP A 125 -3.21 13.18 7.64
CA ASP A 125 -2.27 14.22 7.24
C ASP A 125 -1.51 14.75 8.45
N THR A 126 -2.10 14.62 9.63
CA THR A 126 -1.47 15.08 10.86
C THR A 126 -0.04 14.59 10.96
N ILE A 127 0.28 13.53 10.24
CA ILE A 127 1.62 12.97 10.24
C ILE A 127 2.13 12.72 8.82
N LYS A 22 21.98 -1.79 19.00
CA LYS A 22 20.78 -1.00 19.27
C LYS A 22 20.93 -0.20 20.56
N GLN A 23 22.11 0.38 20.77
CA GLN A 23 22.38 1.17 21.96
C GLN A 23 21.60 2.47 21.94
N GLN A 24 21.56 3.12 20.79
CA GLN A 24 20.85 4.38 20.64
C GLN A 24 19.39 4.23 21.06
N LEU A 25 18.66 5.35 21.07
CA LEU A 25 17.26 5.35 21.45
C LEU A 25 16.48 4.29 20.68
N GLN A 26 15.24 4.03 21.11
CA GLN A 26 14.40 3.05 20.46
C GLN A 26 13.68 3.65 19.26
N GLU A 27 12.92 2.83 18.55
CA GLU A 27 12.17 3.28 17.39
C GLU A 27 10.76 3.70 17.77
N HIS A 28 10.21 4.68 17.05
CA HIS A 28 8.86 5.16 17.32
C HIS A 28 7.83 4.32 16.58
N ALA A 29 8.00 4.19 15.27
CA ALA A 29 7.09 3.41 14.45
C ALA A 29 7.50 1.94 14.42
N PRO A 30 6.50 1.05 14.24
CA PRO A 30 6.72 -0.39 14.19
C PRO A 30 7.46 -0.81 12.93
N SER A 31 7.57 0.10 11.97
CA SER A 31 8.25 -0.19 10.71
C SER A 31 9.76 -0.32 10.93
N HIS A 32 10.35 -1.32 10.31
CA HIS A 32 11.79 -1.56 10.43
C HIS A 32 12.54 -0.24 10.53
N ALA A 33 12.37 0.63 9.55
CA ALA A 33 13.03 1.92 9.53
C ALA A 33 12.21 2.95 8.77
N ASN A 34 12.53 4.23 8.97
CA ASN A 34 11.82 5.31 8.31
C ASN A 34 11.97 5.19 6.79
N LEU A 35 10.84 5.23 6.09
CA LEU A 35 10.84 5.13 4.64
C LEU A 35 11.44 3.81 4.17
N ASP A 36 11.10 2.73 4.88
CA ASP A 36 11.61 1.40 4.54
C ASP A 36 10.55 0.34 4.80
N VAL A 37 9.99 -0.20 3.73
CA VAL A 37 8.96 -1.24 3.83
C VAL A 37 9.11 -2.28 2.73
N LYS A 38 8.82 -3.54 3.06
CA LYS A 38 8.91 -4.62 2.09
C LYS A 38 7.63 -4.73 1.27
N TRP A 39 7.61 -5.65 0.32
CA TRP A 39 6.45 -5.86 -0.54
C TRP A 39 5.27 -6.40 0.27
N LEU A 40 4.13 -6.52 -0.38
CA LEU A 40 2.92 -7.03 0.28
C LEU A 40 2.98 -8.54 0.42
N ASP A 41 3.61 -9.20 -0.54
CA ASP A 41 3.73 -10.65 -0.54
C ASP A 41 3.90 -11.17 0.89
N GLY A 42 4.80 -10.55 1.64
CA GLY A 42 5.04 -10.96 3.01
C GLY A 42 5.90 -9.97 3.77
N LEU A 43 5.89 -10.06 5.09
CA LEU A 43 6.67 -9.17 5.94
C LEU A 43 7.01 -9.84 7.27
N ARG A 44 8.31 -9.98 7.54
CA ARG A 44 8.77 -10.60 8.78
C ARG A 44 8.58 -9.66 9.96
N ALA A 45 9.20 -8.48 9.88
CA ALA A 45 9.10 -7.49 10.93
C ALA A 45 8.68 -6.13 10.39
N GLY A 46 7.65 -5.54 10.99
CA GLY A 46 7.16 -4.26 10.54
C GLY A 46 5.65 -4.13 10.65
N SER A 47 4.94 -4.88 9.83
CA SER A 47 3.48 -4.85 9.83
C SER A 47 2.94 -4.94 11.26
N MET A 48 3.15 -6.09 11.89
CA MET A 48 2.69 -6.30 13.25
C MET A 48 1.17 -6.19 13.34
N ALA A 49 0.50 -6.60 12.26
CA ALA A 49 -0.95 -6.55 12.21
C ALA A 49 -1.47 -5.12 12.40
N LEU A 50 -0.81 -4.17 11.76
CA LEU A 50 -1.19 -2.77 11.86
C LEU A 50 -1.56 -2.21 10.48
N GLN A 51 -1.98 -0.94 10.46
CA GLN A 51 -2.37 -0.29 9.22
C GLN A 51 -1.16 0.31 8.52
N GLY A 52 0.03 -0.13 8.91
CA GLY A 52 1.25 0.38 8.32
C GLY A 52 1.33 0.12 6.82
N ASP A 53 0.51 -0.82 6.35
CA ASP A 53 0.48 -1.16 4.93
C ASP A 53 -0.14 -0.02 4.11
N VAL A 54 -1.36 0.35 4.44
CA VAL A 54 -2.06 1.41 3.74
C VAL A 54 -1.66 2.79 4.29
N LYS A 55 -1.27 2.81 5.56
CA LYS A 55 -0.86 4.05 6.21
C LYS A 55 0.22 4.76 5.39
N VAL A 56 1.09 3.99 4.77
CA VAL A 56 2.17 4.54 3.95
C VAL A 56 1.67 4.86 2.54
N TRP A 57 0.58 4.22 2.14
CA TRP A 57 0.02 4.44 0.82
C TRP A 57 -0.01 5.93 0.48
N MET A 58 -0.54 6.73 1.39
CA MET A 58 -0.63 8.18 1.17
C MET A 58 0.77 8.79 1.07
N GLN A 59 1.61 8.50 2.07
CA GLN A 59 2.97 9.04 2.09
C GLN A 59 3.73 8.62 0.84
N ASN A 60 3.32 7.51 0.23
CA ASN A 60 3.96 7.00 -0.96
C ASN A 60 3.69 7.93 -2.16
N LEU A 61 2.42 8.32 -2.31
CA LEU A 61 2.03 9.20 -3.40
C LEU A 61 2.32 10.65 -3.06
N GLU A 62 2.32 10.98 -1.78
CA GLU A 62 2.59 12.33 -1.31
C GLU A 62 3.89 12.86 -1.92
N ASP A 63 4.92 12.03 -1.90
CA ASP A 63 6.22 12.42 -2.45
C ASP A 63 6.25 12.22 -3.97
N LEU A 64 5.81 11.05 -4.42
CA LEU A 64 5.78 10.75 -5.84
C LEU A 64 4.98 11.80 -6.61
N HIS A 65 3.72 11.94 -6.26
CA HIS A 65 2.84 12.91 -6.91
C HIS A 65 3.56 14.24 -7.12
N THR A 66 4.34 14.65 -6.12
CA THR A 66 5.07 15.90 -6.20
C THR A 66 5.75 16.07 -7.55
N ARG A 67 6.26 14.96 -8.10
CA ARG A 67 6.92 14.98 -9.39
C ARG A 67 5.94 14.68 -10.51
N ARG A 68 5.47 13.43 -10.56
CA ARG A 68 4.53 13.01 -11.59
C ARG A 68 3.40 12.20 -10.97
N PRO A 69 2.15 12.55 -11.32
CA PRO A 69 0.96 11.87 -10.81
C PRO A 69 0.81 10.46 -11.38
N ASP A 70 0.89 10.36 -12.70
CA ASP A 70 0.76 9.07 -13.38
C ASP A 70 1.65 8.03 -12.72
N GLU A 71 2.73 8.48 -12.10
CA GLU A 71 3.66 7.58 -11.42
C GLU A 71 3.26 7.38 -9.95
N PHE A 72 2.50 8.33 -9.42
CA PHE A 72 2.05 8.27 -8.04
C PHE A 72 1.53 6.87 -7.70
N THR A 73 0.83 6.26 -8.65
CA THR A 73 0.27 4.93 -8.46
C THR A 73 1.35 3.86 -8.60
N ALA A 74 2.42 4.21 -9.31
CA ALA A 74 3.52 3.27 -9.51
C ALA A 74 4.25 2.97 -8.21
N ARG A 75 4.08 3.85 -7.23
CA ARG A 75 4.71 3.68 -5.93
C ARG A 75 4.05 2.58 -5.12
N LEU A 76 2.79 2.81 -4.74
CA LEU A 76 2.04 1.84 -3.97
C LEU A 76 1.70 0.62 -4.82
N GLN A 77 1.79 0.77 -6.14
CA GLN A 77 1.50 -0.32 -7.05
C GLN A 77 2.57 -1.41 -6.97
N GLN A 78 3.80 -0.99 -6.68
CA GLN A 78 4.91 -1.93 -6.58
C GLN A 78 4.68 -2.92 -5.45
N SER A 79 4.28 -2.42 -4.28
CA SER A 79 4.03 -3.27 -3.13
C SER A 79 2.62 -3.85 -3.17
N THR A 80 1.62 -2.97 -3.14
CA THR A 80 0.23 -3.40 -3.18
C THR A 80 0.02 -4.49 -4.21
N ASP A 81 0.89 -4.53 -5.22
CA ASP A 81 0.80 -5.53 -6.28
C ASP A 81 0.58 -6.92 -5.69
N ALA A 82 1.34 -7.24 -4.64
CA ALA A 82 1.22 -8.54 -3.98
C ALA A 82 -0.16 -8.72 -3.37
N LEU A 83 -0.69 -7.66 -2.77
CA LEU A 83 -2.00 -7.71 -2.15
C LEU A 83 -3.09 -7.96 -3.19
N TYR A 84 -2.97 -7.31 -4.34
CA TYR A 84 -3.93 -7.47 -5.42
C TYR A 84 -3.80 -8.84 -6.08
N SER A 85 -2.58 -9.21 -6.43
CA SER A 85 -2.31 -10.49 -7.08
C SER A 85 -2.66 -11.64 -6.14
N HIS A 86 -2.26 -11.51 -4.88
CA HIS A 86 -2.53 -12.54 -3.89
C HIS A 86 -4.01 -12.91 -3.87
N LEU A 87 -4.87 -11.91 -4.01
CA LEU A 87 -6.31 -12.13 -4.01
C LEU A 87 -6.78 -12.68 -5.35
N GLU A 88 -6.53 -11.92 -6.41
CA GLU A 88 -6.93 -12.34 -7.76
C GLU A 88 -6.41 -13.74 -8.07
N ALA A 89 -5.24 -14.07 -7.52
CA ALA A 89 -4.64 -15.38 -7.74
C ALA A 89 -5.20 -16.41 -6.76
N GLN A 90 -5.04 -16.14 -5.46
CA GLN A 90 -5.52 -17.05 -4.43
C GLN A 90 -7.05 -17.14 -4.47
N TRP A 91 -7.72 -15.99 -4.39
CA TRP A 91 -9.17 -15.95 -4.41
C TRP A 91 -9.71 -16.58 -5.68
N ALA A 92 -8.94 -16.48 -6.77
CA ALA A 92 -9.35 -17.06 -8.04
C ALA A 92 -9.85 -18.49 -7.88
N LYS A 93 -9.16 -19.26 -7.03
CA LYS A 93 -9.53 -20.64 -6.78
C LYS A 93 -11.04 -20.78 -6.63
N GLN A 94 -11.69 -19.70 -6.21
CA GLN A 94 -13.14 -19.70 -6.02
C GLN A 94 -13.86 -19.92 -7.36
N HIS A 95 -13.64 -19.00 -8.30
CA HIS A 95 -14.26 -19.08 -9.60
C HIS A 95 -13.25 -18.80 -10.71
N GLY A 96 -12.55 -17.67 -10.58
CA GLY A 96 -11.56 -17.30 -11.58
C GLY A 96 -12.17 -16.57 -12.76
N THR A 97 -13.49 -16.72 -12.93
CA THR A 97 -14.19 -16.08 -14.03
C THR A 97 -14.64 -14.68 -13.65
N PRO A 98 -15.36 -14.57 -12.53
CA PRO A 98 -15.88 -13.28 -12.02
C PRO A 98 -14.75 -12.39 -11.51
N PRO A 99 -13.66 -13.01 -11.05
CA PRO A 99 -12.50 -12.28 -10.52
C PRO A 99 -11.74 -11.53 -11.60
N THR A 100 -11.55 -10.23 -11.40
CA THR A 100 -10.84 -9.40 -12.35
C THR A 100 -10.14 -8.24 -11.66
N ALA A 101 -9.05 -7.77 -12.27
CA ALA A 101 -8.27 -6.67 -11.71
C ALA A 101 -9.19 -5.53 -11.27
N SER A 102 -10.34 -5.42 -11.92
CA SER A 102 -11.30 -4.37 -11.60
C SER A 102 -12.09 -4.72 -10.33
N ASP A 103 -12.27 -6.01 -10.10
CA ASP A 103 -13.00 -6.48 -8.93
C ASP A 103 -12.06 -6.71 -7.75
N VAL A 104 -11.00 -7.47 -8.00
CA VAL A 104 -10.01 -7.76 -6.96
C VAL A 104 -9.56 -6.49 -6.26
N VAL A 105 -9.73 -5.36 -6.92
CA VAL A 105 -9.34 -4.07 -6.36
C VAL A 105 -10.30 -3.64 -5.26
N GLY A 106 -11.56 -4.05 -5.39
CA GLY A 106 -12.56 -3.69 -4.39
C GLY A 106 -13.27 -4.91 -3.82
N MET A 107 -12.87 -6.09 -4.29
CA MET A 107 -13.48 -7.33 -3.82
C MET A 107 -12.96 -7.69 -2.43
N PRO A 108 -11.65 -7.48 -2.21
CA PRO A 108 -11.00 -7.77 -0.93
C PRO A 108 -11.45 -6.83 0.18
N GLN A 109 -10.72 -6.83 1.29
CA GLN A 109 -11.04 -5.97 2.42
C GLN A 109 -10.56 -4.54 2.16
N TRP A 110 -9.27 -4.39 1.92
CA TRP A 110 -8.69 -3.08 1.65
C TRP A 110 -9.59 -2.25 0.75
N GLN A 111 -10.50 -2.94 0.04
CA GLN A 111 -11.41 -2.26 -0.87
C GLN A 111 -11.88 -0.93 -0.29
N GLU A 112 -12.38 -0.96 0.93
CA GLU A 112 -12.85 0.25 1.60
C GLU A 112 -11.69 1.05 2.17
N TYR A 113 -10.83 0.39 2.93
CA TYR A 113 -9.68 1.04 3.54
C TYR A 113 -8.95 1.91 2.52
N THR A 114 -8.41 1.28 1.48
CA THR A 114 -7.69 1.98 0.44
C THR A 114 -8.42 3.26 0.03
N ALA A 115 -9.75 3.20 0.04
CA ALA A 115 -10.57 4.35 -0.32
C ALA A 115 -10.75 5.30 0.87
N MET A 116 -10.77 4.73 2.06
CA MET A 116 -10.93 5.52 3.28
C MET A 116 -9.81 6.56 3.41
N LEU A 117 -8.68 6.28 2.76
CA LEU A 117 -7.54 7.19 2.81
C LEU A 117 -7.86 8.50 2.11
N ARG A 118 -8.26 8.41 0.85
CA ARG A 118 -8.60 9.60 0.06
C ARG A 118 -10.01 10.07 0.39
N GLU A 119 -10.85 9.15 0.84
CA GLU A 119 -12.23 9.49 1.19
C GLU A 119 -12.34 9.99 2.62
N ARG A 120 -11.84 9.19 3.55
CA ARG A 120 -11.87 9.56 4.97
C ARG A 120 -10.69 10.45 5.32
N PHE A 121 -10.06 11.04 4.30
CA PHE A 121 -8.91 11.91 4.52
C PHE A 121 -9.28 13.08 5.43
N ALA A 122 -8.74 13.05 6.65
CA ALA A 122 -9.00 14.11 7.62
C ALA A 122 -7.73 14.87 7.97
N GLY A 123 -6.61 14.16 7.98
CA GLY A 123 -5.33 14.79 8.29
C GLY A 123 -4.17 13.83 8.17
N LEU A 124 -4.23 12.95 7.18
CA LEU A 124 -3.17 11.97 6.95
C LEU A 124 -2.16 12.49 5.94
N ASP A 125 -2.67 13.09 4.86
CA ASP A 125 -1.80 13.62 3.82
C ASP A 125 -0.55 14.25 4.42
N THR A 126 -0.73 15.03 5.48
CA THR A 126 0.39 15.69 6.15
C THR A 126 1.58 14.75 6.27
N ILE A 127 1.32 13.52 6.70
CA ILE A 127 2.37 12.52 6.87
C ILE A 127 2.27 11.44 5.80
N LYS A 22 4.35 26.72 9.45
CA LYS A 22 4.75 26.44 10.82
C LYS A 22 4.72 27.71 11.67
N GLN A 23 3.69 28.53 11.47
CA GLN A 23 3.54 29.77 12.22
C GLN A 23 2.69 29.56 13.47
N GLN A 24 1.57 28.86 13.31
CA GLN A 24 0.67 28.59 14.43
C GLN A 24 1.03 27.27 15.10
N LEU A 25 0.93 26.18 14.34
CA LEU A 25 1.24 24.86 14.86
C LEU A 25 2.43 24.25 14.14
N GLN A 26 3.50 23.99 14.88
CA GLN A 26 4.71 23.41 14.30
C GLN A 26 4.40 22.06 13.67
N GLU A 27 5.37 21.55 12.90
CA GLU A 27 5.19 20.26 12.23
C GLU A 27 6.35 19.32 12.57
N HIS A 28 6.07 18.02 12.56
CA HIS A 28 7.09 17.02 12.86
C HIS A 28 6.97 15.82 11.93
N ALA A 29 8.01 15.59 11.14
CA ALA A 29 8.02 14.48 10.20
C ALA A 29 8.11 13.14 10.93
N PRO A 30 7.43 12.13 10.38
CA PRO A 30 7.42 10.78 10.96
C PRO A 30 8.77 10.08 10.84
N SER A 31 9.04 9.16 11.75
CA SER A 31 10.30 8.41 11.74
C SER A 31 10.08 6.98 11.29
N HIS A 32 11.03 6.45 10.51
CA HIS A 32 10.94 5.09 10.00
C HIS A 32 12.10 4.25 10.52
N ALA A 33 11.78 3.16 11.20
CA ALA A 33 12.79 2.26 11.74
C ALA A 33 12.97 1.02 10.86
N ASN A 34 13.91 0.17 11.23
CA ASN A 34 14.19 -1.05 10.47
C ASN A 34 13.05 -2.05 10.64
N LEU A 35 12.67 -2.71 9.55
CA LEU A 35 11.61 -3.69 9.57
C LEU A 35 10.29 -3.07 10.02
N ASP A 36 9.99 -1.90 9.46
CA ASP A 36 8.75 -1.19 9.79
C ASP A 36 7.82 -1.11 8.58
N VAL A 37 8.42 -0.94 7.40
CA VAL A 37 7.64 -0.85 6.17
C VAL A 37 8.37 -1.53 5.01
N LYS A 38 7.61 -2.20 4.15
CA LYS A 38 8.18 -2.88 3.00
C LYS A 38 7.10 -3.27 2.00
N TRP A 39 7.50 -3.87 0.89
CA TRP A 39 6.57 -4.29 -0.14
C TRP A 39 5.45 -5.15 0.46
N LEU A 40 4.52 -5.57 -0.39
CA LEU A 40 3.41 -6.40 0.06
C LEU A 40 3.86 -7.83 0.32
N ASP A 41 3.32 -8.43 1.37
CA ASP A 41 3.67 -9.81 1.73
C ASP A 41 5.12 -9.90 2.17
N GLY A 42 5.53 -9.00 3.06
CA GLY A 42 6.89 -9.00 3.54
C GLY A 42 6.99 -8.68 5.03
N LEU A 43 6.04 -7.88 5.51
CA LEU A 43 6.02 -7.50 6.92
C LEU A 43 5.65 -8.70 7.80
N ARG A 44 6.51 -9.01 8.76
CA ARG A 44 6.27 -10.12 9.66
C ARG A 44 5.63 -9.64 10.96
N ALA A 45 6.32 -8.74 11.66
CA ALA A 45 5.82 -8.20 12.92
C ALA A 45 5.59 -6.69 12.81
N GLY A 46 6.48 -6.02 12.10
CA GLY A 46 6.35 -4.58 11.93
C GLY A 46 4.92 -4.15 11.71
N SER A 47 4.61 -2.91 12.09
CA SER A 47 3.27 -2.38 11.92
C SER A 47 2.22 -3.32 12.53
N MET A 48 2.53 -3.84 13.71
CA MET A 48 1.62 -4.75 14.40
C MET A 48 0.43 -4.00 14.98
N ALA A 49 0.67 -2.78 15.42
CA ALA A 49 -0.39 -1.95 16.00
C ALA A 49 -1.29 -1.36 14.90
N LEU A 50 -0.71 -0.50 14.07
CA LEU A 50 -1.45 0.13 12.99
C LEU A 50 -1.17 -0.57 11.66
N GLN A 51 -1.89 -0.16 10.62
CA GLN A 51 -1.71 -0.73 9.30
C GLN A 51 -0.54 -0.08 8.56
N GLY A 52 0.57 -0.81 8.47
CA GLY A 52 1.74 -0.29 7.80
C GLY A 52 1.66 -0.45 6.29
N ASP A 53 0.81 -1.36 5.85
CA ASP A 53 0.64 -1.63 4.42
C ASP A 53 0.05 -0.41 3.71
N VAL A 54 -1.06 0.08 4.22
CA VAL A 54 -1.73 1.24 3.64
C VAL A 54 -1.10 2.54 4.13
N LYS A 55 -0.67 2.53 5.39
CA LYS A 55 -0.05 3.71 5.98
C LYS A 55 1.02 4.29 5.07
N VAL A 56 1.68 3.41 4.32
CA VAL A 56 2.74 3.83 3.40
C VAL A 56 2.17 4.12 2.02
N TRP A 57 0.99 3.59 1.75
CA TRP A 57 0.33 3.78 0.46
C TRP A 57 0.40 5.25 0.03
N MET A 58 -0.14 6.13 0.87
CA MET A 58 -0.14 7.55 0.58
C MET A 58 1.25 8.14 0.73
N GLN A 59 2.02 7.60 1.67
CA GLN A 59 3.38 8.08 1.92
C GLN A 59 4.24 7.93 0.66
N ASN A 60 3.87 6.99 -0.20
CA ASN A 60 4.60 6.74 -1.42
C ASN A 60 4.19 7.73 -2.51
N LEU A 61 2.88 7.92 -2.66
CA LEU A 61 2.35 8.84 -3.66
C LEU A 61 2.60 10.29 -3.26
N GLU A 62 2.83 10.51 -1.96
CA GLU A 62 3.09 11.85 -1.46
C GLU A 62 4.33 12.45 -2.10
N ASP A 63 5.36 11.62 -2.26
CA ASP A 63 6.61 12.08 -2.87
C ASP A 63 6.53 12.04 -4.39
N LEU A 64 5.79 11.06 -4.91
CA LEU A 64 5.63 10.91 -6.35
C LEU A 64 4.54 11.85 -6.87
N HIS A 65 3.32 11.67 -6.37
CA HIS A 65 2.20 12.50 -6.79
C HIS A 65 2.62 13.96 -6.92
N THR A 66 3.12 14.53 -5.83
CA THR A 66 3.57 15.92 -5.82
C THR A 66 4.33 16.27 -7.09
N ARG A 67 5.03 15.28 -7.64
CA ARG A 67 5.81 15.48 -8.87
C ARG A 67 5.03 15.00 -10.08
N ARG A 68 4.80 13.70 -10.16
CA ARG A 68 4.05 13.11 -11.27
C ARG A 68 2.86 12.30 -10.77
N PRO A 69 1.65 12.74 -11.17
CA PRO A 69 0.41 12.07 -10.78
C PRO A 69 0.25 10.71 -11.43
N ASP A 70 0.57 10.63 -12.72
CA ASP A 70 0.46 9.39 -13.47
C ASP A 70 1.39 8.33 -12.89
N GLU A 71 2.49 8.78 -12.28
CA GLU A 71 3.46 7.87 -11.69
C GLU A 71 3.12 7.58 -10.23
N PHE A 72 2.25 8.40 -9.65
CA PHE A 72 1.84 8.24 -8.27
C PHE A 72 1.57 6.77 -7.95
N THR A 73 1.02 6.06 -8.92
CA THR A 73 0.71 4.64 -8.75
C THR A 73 1.95 3.77 -8.93
N ALA A 74 2.91 4.28 -9.71
CA ALA A 74 4.14 3.55 -9.96
C ALA A 74 4.85 3.20 -8.66
N ARG A 75 4.48 3.88 -7.59
CA ARG A 75 5.08 3.65 -6.28
C ARG A 75 4.54 2.37 -5.65
N LEU A 76 3.26 2.40 -5.29
CA LEU A 76 2.61 1.24 -4.68
C LEU A 76 2.27 0.19 -5.72
N GLN A 77 2.26 0.60 -6.98
CA GLN A 77 1.95 -0.31 -8.09
C GLN A 77 2.83 -1.56 -8.01
N GLN A 78 4.07 -1.39 -7.57
CA GLN A 78 5.00 -2.51 -7.45
C GLN A 78 4.67 -3.37 -6.25
N SER A 79 4.39 -2.72 -5.12
CA SER A 79 4.07 -3.43 -3.89
C SER A 79 2.65 -4.00 -3.95
N THR A 80 1.67 -3.10 -4.05
CA THR A 80 0.27 -3.51 -4.11
C THR A 80 0.09 -4.70 -5.05
N ASP A 81 1.03 -4.88 -5.96
CA ASP A 81 0.99 -5.98 -6.92
C ASP A 81 0.77 -7.31 -6.20
N ALA A 82 1.45 -7.48 -5.07
CA ALA A 82 1.34 -8.71 -4.30
C ALA A 82 -0.06 -8.87 -3.71
N LEU A 83 -0.62 -7.78 -3.22
CA LEU A 83 -1.96 -7.80 -2.64
C LEU A 83 -3.02 -8.04 -3.72
N TYR A 84 -2.80 -7.45 -4.89
CA TYR A 84 -3.74 -7.60 -6.00
C TYR A 84 -3.68 -9.01 -6.58
N SER A 85 -2.45 -9.51 -6.76
CA SER A 85 -2.25 -10.85 -7.31
C SER A 85 -2.59 -11.92 -6.28
N HIS A 86 -2.04 -11.77 -5.08
CA HIS A 86 -2.28 -12.73 -4.01
C HIS A 86 -3.77 -13.07 -3.92
N LEU A 87 -4.61 -12.04 -3.92
CA LEU A 87 -6.05 -12.24 -3.84
C LEU A 87 -6.57 -12.99 -5.07
N GLU A 88 -6.21 -12.51 -6.25
CA GLU A 88 -6.64 -13.14 -7.49
C GLU A 88 -6.01 -14.52 -7.65
N ALA A 89 -4.95 -14.77 -6.89
CA ALA A 89 -4.25 -16.05 -6.95
C ALA A 89 -4.93 -17.08 -6.05
N GLN A 90 -4.99 -16.77 -4.75
CA GLN A 90 -5.60 -17.67 -3.78
C GLN A 90 -7.11 -17.43 -3.72
N TRP A 91 -7.51 -16.21 -3.40
CA TRP A 91 -8.92 -15.86 -3.29
C TRP A 91 -9.68 -16.34 -4.53
N ALA A 92 -9.00 -16.38 -5.66
CA ALA A 92 -9.61 -16.81 -6.91
C ALA A 92 -10.26 -18.20 -6.75
N LYS A 93 -9.57 -19.08 -6.02
CA LYS A 93 -10.07 -20.43 -5.79
C LYS A 93 -11.55 -20.40 -5.40
N GLN A 94 -11.95 -19.34 -4.70
CA GLN A 94 -13.33 -19.20 -4.26
C GLN A 94 -14.30 -19.54 -5.39
N HIS A 95 -14.16 -18.83 -6.51
CA HIS A 95 -15.02 -19.05 -7.66
C HIS A 95 -14.21 -19.10 -8.96
N GLY A 96 -13.37 -18.08 -9.15
CA GLY A 96 -12.55 -18.02 -10.35
C GLY A 96 -13.18 -17.19 -11.45
N THR A 97 -14.50 -17.01 -11.37
CA THR A 97 -15.22 -16.23 -12.36
C THR A 97 -15.23 -14.75 -12.02
N PRO A 98 -15.66 -14.44 -10.78
CA PRO A 98 -15.72 -13.05 -10.30
C PRO A 98 -14.33 -12.46 -10.07
N PRO A 99 -13.35 -13.33 -9.78
CA PRO A 99 -11.97 -12.91 -9.54
C PRO A 99 -11.28 -12.41 -10.80
N THR A 100 -11.07 -11.11 -10.87
CA THR A 100 -10.41 -10.50 -12.03
C THR A 100 -9.77 -9.16 -11.66
N ALA A 101 -8.78 -8.77 -12.45
CA ALA A 101 -8.08 -7.51 -12.20
C ALA A 101 -9.06 -6.39 -11.88
N SER A 102 -10.19 -6.37 -12.57
CA SER A 102 -11.21 -5.36 -12.36
C SER A 102 -11.90 -5.55 -11.01
N ASP A 103 -12.08 -6.82 -10.63
CA ASP A 103 -12.73 -7.14 -9.37
C ASP A 103 -11.77 -6.93 -8.20
N VAL A 104 -10.67 -7.67 -8.20
CA VAL A 104 -9.68 -7.58 -7.15
C VAL A 104 -9.45 -6.13 -6.74
N VAL A 105 -9.75 -5.20 -7.65
CA VAL A 105 -9.58 -3.78 -7.39
C VAL A 105 -10.30 -3.37 -6.11
N GLY A 106 -11.59 -3.69 -6.03
CA GLY A 106 -12.37 -3.34 -4.86
C GLY A 106 -13.08 -4.54 -4.27
N MET A 107 -12.82 -5.72 -4.82
CA MET A 107 -13.43 -6.94 -4.33
C MET A 107 -12.89 -7.32 -2.96
N PRO A 108 -11.57 -7.11 -2.76
CA PRO A 108 -10.90 -7.42 -1.50
C PRO A 108 -11.31 -6.47 -0.38
N GLN A 109 -10.53 -6.46 0.70
CA GLN A 109 -10.82 -5.60 1.84
C GLN A 109 -10.31 -4.18 1.60
N TRP A 110 -9.00 -4.07 1.32
CA TRP A 110 -8.39 -2.78 1.07
C TRP A 110 -9.28 -1.90 0.19
N GLN A 111 -10.22 -2.54 -0.50
CA GLN A 111 -11.14 -1.82 -1.38
C GLN A 111 -11.54 -0.48 -0.77
N GLU A 112 -12.02 -0.52 0.47
CA GLU A 112 -12.45 0.69 1.16
C GLU A 112 -11.24 1.41 1.76
N TYR A 113 -10.46 0.68 2.54
CA TYR A 113 -9.27 1.25 3.19
C TYR A 113 -8.51 2.14 2.22
N THR A 114 -8.00 1.54 1.15
CA THR A 114 -7.24 2.29 0.14
C THR A 114 -7.91 3.63 -0.17
N ALA A 115 -9.24 3.62 -0.20
CA ALA A 115 -10.00 4.83 -0.49
C ALA A 115 -10.14 5.69 0.75
N MET A 116 -10.17 5.06 1.92
CA MET A 116 -10.31 5.77 3.18
C MET A 116 -9.11 6.69 3.41
N LEU A 117 -7.99 6.36 2.78
CA LEU A 117 -6.78 7.17 2.92
C LEU A 117 -6.96 8.56 2.32
N ARG A 118 -7.39 8.61 1.07
CA ARG A 118 -7.61 9.87 0.39
C ARG A 118 -8.92 10.51 0.83
N GLU A 119 -9.94 9.68 1.04
CA GLU A 119 -11.25 10.16 1.46
C GLU A 119 -11.21 10.61 2.92
N ARG A 120 -10.75 9.72 3.79
CA ARG A 120 -10.66 10.04 5.21
C ARG A 120 -9.26 10.50 5.59
N PHE A 121 -8.52 10.98 4.61
CA PHE A 121 -7.15 11.46 4.82
C PHE A 121 -7.10 12.39 6.04
N ALA A 122 -8.07 13.29 6.13
CA ALA A 122 -8.13 14.24 7.24
C ALA A 122 -7.88 13.54 8.57
N GLY A 123 -8.19 12.25 8.62
CA GLY A 123 -7.99 11.49 9.84
C GLY A 123 -6.55 11.07 10.04
N LEU A 124 -5.96 10.46 9.01
CA LEU A 124 -4.58 10.01 9.06
C LEU A 124 -3.62 11.16 8.79
N ASP A 125 -4.13 12.38 8.89
CA ASP A 125 -3.31 13.58 8.66
C ASP A 125 -1.90 13.39 9.22
N THR A 126 -1.82 12.75 10.40
CA THR A 126 -0.54 12.52 11.04
C THR A 126 0.53 12.14 10.02
N ILE A 127 0.19 11.23 9.13
CA ILE A 127 1.13 10.78 8.10
C ILE A 127 0.39 10.46 6.80
N LYS A 22 30.92 17.12 8.75
CA LYS A 22 31.23 17.86 9.97
C LYS A 22 30.09 17.74 10.99
N GLN A 23 28.87 17.86 10.49
CA GLN A 23 27.69 17.77 11.35
C GLN A 23 26.54 17.05 10.64
N GLN A 24 25.77 16.29 11.40
CA GLN A 24 24.64 15.55 10.84
C GLN A 24 25.12 14.53 9.81
N LEU A 25 26.21 13.84 10.12
CA LEU A 25 26.77 12.84 9.22
C LEU A 25 26.04 11.52 9.37
N GLN A 26 25.98 11.02 10.60
CA GLN A 26 25.32 9.75 10.89
C GLN A 26 26.06 8.59 10.23
N GLU A 27 27.39 8.71 10.16
CA GLU A 27 28.21 7.67 9.56
C GLU A 27 28.65 6.65 10.59
N HIS A 28 28.96 7.13 11.79
CA HIS A 28 29.40 6.27 12.88
C HIS A 28 28.68 4.92 12.83
N ALA A 29 27.36 4.97 12.68
CA ALA A 29 26.55 3.76 12.61
C ALA A 29 25.30 3.99 11.77
N PRO A 30 25.16 3.19 10.71
CA PRO A 30 24.00 3.28 9.80
C PRO A 30 22.72 2.79 10.45
N SER A 31 21.59 3.05 9.79
CA SER A 31 20.29 2.65 10.30
C SER A 31 19.22 2.78 9.24
N HIS A 32 18.12 2.05 9.40
CA HIS A 32 17.02 2.08 8.45
C HIS A 32 16.03 3.18 8.81
N ALA A 33 15.01 3.34 7.96
CA ALA A 33 13.98 4.36 8.19
C ALA A 33 12.59 3.79 7.97
N ASN A 34 11.59 4.45 8.55
CA ASN A 34 10.20 4.01 8.43
C ASN A 34 9.79 3.94 6.96
N LEU A 35 10.28 4.89 6.17
CA LEU A 35 9.95 4.94 4.75
C LEU A 35 10.43 3.68 4.03
N ASP A 36 11.40 3.01 4.64
CA ASP A 36 11.95 1.78 4.07
C ASP A 36 11.11 0.57 4.48
N VAL A 37 10.31 0.07 3.54
CA VAL A 37 9.46 -1.08 3.80
C VAL A 37 9.39 -2.01 2.59
N LYS A 38 9.48 -3.31 2.83
CA LYS A 38 9.42 -4.30 1.76
C LYS A 38 8.09 -4.23 1.03
N TRP A 39 7.94 -5.06 0.00
CA TRP A 39 6.71 -5.09 -0.79
C TRP A 39 5.49 -5.26 0.12
N LEU A 40 4.30 -5.24 -0.47
CA LEU A 40 3.07 -5.39 0.28
C LEU A 40 3.10 -6.65 1.14
N ASP A 41 3.81 -7.67 0.66
CA ASP A 41 3.93 -8.93 1.39
C ASP A 41 4.48 -8.69 2.79
N GLY A 42 3.89 -9.39 3.77
CA GLY A 42 4.33 -9.24 5.15
C GLY A 42 5.85 -9.13 5.26
N LEU A 43 6.31 -8.54 6.35
CA LEU A 43 7.73 -8.37 6.59
C LEU A 43 8.22 -9.28 7.71
N ARG A 44 8.99 -10.30 7.36
CA ARG A 44 9.51 -11.24 8.34
C ARG A 44 10.48 -10.54 9.31
N ALA A 45 11.04 -9.42 8.85
CA ALA A 45 11.98 -8.66 9.67
C ALA A 45 11.36 -8.30 11.02
N GLY A 46 10.26 -7.56 10.99
CA GLY A 46 9.60 -7.16 12.22
C GLY A 46 8.09 -7.08 12.06
N SER A 47 7.64 -6.25 11.13
CA SER A 47 6.21 -6.07 10.89
C SER A 47 5.52 -5.52 12.14
N MET A 48 6.09 -4.48 12.72
CA MET A 48 5.53 -3.86 13.91
C MET A 48 4.36 -2.93 13.54
N ALA A 49 3.99 -2.94 12.27
CA ALA A 49 2.90 -2.11 11.79
C ALA A 49 1.94 -2.91 10.91
N LEU A 50 0.77 -3.24 11.45
CA LEU A 50 -0.23 -4.00 10.71
C LEU A 50 -0.80 -3.18 9.57
N GLN A 51 -1.02 -1.90 9.81
CA GLN A 51 -1.56 -1.00 8.80
C GLN A 51 -0.45 -0.27 8.06
N GLY A 52 0.80 -0.56 8.44
CA GLY A 52 1.94 0.08 7.80
C GLY A 52 1.84 0.06 6.29
N ASP A 53 1.04 -0.86 5.77
CA ASP A 53 0.87 -0.98 4.32
C ASP A 53 0.17 0.25 3.75
N VAL A 54 -1.02 0.55 4.26
CA VAL A 54 -1.79 1.70 3.80
C VAL A 54 -1.29 2.98 4.45
N LYS A 55 -0.84 2.88 5.70
CA LYS A 55 -0.33 4.03 6.43
C LYS A 55 0.67 4.81 5.59
N VAL A 56 1.53 4.09 4.88
CA VAL A 56 2.54 4.70 4.03
C VAL A 56 2.02 4.94 2.62
N TRP A 57 1.07 4.10 2.21
CA TRP A 57 0.48 4.21 0.88
C TRP A 57 0.17 5.66 0.54
N MET A 58 -0.02 6.48 1.57
CA MET A 58 -0.32 7.89 1.38
C MET A 58 0.96 8.71 1.19
N GLN A 59 1.96 8.40 2.01
CA GLN A 59 3.24 9.10 1.93
C GLN A 59 3.96 8.78 0.62
N ASN A 60 3.78 7.54 0.16
CA ASN A 60 4.42 7.10 -1.08
C ASN A 60 4.02 7.99 -2.25
N LEU A 61 2.75 8.40 -2.27
CA LEU A 61 2.23 9.25 -3.33
C LEU A 61 2.58 10.72 -3.07
N GLU A 62 2.22 11.20 -1.89
CA GLU A 62 2.49 12.58 -1.52
C GLU A 62 3.91 12.98 -1.89
N ASP A 63 4.83 12.03 -1.78
CA ASP A 63 6.23 12.26 -2.11
C ASP A 63 6.47 12.12 -3.60
N LEU A 64 5.67 11.28 -4.25
CA LEU A 64 5.80 11.06 -5.69
C LEU A 64 5.00 12.09 -6.48
N HIS A 65 3.69 12.13 -6.25
CA HIS A 65 2.82 13.06 -6.93
C HIS A 65 3.45 14.45 -6.99
N THR A 66 4.01 14.89 -5.87
CA THR A 66 4.64 16.20 -5.79
C THR A 66 5.48 16.48 -7.03
N ARG A 67 6.07 15.42 -7.59
CA ARG A 67 6.91 15.55 -8.77
C ARG A 67 6.12 15.16 -10.03
N ARG A 68 5.61 13.93 -10.05
CA ARG A 68 4.85 13.45 -11.19
C ARG A 68 3.66 12.61 -10.72
N PRO A 69 2.44 13.05 -11.09
CA PRO A 69 1.21 12.36 -10.73
C PRO A 69 1.05 11.03 -11.45
N ASP A 70 1.20 11.05 -12.76
CA ASP A 70 1.08 9.83 -13.57
C ASP A 70 1.94 8.72 -13.01
N GLU A 71 3.07 9.09 -12.41
CA GLU A 71 3.98 8.11 -11.84
C GLU A 71 3.65 7.87 -10.36
N PHE A 72 2.89 8.79 -9.77
CA PHE A 72 2.51 8.66 -8.37
C PHE A 72 1.92 7.29 -8.08
N THR A 73 1.00 6.86 -8.92
CA THR A 73 0.36 5.55 -8.75
C THR A 73 1.37 4.42 -8.88
N ALA A 74 2.50 4.71 -9.52
CA ALA A 74 3.55 3.72 -9.72
C ALA A 74 4.25 3.41 -8.40
N ARG A 75 4.10 4.31 -7.43
CA ARG A 75 4.73 4.13 -6.13
C ARG A 75 4.06 2.99 -5.36
N LEU A 76 2.80 3.19 -5.01
CA LEU A 76 2.04 2.18 -4.27
C LEU A 76 1.64 1.02 -5.18
N GLN A 77 1.67 1.27 -6.49
CA GLN A 77 1.31 0.25 -7.46
C GLN A 77 2.13 -1.01 -7.26
N GLN A 78 3.35 -0.84 -6.76
CA GLN A 78 4.24 -1.98 -6.51
C GLN A 78 3.72 -2.84 -5.37
N SER A 79 3.28 -2.18 -4.30
CA SER A 79 2.76 -2.89 -3.13
C SER A 79 1.46 -3.60 -3.46
N THR A 80 0.44 -2.82 -3.83
CA THR A 80 -0.86 -3.37 -4.16
C THR A 80 -0.73 -4.53 -5.14
N ASP A 81 0.39 -4.58 -5.86
CA ASP A 81 0.64 -5.64 -6.83
C ASP A 81 0.52 -7.01 -6.16
N ALA A 82 0.82 -7.07 -4.88
CA ALA A 82 0.76 -8.31 -4.12
C ALA A 82 -0.67 -8.60 -3.65
N LEU A 83 -1.28 -7.60 -3.02
CA LEU A 83 -2.65 -7.75 -2.53
C LEU A 83 -3.61 -8.03 -3.67
N TYR A 84 -3.23 -7.66 -4.88
CA TYR A 84 -4.06 -7.87 -6.06
C TYR A 84 -4.02 -9.33 -6.49
N SER A 85 -2.83 -9.83 -6.78
CA SER A 85 -2.66 -11.21 -7.21
C SER A 85 -2.99 -12.18 -6.08
N HIS A 86 -2.55 -11.84 -4.88
CA HIS A 86 -2.81 -12.68 -3.70
C HIS A 86 -4.28 -13.02 -3.59
N LEU A 87 -5.14 -12.02 -3.81
CA LEU A 87 -6.58 -12.21 -3.73
C LEU A 87 -7.10 -12.96 -4.96
N GLU A 88 -6.82 -12.42 -6.14
CA GLU A 88 -7.26 -13.03 -7.39
C GLU A 88 -6.83 -14.49 -7.45
N ALA A 89 -5.66 -14.79 -6.92
CA ALA A 89 -5.13 -16.15 -6.91
C ALA A 89 -5.66 -16.94 -5.72
N GLN A 90 -5.37 -16.46 -4.52
CA GLN A 90 -5.82 -17.12 -3.30
C GLN A 90 -7.34 -17.22 -3.27
N TRP A 91 -8.01 -16.07 -3.44
CA TRP A 91 -9.47 -16.03 -3.42
C TRP A 91 -10.05 -16.90 -4.54
N ALA A 92 -9.25 -17.12 -5.58
CA ALA A 92 -9.69 -17.93 -6.71
C ALA A 92 -10.31 -19.24 -6.23
N LYS A 93 -9.67 -19.87 -5.27
CA LYS A 93 -10.16 -21.14 -4.72
C LYS A 93 -11.67 -21.09 -4.51
N GLN A 94 -12.19 -19.89 -4.26
CA GLN A 94 -13.62 -19.72 -4.05
C GLN A 94 -14.43 -20.27 -5.21
N HIS A 95 -14.20 -19.70 -6.40
CA HIS A 95 -14.90 -20.15 -7.60
C HIS A 95 -13.93 -20.27 -8.78
N GLY A 96 -13.10 -19.26 -8.96
CA GLY A 96 -12.14 -19.29 -10.05
C GLY A 96 -12.49 -18.31 -11.15
N THR A 97 -13.76 -17.97 -11.26
CA THR A 97 -14.24 -17.05 -12.28
C THR A 97 -14.24 -15.61 -11.76
N PRO A 98 -14.46 -15.46 -10.45
CA PRO A 98 -14.50 -14.15 -9.80
C PRO A 98 -13.12 -13.50 -9.73
N PRO A 99 -12.07 -14.33 -9.76
CA PRO A 99 -10.68 -13.85 -9.70
C PRO A 99 -10.27 -13.13 -10.98
N THR A 100 -10.51 -11.82 -11.03
CA THR A 100 -10.16 -11.02 -12.20
C THR A 100 -10.02 -9.55 -11.82
N ALA A 101 -9.11 -8.86 -12.50
CA ALA A 101 -8.87 -7.45 -12.25
C ALA A 101 -10.19 -6.71 -12.00
N SER A 102 -11.14 -6.89 -12.90
CA SER A 102 -12.45 -6.24 -12.77
C SER A 102 -13.02 -6.44 -11.37
N ASP A 103 -12.79 -7.61 -10.81
CA ASP A 103 -13.28 -7.93 -9.48
C ASP A 103 -12.26 -7.52 -8.41
N VAL A 104 -11.06 -8.08 -8.50
CA VAL A 104 -10.00 -7.78 -7.54
C VAL A 104 -9.84 -6.28 -7.38
N VAL A 105 -10.25 -5.52 -8.39
CA VAL A 105 -10.15 -4.07 -8.34
C VAL A 105 -10.90 -3.50 -7.15
N GLY A 106 -11.96 -4.19 -6.73
CA GLY A 106 -12.74 -3.73 -5.59
C GLY A 106 -13.17 -4.87 -4.69
N MET A 107 -12.78 -6.09 -5.05
CA MET A 107 -13.12 -7.27 -4.26
C MET A 107 -12.44 -7.22 -2.89
N PRO A 108 -11.13 -6.97 -2.89
CA PRO A 108 -10.34 -6.90 -1.66
C PRO A 108 -10.69 -5.66 -0.83
N GLN A 109 -10.01 -5.52 0.32
CA GLN A 109 -10.24 -4.38 1.20
C GLN A 109 -9.44 -3.16 0.73
N TRP A 110 -8.26 -3.41 0.19
CA TRP A 110 -7.40 -2.34 -0.29
C TRP A 110 -8.20 -1.29 -1.05
N GLN A 111 -9.21 -1.74 -1.80
CA GLN A 111 -10.06 -0.84 -2.56
C GLN A 111 -10.76 0.15 -1.65
N GLU A 112 -11.37 -0.35 -0.58
CA GLU A 112 -12.07 0.50 0.38
C GLU A 112 -11.09 1.19 1.32
N TYR A 113 -10.30 0.39 2.01
CA TYR A 113 -9.32 0.91 2.96
C TYR A 113 -8.59 2.12 2.38
N THR A 114 -7.93 1.92 1.25
CA THR A 114 -7.20 2.99 0.59
C THR A 114 -8.05 4.26 0.49
N ALA A 115 -9.35 4.08 0.25
CA ALA A 115 -10.26 5.21 0.14
C ALA A 115 -10.56 5.81 1.52
N MET A 116 -10.61 4.95 2.53
CA MET A 116 -10.90 5.40 3.89
C MET A 116 -9.81 6.34 4.39
N LEU A 117 -8.62 6.25 3.79
CA LEU A 117 -7.50 7.10 4.17
C LEU A 117 -7.76 8.55 3.78
N ARG A 118 -8.09 8.76 2.51
CA ARG A 118 -8.37 10.10 2.01
C ARG A 118 -9.79 10.53 2.35
N GLU A 119 -10.66 9.55 2.59
CA GLU A 119 -12.05 9.83 2.93
C GLU A 119 -12.20 10.14 4.42
N ARG A 120 -11.73 9.23 5.26
CA ARG A 120 -11.81 9.41 6.70
C ARG A 120 -10.61 10.18 7.23
N PHE A 121 -9.42 9.76 6.81
CA PHE A 121 -8.18 10.41 7.24
C PHE A 121 -8.18 10.64 8.75
N ALA A 122 -8.83 9.73 9.48
CA ALA A 122 -8.91 9.82 10.93
C ALA A 122 -8.29 8.61 11.60
N GLY A 123 -7.09 8.77 12.14
CA GLY A 123 -6.41 7.67 12.80
C GLY A 123 -5.01 7.45 12.26
N LEU A 124 -4.88 7.45 10.94
CA LEU A 124 -3.59 7.24 10.29
C LEU A 124 -2.61 8.33 10.68
N ASP A 125 -3.11 9.36 11.36
CA ASP A 125 -2.26 10.47 11.79
C ASP A 125 -1.58 10.15 13.12
N THR A 126 -2.38 9.98 14.17
CA THR A 126 -1.85 9.67 15.50
C THR A 126 -1.32 8.24 15.55
N ILE A 127 -2.06 7.32 14.96
CA ILE A 127 -1.68 5.91 14.94
C ILE A 127 -1.63 5.34 16.35
N LYS A 22 15.96 29.90 14.85
CA LYS A 22 15.09 30.27 15.96
C LYS A 22 15.38 29.40 17.19
N GLN A 23 15.24 28.09 17.02
CA GLN A 23 15.49 27.16 18.11
C GLN A 23 16.98 26.92 18.31
N GLN A 24 17.43 26.98 19.55
CA GLN A 24 18.84 26.78 19.87
C GLN A 24 19.35 25.47 19.29
N LEU A 25 18.54 24.42 19.44
CA LEU A 25 18.91 23.10 18.93
C LEU A 25 18.10 22.75 17.68
N GLN A 26 18.62 21.83 16.89
CA GLN A 26 17.95 21.40 15.67
C GLN A 26 16.73 20.56 15.99
N GLU A 27 15.89 20.32 14.98
CA GLU A 27 14.69 19.52 15.16
C GLU A 27 15.03 18.04 15.30
N HIS A 28 14.14 17.30 15.98
CA HIS A 28 14.35 15.88 16.19
C HIS A 28 13.86 15.07 15.00
N ALA A 29 14.13 13.77 15.01
CA ALA A 29 13.72 12.89 13.93
C ALA A 29 12.75 11.82 14.43
N PRO A 30 11.76 11.48 13.59
CA PRO A 30 10.75 10.47 13.94
C PRO A 30 11.33 9.06 13.97
N SER A 31 11.33 8.46 15.16
CA SER A 31 11.86 7.11 15.34
C SER A 31 11.50 6.22 14.15
N HIS A 32 10.22 6.20 13.81
CA HIS A 32 9.74 5.39 12.69
C HIS A 32 10.33 5.89 11.37
N ALA A 33 10.90 4.97 10.60
CA ALA A 33 11.50 5.32 9.32
C ALA A 33 10.47 5.26 8.20
N ASN A 34 10.79 5.90 7.08
CA ASN A 34 9.89 5.91 5.93
C ASN A 34 10.10 4.69 5.05
N LEU A 35 11.22 3.99 5.27
CA LEU A 35 11.54 2.80 4.50
C LEU A 35 11.59 1.57 5.40
N ASP A 36 11.16 1.73 6.65
CA ASP A 36 11.15 0.64 7.61
C ASP A 36 10.26 -0.49 7.13
N VAL A 37 9.03 -0.15 6.76
CA VAL A 37 8.07 -1.14 6.28
C VAL A 37 8.55 -1.80 4.99
N LYS A 38 7.79 -2.77 4.51
CA LYS A 38 8.13 -3.47 3.27
C LYS A 38 6.90 -3.64 2.39
N TRP A 39 7.11 -4.22 1.20
CA TRP A 39 6.01 -4.45 0.27
C TRP A 39 4.88 -5.22 0.94
N LEU A 40 3.81 -5.46 0.18
CA LEU A 40 2.66 -6.18 0.70
C LEU A 40 2.97 -7.67 0.84
N ASP A 41 4.20 -8.05 0.51
CA ASP A 41 4.62 -9.44 0.60
C ASP A 41 4.14 -10.07 1.90
N GLY A 42 4.57 -9.50 3.02
CA GLY A 42 4.17 -10.03 4.31
C GLY A 42 4.19 -8.97 5.40
N LEU A 43 3.42 -7.90 5.19
CA LEU A 43 3.35 -6.81 6.16
C LEU A 43 2.50 -7.22 7.37
N ARG A 44 1.40 -7.90 7.10
CA ARG A 44 0.50 -8.35 8.17
C ARG A 44 1.30 -8.72 9.42
N ALA A 45 2.49 -9.26 9.22
CA ALA A 45 3.35 -9.66 10.32
C ALA A 45 3.43 -8.56 11.38
N GLY A 46 3.97 -7.41 10.98
CA GLY A 46 4.10 -6.31 11.91
C GLY A 46 2.79 -5.59 12.15
N SER A 47 2.79 -4.27 12.03
CA SER A 47 1.60 -3.46 12.25
C SER A 47 0.96 -3.80 13.59
N MET A 48 1.79 -3.93 14.61
CA MET A 48 1.30 -4.25 15.95
C MET A 48 0.42 -3.12 16.50
N ALA A 49 0.77 -1.89 16.14
CA ALA A 49 0.00 -0.73 16.59
C ALA A 49 -1.02 -0.31 15.55
N LEU A 50 -0.54 0.13 14.39
CA LEU A 50 -1.42 0.57 13.31
C LEU A 50 -1.01 -0.07 11.98
N GLN A 51 -1.80 0.19 10.94
CA GLN A 51 -1.52 -0.36 9.63
C GLN A 51 -0.39 0.41 8.93
N GLY A 52 0.79 -0.18 8.89
CA GLY A 52 1.93 0.47 8.27
C GLY A 52 1.91 0.34 6.75
N ASP A 53 1.16 -0.65 6.26
CA ASP A 53 1.06 -0.87 4.83
C ASP A 53 0.35 0.29 4.14
N VAL A 54 -0.87 0.57 4.57
CA VAL A 54 -1.65 1.65 4.00
C VAL A 54 -1.21 3.01 4.55
N LYS A 55 -0.77 3.02 5.80
CA LYS A 55 -0.31 4.24 6.45
C LYS A 55 0.70 4.97 5.57
N VAL A 56 1.60 4.21 4.96
CA VAL A 56 2.62 4.78 4.09
C VAL A 56 2.10 4.94 2.66
N TRP A 57 1.07 4.18 2.33
CA TRP A 57 0.48 4.24 0.99
C TRP A 57 0.33 5.69 0.52
N MET A 58 -0.03 6.58 1.46
CA MET A 58 -0.19 7.98 1.13
C MET A 58 1.15 8.66 0.91
N GLN A 59 2.09 8.41 1.81
CA GLN A 59 3.42 9.00 1.70
C GLN A 59 4.12 8.54 0.42
N ASN A 60 3.73 7.36 -0.07
CA ASN A 60 4.31 6.82 -1.28
C ASN A 60 3.91 7.65 -2.51
N LEU A 61 2.64 8.00 -2.59
CA LEU A 61 2.13 8.80 -3.70
C LEU A 61 2.45 10.27 -3.51
N GLU A 62 2.18 10.78 -2.32
CA GLU A 62 2.45 12.18 -2.01
C GLU A 62 3.83 12.59 -2.48
N ASP A 63 4.71 11.61 -2.63
CA ASP A 63 6.07 11.87 -3.08
C ASP A 63 6.14 11.97 -4.60
N LEU A 64 5.49 11.02 -5.28
CA LEU A 64 5.47 11.01 -6.73
C LEU A 64 4.38 11.93 -7.27
N HIS A 65 3.15 11.71 -6.81
CA HIS A 65 2.02 12.52 -7.26
C HIS A 65 2.40 14.00 -7.32
N THR A 66 3.23 14.43 -6.37
CA THR A 66 3.67 15.82 -6.32
C THR A 66 4.13 16.31 -7.68
N ARG A 67 4.85 15.44 -8.40
CA ARG A 67 5.36 15.78 -9.73
C ARG A 67 4.46 15.19 -10.81
N ARG A 68 4.17 13.90 -10.70
CA ARG A 68 3.33 13.21 -11.67
C ARG A 68 2.22 12.43 -10.98
N PRO A 69 0.97 12.82 -11.22
CA PRO A 69 -0.20 12.17 -10.62
C PRO A 69 -0.43 10.78 -11.19
N ASP A 70 -0.02 10.58 -12.43
CA ASP A 70 -0.18 9.28 -13.10
C ASP A 70 0.79 8.25 -12.52
N GLU A 71 2.07 8.60 -12.48
CA GLU A 71 3.09 7.71 -11.96
C GLU A 71 2.87 7.43 -10.47
N PHE A 72 2.01 8.24 -9.85
CA PHE A 72 1.70 8.09 -8.43
C PHE A 72 1.53 6.61 -8.06
N THR A 73 0.87 5.87 -8.94
CA THR A 73 0.64 4.44 -8.71
C THR A 73 1.95 3.67 -8.78
N ALA A 74 2.79 4.00 -9.75
CA ALA A 74 4.07 3.33 -9.92
C ALA A 74 4.77 3.13 -8.59
N ARG A 75 4.31 3.85 -7.57
CA ARG A 75 4.90 3.75 -6.24
C ARG A 75 4.40 2.51 -5.52
N LEU A 76 3.11 2.48 -5.21
CA LEU A 76 2.51 1.34 -4.52
C LEU A 76 2.17 0.23 -5.49
N GLN A 77 2.17 0.56 -6.78
CA GLN A 77 1.86 -0.42 -7.83
C GLN A 77 2.57 -1.75 -7.55
N GLN A 78 3.70 -1.67 -6.86
CA GLN A 78 4.48 -2.87 -6.54
C GLN A 78 3.90 -3.57 -5.31
N SER A 79 3.43 -2.78 -4.36
CA SER A 79 2.85 -3.33 -3.13
C SER A 79 1.49 -3.96 -3.41
N THR A 80 0.54 -3.14 -3.85
CA THR A 80 -0.80 -3.62 -4.15
C THR A 80 -0.76 -4.93 -4.93
N ASP A 81 0.37 -5.18 -5.58
CA ASP A 81 0.54 -6.41 -6.36
C ASP A 81 0.32 -7.65 -5.50
N ALA A 82 0.93 -7.64 -4.31
CA ALA A 82 0.81 -8.76 -3.39
C ALA A 82 -0.66 -9.04 -3.06
N LEU A 83 -1.39 -7.99 -2.70
CA LEU A 83 -2.81 -8.13 -2.36
C LEU A 83 -3.64 -8.44 -3.60
N TYR A 84 -3.22 -7.90 -4.75
CA TYR A 84 -3.92 -8.13 -6.00
C TYR A 84 -3.83 -9.59 -6.43
N SER A 85 -2.61 -10.13 -6.39
CA SER A 85 -2.38 -11.52 -6.77
C SER A 85 -2.87 -12.47 -5.70
N HIS A 86 -2.62 -12.12 -4.43
CA HIS A 86 -3.05 -12.94 -3.31
C HIS A 86 -4.56 -13.18 -3.35
N LEU A 87 -5.31 -12.12 -3.65
CA LEU A 87 -6.77 -12.22 -3.72
C LEU A 87 -7.20 -12.99 -4.97
N GLU A 88 -6.81 -12.49 -6.14
CA GLU A 88 -7.16 -13.13 -7.40
C GLU A 88 -6.72 -14.59 -7.41
N ALA A 89 -5.63 -14.88 -6.69
CA ALA A 89 -5.10 -16.23 -6.61
C ALA A 89 -5.84 -17.05 -5.56
N GLN A 90 -5.78 -16.59 -4.31
CA GLN A 90 -6.45 -17.28 -3.21
C GLN A 90 -7.96 -17.21 -3.36
N TRP A 91 -8.49 -15.99 -3.43
CA TRP A 91 -9.92 -15.77 -3.57
C TRP A 91 -10.47 -16.57 -4.75
N ALA A 92 -9.62 -16.89 -5.70
CA ALA A 92 -10.03 -17.66 -6.88
C ALA A 92 -10.88 -18.85 -6.48
N LYS A 93 -10.41 -19.61 -5.48
CA LYS A 93 -11.12 -20.78 -5.01
C LYS A 93 -12.62 -20.50 -4.90
N GLN A 94 -12.97 -19.25 -4.63
CA GLN A 94 -14.36 -18.85 -4.50
C GLN A 94 -15.15 -19.25 -5.74
N HIS A 95 -14.75 -18.74 -6.90
CA HIS A 95 -15.42 -19.05 -8.16
C HIS A 95 -14.41 -19.40 -9.24
N GLY A 96 -13.44 -18.52 -9.44
CA GLY A 96 -12.43 -18.75 -10.46
C GLY A 96 -12.61 -17.87 -11.67
N THR A 97 -13.85 -17.49 -11.94
CA THR A 97 -14.17 -16.65 -13.09
C THR A 97 -14.12 -15.17 -12.72
N PRO A 98 -14.70 -14.84 -11.56
CA PRO A 98 -14.75 -13.47 -11.05
C PRO A 98 -13.38 -12.97 -10.61
N PRO A 99 -12.51 -13.91 -10.20
CA PRO A 99 -11.15 -13.59 -9.76
C PRO A 99 -10.25 -13.12 -10.89
N THR A 100 -10.09 -11.80 -11.00
CA THR A 100 -9.27 -11.22 -12.05
C THR A 100 -8.97 -9.76 -11.77
N ALA A 101 -7.95 -9.22 -12.44
CA ALA A 101 -7.57 -7.83 -12.27
C ALA A 101 -8.79 -6.92 -12.31
N SER A 102 -9.85 -7.38 -12.95
CA SER A 102 -11.08 -6.61 -13.06
C SER A 102 -11.76 -6.48 -11.70
N ASP A 103 -12.09 -7.61 -11.10
CA ASP A 103 -12.76 -7.62 -9.80
C ASP A 103 -11.77 -7.25 -8.69
N VAL A 104 -10.63 -7.91 -8.68
CA VAL A 104 -9.60 -7.66 -7.67
C VAL A 104 -9.35 -6.17 -7.51
N VAL A 105 -9.66 -5.40 -8.56
CA VAL A 105 -9.47 -3.96 -8.53
C VAL A 105 -10.18 -3.33 -7.34
N GLY A 106 -11.34 -3.88 -7.00
CA GLY A 106 -12.11 -3.36 -5.88
C GLY A 106 -12.66 -4.46 -5.00
N MET A 107 -12.40 -5.71 -5.37
CA MET A 107 -12.88 -6.86 -4.61
C MET A 107 -12.29 -6.87 -3.20
N PRO A 108 -10.96 -6.67 -3.12
CA PRO A 108 -10.24 -6.66 -1.84
C PRO A 108 -10.58 -5.43 -1.01
N GLN A 109 -9.98 -5.34 0.18
CA GLN A 109 -10.21 -4.22 1.08
C GLN A 109 -9.33 -3.03 0.71
N TRP A 110 -8.10 -3.32 0.26
CA TRP A 110 -7.17 -2.28 -0.13
C TRP A 110 -7.85 -1.19 -0.94
N GLN A 111 -8.82 -1.60 -1.76
CA GLN A 111 -9.56 -0.65 -2.59
C GLN A 111 -10.34 0.33 -1.73
N GLU A 112 -10.93 -0.17 -0.65
CA GLU A 112 -11.71 0.66 0.26
C GLU A 112 -10.79 1.43 1.22
N TYR A 113 -9.89 0.70 1.87
CA TYR A 113 -8.96 1.30 2.81
C TYR A 113 -8.19 2.44 2.18
N THR A 114 -7.45 2.13 1.11
CA THR A 114 -6.66 3.13 0.41
C THR A 114 -7.47 4.39 0.17
N ALA A 115 -8.78 4.24 0.03
CA ALA A 115 -9.67 5.36 -0.20
C ALA A 115 -9.83 6.21 1.06
N MET A 116 -10.04 5.54 2.19
CA MET A 116 -10.21 6.22 3.47
C MET A 116 -9.00 7.10 3.77
N LEU A 117 -7.87 6.78 3.16
CA LEU A 117 -6.64 7.55 3.38
C LEU A 117 -6.76 8.95 2.77
N ARG A 118 -7.02 9.00 1.47
CA ARG A 118 -7.16 10.27 0.77
C ARG A 118 -8.48 10.95 1.14
N GLU A 119 -9.55 10.16 1.20
CA GLU A 119 -10.86 10.69 1.53
C GLU A 119 -10.88 11.28 2.93
N ARG A 120 -10.42 10.49 3.90
CA ARG A 120 -10.38 10.94 5.29
C ARG A 120 -8.97 11.38 5.69
N PHE A 121 -8.16 11.70 4.68
CA PHE A 121 -6.78 12.13 4.92
C PHE A 121 -6.74 13.26 5.94
N ALA A 122 -7.71 14.16 5.86
CA ALA A 122 -7.78 15.29 6.77
C ALA A 122 -7.65 14.83 8.22
N GLY A 123 -8.14 13.64 8.50
CA GLY A 123 -8.07 13.09 9.86
C GLY A 123 -6.74 12.43 10.13
N LEU A 124 -6.54 11.24 9.58
CA LEU A 124 -5.30 10.50 9.79
C LEU A 124 -4.09 11.41 9.69
N ASP A 125 -4.22 12.47 8.89
CA ASP A 125 -3.14 13.43 8.71
C ASP A 125 -2.50 13.78 10.05
N THR A 126 -3.33 13.93 11.07
CA THR A 126 -2.84 14.28 12.41
C THR A 126 -1.48 13.65 12.67
N ILE A 127 -1.30 12.42 12.21
CA ILE A 127 -0.04 11.71 12.40
C ILE A 127 0.61 11.38 11.06
N LYS A 22 26.39 24.83 6.24
CA LYS A 22 25.33 23.84 6.22
C LYS A 22 25.91 22.43 6.33
N GLN A 23 25.38 21.65 7.28
CA GLN A 23 25.85 20.28 7.49
C GLN A 23 24.78 19.27 7.08
N GLN A 24 25.12 17.99 7.14
CA GLN A 24 24.19 16.94 6.77
C GLN A 24 23.79 16.12 8.00
N LEU A 25 22.53 15.70 8.02
CA LEU A 25 22.02 14.91 9.13
C LEU A 25 22.36 13.43 8.96
N GLN A 26 22.52 12.73 10.08
CA GLN A 26 22.84 11.30 10.04
C GLN A 26 21.77 10.52 9.29
N GLU A 27 22.20 9.49 8.57
CA GLU A 27 21.27 8.66 7.80
C GLU A 27 21.96 7.38 7.34
N HIS A 28 21.15 6.37 7.01
CA HIS A 28 21.67 5.09 6.56
C HIS A 28 21.74 5.04 5.04
N ALA A 29 22.97 4.98 4.51
CA ALA A 29 23.16 4.93 3.07
C ALA A 29 22.73 3.58 2.50
N PRO A 30 23.39 2.51 2.95
CA PRO A 30 23.10 1.15 2.51
C PRO A 30 21.75 0.64 3.02
N SER A 31 21.08 1.48 3.80
CA SER A 31 19.78 1.12 4.36
C SER A 31 18.71 2.10 3.88
N HIS A 32 17.74 1.58 3.13
CA HIS A 32 16.66 2.39 2.61
C HIS A 32 15.41 2.27 3.49
N ALA A 33 14.80 3.42 3.80
CA ALA A 33 13.60 3.43 4.64
C ALA A 33 12.34 3.39 3.78
N ASN A 34 12.38 4.05 2.63
CA ASN A 34 11.24 4.07 1.72
C ASN A 34 10.79 2.66 1.35
N LEU A 35 11.70 1.90 0.76
CA LEU A 35 11.41 0.53 0.37
C LEU A 35 11.93 -0.46 1.40
N ASP A 36 12.25 0.04 2.59
CA ASP A 36 12.74 -0.81 3.67
C ASP A 36 11.97 -2.12 3.74
N VAL A 37 10.65 -2.01 3.82
CA VAL A 37 9.78 -3.20 3.89
C VAL A 37 9.82 -3.98 2.59
N LYS A 38 9.11 -5.10 2.56
CA LYS A 38 9.06 -5.95 1.37
C LYS A 38 7.71 -5.82 0.68
N TRP A 39 7.55 -6.52 -0.44
CA TRP A 39 6.30 -6.48 -1.20
C TRP A 39 5.11 -6.82 -0.31
N LEU A 40 3.90 -6.62 -0.84
CA LEU A 40 2.69 -6.91 -0.09
C LEU A 40 2.64 -8.37 0.33
N ASP A 41 2.46 -8.59 1.63
CA ASP A 41 2.39 -9.95 2.18
C ASP A 41 3.64 -10.74 1.81
N GLY A 42 4.80 -10.11 1.95
CA GLY A 42 6.05 -10.78 1.63
C GLY A 42 7.10 -10.60 2.71
N LEU A 43 6.65 -10.58 3.96
CA LEU A 43 7.56 -10.41 5.09
C LEU A 43 7.50 -11.62 6.02
N ARG A 44 8.60 -12.36 6.10
CA ARG A 44 8.67 -13.54 6.95
C ARG A 44 9.65 -13.33 8.09
N ALA A 45 10.72 -12.60 7.82
CA ALA A 45 11.74 -12.32 8.83
C ALA A 45 11.13 -11.59 10.02
N GLY A 46 10.59 -10.41 9.77
CA GLY A 46 9.98 -9.62 10.82
C GLY A 46 8.49 -9.47 10.66
N SER A 47 8.07 -8.55 9.79
CA SER A 47 6.66 -8.32 9.54
C SER A 47 5.98 -7.74 10.78
N MET A 48 6.67 -6.81 11.44
CA MET A 48 6.13 -6.17 12.65
C MET A 48 5.21 -5.01 12.28
N ALA A 49 4.83 -4.94 11.02
CA ALA A 49 3.94 -3.89 10.55
C ALA A 49 2.63 -4.47 10.00
N LEU A 50 1.56 -4.29 10.78
CA LEU A 50 0.24 -4.79 10.38
C LEU A 50 -0.43 -3.84 9.40
N GLN A 51 -0.44 -2.55 9.74
CA GLN A 51 -1.05 -1.54 8.89
C GLN A 51 0.01 -0.73 8.15
N GLY A 52 1.26 -0.83 8.61
CA GLY A 52 2.35 -0.11 7.99
C GLY A 52 2.34 -0.23 6.48
N ASP A 53 1.66 -1.26 5.98
CA ASP A 53 1.57 -1.49 4.54
C ASP A 53 0.81 -0.36 3.85
N VAL A 54 -0.45 -0.16 4.28
CA VAL A 54 -1.28 0.89 3.70
C VAL A 54 -0.99 2.23 4.35
N LYS A 55 -0.63 2.20 5.62
CA LYS A 55 -0.32 3.43 6.36
C LYS A 55 0.70 4.28 5.61
N VAL A 56 1.58 3.61 4.86
CA VAL A 56 2.61 4.31 4.09
C VAL A 56 2.11 4.66 2.70
N TRP A 57 1.20 3.84 2.18
CA TRP A 57 0.64 4.06 0.85
C TRP A 57 0.29 5.53 0.64
N MET A 58 0.03 6.23 1.74
CA MET A 58 -0.31 7.65 1.68
C MET A 58 0.96 8.51 1.65
N GLN A 59 1.95 8.13 2.44
CA GLN A 59 3.21 8.87 2.50
C GLN A 59 4.03 8.65 1.22
N ASN A 60 3.81 7.51 0.58
CA ASN A 60 4.54 7.18 -0.65
C ASN A 60 4.18 8.17 -1.77
N LEU A 61 2.91 8.54 -1.83
CA LEU A 61 2.44 9.47 -2.84
C LEU A 61 2.71 10.92 -2.44
N GLU A 62 2.65 11.17 -1.13
CA GLU A 62 2.89 12.51 -0.61
C GLU A 62 4.16 13.11 -1.21
N ASP A 63 5.17 12.27 -1.39
CA ASP A 63 6.44 12.72 -1.96
C ASP A 63 6.36 12.76 -3.49
N LEU A 64 6.12 11.60 -4.10
CA LEU A 64 6.02 11.50 -5.55
C LEU A 64 4.93 12.42 -6.09
N HIS A 65 3.71 12.23 -5.60
CA HIS A 65 2.58 13.06 -6.03
C HIS A 65 2.97 14.52 -6.13
N THR A 66 3.71 15.00 -5.13
CA THR A 66 4.15 16.39 -5.10
C THR A 66 4.76 16.80 -6.44
N ARG A 67 5.55 15.90 -7.02
CA ARG A 67 6.19 16.17 -8.30
C ARG A 67 5.30 15.73 -9.46
N ARG A 68 5.11 14.42 -9.60
CA ARG A 68 4.27 13.88 -10.66
C ARG A 68 3.21 12.94 -10.10
N PRO A 69 1.94 13.25 -10.38
CA PRO A 69 0.81 12.44 -9.90
C PRO A 69 0.73 11.09 -10.61
N ASP A 70 0.75 11.12 -11.94
CA ASP A 70 0.68 9.89 -12.73
C ASP A 70 1.60 8.82 -12.15
N GLU A 71 2.67 9.26 -11.49
CA GLU A 71 3.63 8.33 -10.88
C GLU A 71 3.24 8.01 -9.45
N PHE A 72 2.53 8.93 -8.80
CA PHE A 72 2.10 8.75 -7.43
C PHE A 72 1.50 7.36 -7.23
N THR A 73 0.78 6.88 -8.23
CA THR A 73 0.16 5.56 -8.16
C THR A 73 1.17 4.46 -8.46
N ALA A 74 2.24 4.82 -9.16
CA ALA A 74 3.28 3.86 -9.51
C ALA A 74 4.08 3.45 -8.28
N ARG A 75 4.02 4.26 -7.23
CA ARG A 75 4.73 3.98 -6.00
C ARG A 75 4.14 2.77 -5.29
N LEU A 76 2.90 2.91 -4.81
CA LEU A 76 2.22 1.83 -4.10
C LEU A 76 1.78 0.74 -5.08
N GLN A 77 1.71 1.10 -6.36
CA GLN A 77 1.30 0.16 -7.39
C GLN A 77 2.20 -1.07 -7.39
N GLN A 78 3.47 -0.87 -7.10
CA GLN A 78 4.44 -1.96 -7.06
C GLN A 78 4.20 -2.87 -5.86
N SER A 79 3.77 -2.27 -4.75
CA SER A 79 3.50 -3.03 -3.53
C SER A 79 2.12 -3.68 -3.59
N THR A 80 1.09 -2.86 -3.70
CA THR A 80 -0.28 -3.35 -3.76
C THR A 80 -0.40 -4.48 -4.78
N ASP A 81 0.53 -4.52 -5.73
CA ASP A 81 0.51 -5.56 -6.77
C ASP A 81 0.35 -6.94 -6.15
N ALA A 82 1.16 -7.23 -5.13
CA ALA A 82 1.10 -8.53 -4.46
C ALA A 82 -0.31 -8.82 -3.96
N LEU A 83 -0.99 -7.79 -3.46
CA LEU A 83 -2.34 -7.94 -2.95
C LEU A 83 -3.31 -8.32 -4.07
N TYR A 84 -3.23 -7.59 -5.18
CA TYR A 84 -4.09 -7.84 -6.32
C TYR A 84 -4.05 -9.32 -6.71
N SER A 85 -2.84 -9.87 -6.82
CA SER A 85 -2.67 -11.27 -7.19
C SER A 85 -2.89 -12.18 -5.98
N HIS A 86 -2.56 -11.68 -4.80
CA HIS A 86 -2.73 -12.44 -3.56
C HIS A 86 -4.18 -12.85 -3.37
N LEU A 87 -5.08 -11.87 -3.42
CA LEU A 87 -6.50 -12.13 -3.25
C LEU A 87 -7.08 -12.82 -4.47
N GLU A 88 -6.83 -12.25 -5.65
CA GLU A 88 -7.33 -12.81 -6.89
C GLU A 88 -6.88 -14.26 -7.05
N ALA A 89 -5.66 -14.56 -6.62
CA ALA A 89 -5.11 -15.90 -6.72
C ALA A 89 -5.55 -16.75 -5.54
N GLN A 90 -5.27 -16.27 -4.33
CA GLN A 90 -5.64 -17.00 -3.11
C GLN A 90 -7.16 -17.11 -2.99
N TRP A 91 -7.84 -15.97 -3.02
CA TRP A 91 -9.29 -15.94 -2.91
C TRP A 91 -9.94 -16.70 -4.05
N ALA A 92 -9.26 -16.76 -5.19
CA ALA A 92 -9.76 -17.47 -6.36
C ALA A 92 -10.29 -18.84 -5.99
N LYS A 93 -9.60 -19.50 -5.04
CA LYS A 93 -10.00 -20.83 -4.60
C LYS A 93 -11.51 -20.90 -4.39
N GLN A 94 -12.14 -19.75 -4.18
CA GLN A 94 -13.58 -19.69 -3.97
C GLN A 94 -14.33 -20.10 -5.23
N HIS A 95 -14.09 -19.40 -6.32
CA HIS A 95 -14.74 -19.70 -7.59
C HIS A 95 -13.72 -19.78 -8.72
N GLY A 96 -12.89 -18.75 -8.85
CA GLY A 96 -11.87 -18.73 -9.89
C GLY A 96 -12.36 -18.03 -11.15
N THR A 97 -13.67 -18.01 -11.35
CA THR A 97 -14.25 -17.37 -12.52
C THR A 97 -14.53 -15.89 -12.26
N PRO A 98 -15.18 -15.60 -11.13
CA PRO A 98 -15.51 -14.23 -10.74
C PRO A 98 -14.28 -13.42 -10.34
N PRO A 99 -13.24 -14.12 -9.86
CA PRO A 99 -11.99 -13.48 -9.44
C PRO A 99 -11.20 -12.94 -10.63
N THR A 100 -11.16 -11.61 -10.74
CA THR A 100 -10.44 -10.96 -11.82
C THR A 100 -10.22 -9.48 -11.53
N ALA A 101 -9.17 -8.91 -12.13
CA ALA A 101 -8.86 -7.50 -11.93
C ALA A 101 -10.13 -6.67 -11.86
N SER A 102 -11.17 -7.10 -12.57
CA SER A 102 -12.44 -6.38 -12.59
C SER A 102 -13.04 -6.29 -11.19
N ASP A 103 -13.13 -7.44 -10.53
CA ASP A 103 -13.68 -7.49 -9.18
C ASP A 103 -12.60 -7.27 -8.13
N VAL A 104 -11.47 -7.96 -8.30
CA VAL A 104 -10.35 -7.84 -7.37
C VAL A 104 -10.11 -6.39 -6.99
N VAL A 105 -10.47 -5.48 -7.90
CA VAL A 105 -10.29 -4.05 -7.66
C VAL A 105 -11.19 -3.56 -6.53
N GLY A 106 -12.42 -4.06 -6.51
CA GLY A 106 -13.36 -3.66 -5.47
C GLY A 106 -13.92 -4.85 -4.72
N MET A 107 -13.27 -6.00 -4.84
CA MET A 107 -13.70 -7.21 -4.16
C MET A 107 -13.20 -7.23 -2.72
N PRO A 108 -11.87 -7.17 -2.55
CA PRO A 108 -11.24 -7.18 -1.23
C PRO A 108 -11.50 -5.89 -0.46
N GLN A 109 -10.79 -5.73 0.66
CA GLN A 109 -10.94 -4.54 1.50
C GLN A 109 -10.06 -3.41 0.99
N TRP A 110 -8.82 -3.74 0.64
CA TRP A 110 -7.87 -2.75 0.14
C TRP A 110 -8.54 -1.82 -0.86
N GLN A 111 -9.63 -2.27 -1.45
CA GLN A 111 -10.36 -1.46 -2.43
C GLN A 111 -10.82 -0.14 -1.82
N GLU A 112 -11.46 -0.23 -0.66
CA GLU A 112 -11.95 0.96 0.03
C GLU A 112 -10.84 1.63 0.83
N TYR A 113 -10.01 0.82 1.48
CA TYR A 113 -8.90 1.33 2.28
C TYR A 113 -8.00 2.22 1.44
N THR A 114 -7.46 1.65 0.37
CA THR A 114 -6.57 2.38 -0.52
C THR A 114 -7.21 3.67 -1.01
N ALA A 115 -8.55 3.68 -1.07
CA ALA A 115 -9.28 4.85 -1.51
C ALA A 115 -9.50 5.83 -0.37
N MET A 116 -9.68 5.29 0.83
CA MET A 116 -9.90 6.13 2.01
C MET A 116 -8.69 7.01 2.28
N LEU A 117 -7.53 6.59 1.79
CA LEU A 117 -6.29 7.34 1.98
C LEU A 117 -6.33 8.65 1.18
N ARG A 118 -6.53 8.53 -0.13
CA ARG A 118 -6.59 9.71 -0.99
C ARG A 118 -7.91 10.45 -0.81
N GLU A 119 -8.98 9.70 -0.55
CA GLU A 119 -10.29 10.29 -0.37
C GLU A 119 -10.39 11.01 0.97
N ARG A 120 -10.05 10.31 2.05
CA ARG A 120 -10.09 10.88 3.38
C ARG A 120 -8.71 11.36 3.82
N PHE A 121 -7.84 11.59 2.84
CA PHE A 121 -6.49 12.05 3.12
C PHE A 121 -6.50 13.24 4.08
N ALA A 122 -7.58 14.00 4.06
CA ALA A 122 -7.72 15.16 4.93
C ALA A 122 -7.39 14.81 6.37
N GLY A 123 -7.75 13.59 6.77
CA GLY A 123 -7.49 13.14 8.13
C GLY A 123 -6.92 11.74 8.18
N LEU A 124 -5.62 11.63 7.93
CA LEU A 124 -4.95 10.34 7.96
C LEU A 124 -4.38 10.03 9.33
N ASP A 125 -3.67 11.00 9.91
CA ASP A 125 -3.08 10.84 11.23
C ASP A 125 -4.00 10.04 12.14
N THR A 126 -5.31 10.12 11.88
CA THR A 126 -6.29 9.41 12.68
C THR A 126 -5.79 8.01 13.05
N ILE A 127 -5.08 7.38 12.12
CA ILE A 127 -4.54 6.04 12.35
C ILE A 127 -3.74 5.99 13.64
N LYS A 22 13.75 29.81 -0.75
CA LYS A 22 13.31 30.76 0.26
C LYS A 22 14.22 30.74 1.48
N GLN A 23 14.70 31.92 1.87
CA GLN A 23 15.59 32.04 3.02
C GLN A 23 14.79 32.09 4.32
N GLN A 24 13.51 31.75 4.24
CA GLN A 24 12.64 31.75 5.41
C GLN A 24 13.18 30.81 6.49
N LEU A 25 13.28 29.53 6.15
CA LEU A 25 13.76 28.53 7.09
C LEU A 25 14.15 27.25 6.36
N GLN A 26 15.04 26.47 6.96
CA GLN A 26 15.50 25.22 6.38
C GLN A 26 14.31 24.31 6.06
N GLU A 27 14.23 23.87 4.80
CA GLU A 27 13.15 22.99 4.37
C GLU A 27 13.44 21.54 4.73
N HIS A 28 14.42 21.34 5.62
CA HIS A 28 14.79 20.00 6.04
C HIS A 28 13.76 19.42 7.01
N ALA A 29 13.39 18.16 6.79
CA ALA A 29 12.41 17.50 7.63
C ALA A 29 12.64 15.98 7.65
N PRO A 30 12.91 15.44 8.85
CA PRO A 30 13.15 14.01 9.03
C PRO A 30 11.88 13.18 8.82
N SER A 31 12.07 11.94 8.37
CA SER A 31 10.95 11.04 8.12
C SER A 31 11.43 9.61 7.94
N HIS A 32 10.50 8.66 8.04
CA HIS A 32 10.82 7.25 7.88
C HIS A 32 11.20 6.93 6.44
N ALA A 33 11.60 5.69 6.19
CA ALA A 33 11.99 5.26 4.85
C ALA A 33 10.83 4.59 4.13
N ASN A 34 10.79 4.76 2.81
CA ASN A 34 9.73 4.16 2.00
C ASN A 34 10.03 2.70 1.70
N LEU A 35 11.31 2.38 1.54
CA LEU A 35 11.73 1.02 1.24
C LEU A 35 11.87 0.20 2.53
N ASP A 36 11.41 0.77 3.63
CA ASP A 36 11.48 0.10 4.92
C ASP A 36 10.76 -1.24 4.88
N VAL A 37 9.54 -1.23 4.34
CA VAL A 37 8.75 -2.44 4.24
C VAL A 37 9.12 -3.25 3.00
N LYS A 38 8.58 -4.45 2.89
CA LYS A 38 8.85 -5.33 1.76
C LYS A 38 7.74 -5.24 0.72
N TRP A 39 6.56 -5.74 1.07
CA TRP A 39 5.41 -5.72 0.18
C TRP A 39 4.15 -5.31 0.93
N LEU A 40 3.05 -5.16 0.19
CA LEU A 40 1.78 -4.77 0.78
C LEU A 40 1.32 -5.80 1.82
N ASP A 41 1.50 -5.47 3.09
CA ASP A 41 1.11 -6.36 4.17
C ASP A 41 1.92 -7.65 4.14
N GLY A 42 3.23 -7.51 3.91
CA GLY A 42 4.09 -8.68 3.85
C GLY A 42 5.35 -8.50 4.68
N LEU A 43 5.21 -8.61 6.00
CA LEU A 43 6.35 -8.46 6.89
C LEU A 43 6.29 -9.48 8.02
N ARG A 44 7.31 -9.48 8.87
CA ARG A 44 7.37 -10.41 9.99
C ARG A 44 6.76 -9.79 11.25
N ALA A 45 7.26 -8.62 11.63
CA ALA A 45 6.75 -7.93 12.81
C ALA A 45 7.07 -6.45 12.74
N GLY A 46 6.46 -5.68 13.64
CA GLY A 46 6.70 -4.25 13.68
C GLY A 46 5.47 -3.45 13.26
N SER A 47 4.91 -3.80 12.11
CA SER A 47 3.73 -3.11 11.60
C SER A 47 2.46 -3.60 12.28
N MET A 48 2.64 -4.34 13.37
CA MET A 48 1.51 -4.88 14.12
C MET A 48 0.52 -3.78 14.48
N ALA A 49 -0.73 -3.96 14.08
CA ALA A 49 -1.76 -2.97 14.37
C ALA A 49 -1.34 -1.57 13.93
N LEU A 50 -0.55 -1.52 12.86
CA LEU A 50 -0.07 -0.24 12.34
C LEU A 50 -0.57 -0.02 10.92
N GLN A 51 -0.73 -1.10 10.18
CA GLN A 51 -1.21 -1.02 8.80
C GLN A 51 -0.18 -0.32 7.91
N GLY A 52 1.10 -0.52 8.21
CA GLY A 52 2.16 0.09 7.44
C GLY A 52 1.90 0.03 5.95
N ASP A 53 1.05 -0.91 5.54
CA ASP A 53 0.71 -1.08 4.13
C ASP A 53 -0.02 0.15 3.59
N VAL A 54 -1.17 0.46 4.18
CA VAL A 54 -1.96 1.60 3.76
C VAL A 54 -1.50 2.87 4.46
N LYS A 55 -0.87 2.71 5.62
CA LYS A 55 -0.37 3.85 6.39
C LYS A 55 0.70 4.60 5.61
N VAL A 56 1.70 3.88 5.12
CA VAL A 56 2.78 4.49 4.35
C VAL A 56 2.31 4.87 2.96
N TRP A 57 1.32 4.15 2.45
CA TRP A 57 0.78 4.43 1.12
C TRP A 57 0.61 5.93 0.89
N MET A 58 0.08 6.61 1.89
CA MET A 58 -0.13 8.05 1.80
C MET A 58 1.18 8.78 1.52
N GLN A 59 2.19 8.52 2.35
CA GLN A 59 3.50 9.15 2.18
C GLN A 59 4.14 8.72 0.87
N ASN A 60 3.83 7.50 0.43
CA ASN A 60 4.37 6.98 -0.81
C ASN A 60 4.03 7.89 -2.00
N LEU A 61 2.79 8.36 -2.01
CA LEU A 61 2.32 9.24 -3.09
C LEU A 61 2.74 10.69 -2.83
N GLU A 62 2.69 11.09 -1.56
CA GLU A 62 3.06 12.44 -1.18
C GLU A 62 4.36 12.86 -1.86
N ASP A 63 5.29 11.91 -2.00
CA ASP A 63 6.57 12.18 -2.62
C ASP A 63 6.46 12.10 -4.15
N LEU A 64 5.86 11.01 -4.63
CA LEU A 64 5.68 10.82 -6.07
C LEU A 64 4.86 11.94 -6.67
N HIS A 65 3.63 12.09 -6.20
CA HIS A 65 2.73 13.13 -6.70
C HIS A 65 3.48 14.45 -6.86
N THR A 66 4.29 14.80 -5.87
CA THR A 66 5.06 16.04 -5.90
C THR A 66 5.66 16.27 -7.29
N ARG A 67 6.07 15.19 -7.93
CA ARG A 67 6.66 15.28 -9.27
C ARG A 67 5.65 14.92 -10.35
N ARG A 68 5.14 13.69 -10.28
CA ARG A 68 4.16 13.21 -11.26
C ARG A 68 2.91 12.68 -10.55
N PRO A 69 1.76 13.31 -10.85
CA PRO A 69 0.48 12.91 -10.25
C PRO A 69 -0.01 11.55 -10.76
N ASP A 70 0.38 11.22 -11.98
CA ASP A 70 0.00 9.94 -12.58
C ASP A 70 0.81 8.79 -12.00
N GLU A 71 2.13 8.89 -12.11
CA GLU A 71 3.03 7.86 -11.60
C GLU A 71 2.78 7.62 -10.11
N PHE A 72 2.06 8.55 -9.49
CA PHE A 72 1.75 8.44 -8.06
C PHE A 72 1.38 7.01 -7.69
N THR A 73 0.54 6.39 -8.52
CA THR A 73 0.10 5.02 -8.28
C THR A 73 1.24 4.03 -8.50
N ALA A 74 2.18 4.40 -9.38
CA ALA A 74 3.32 3.54 -9.67
C ALA A 74 4.08 3.18 -8.42
N ARG A 75 3.85 3.95 -7.34
CA ARG A 75 4.53 3.70 -6.08
C ARG A 75 3.92 2.50 -5.36
N LEU A 76 2.67 2.65 -4.93
CA LEU A 76 1.97 1.58 -4.23
C LEU A 76 1.44 0.54 -5.21
N GLN A 77 1.37 0.91 -6.48
CA GLN A 77 0.89 0.00 -7.52
C GLN A 77 1.68 -1.31 -7.50
N GLN A 78 2.94 -1.23 -7.12
CA GLN A 78 3.80 -2.42 -7.07
C GLN A 78 3.51 -3.22 -5.80
N SER A 79 3.27 -2.53 -4.69
CA SER A 79 3.00 -3.18 -3.42
C SER A 79 1.64 -3.89 -3.46
N THR A 80 0.66 -3.23 -4.06
CA THR A 80 -0.69 -3.79 -4.17
C THR A 80 -0.63 -5.25 -4.58
N ASP A 81 0.35 -5.60 -5.42
CA ASP A 81 0.50 -6.97 -5.89
C ASP A 81 0.27 -7.96 -4.75
N ALA A 82 0.83 -7.66 -3.59
CA ALA A 82 0.69 -8.53 -2.44
C ALA A 82 -0.76 -8.94 -2.23
N LEU A 83 -1.67 -7.97 -2.31
CA LEU A 83 -3.09 -8.23 -2.13
C LEU A 83 -3.74 -8.61 -3.45
N TYR A 84 -3.47 -7.83 -4.49
CA TYR A 84 -4.02 -8.08 -5.81
C TYR A 84 -3.88 -9.56 -6.19
N SER A 85 -2.69 -10.10 -5.96
CA SER A 85 -2.42 -11.50 -6.27
C SER A 85 -3.05 -12.43 -5.23
N HIS A 86 -2.75 -12.16 -3.97
CA HIS A 86 -3.30 -12.97 -2.88
C HIS A 86 -4.79 -13.20 -3.06
N LEU A 87 -5.51 -12.14 -3.45
CA LEU A 87 -6.95 -12.23 -3.65
C LEU A 87 -7.26 -13.04 -4.90
N GLU A 88 -6.71 -12.64 -6.03
CA GLU A 88 -6.93 -13.34 -7.30
C GLU A 88 -6.53 -14.81 -7.18
N ALA A 89 -5.55 -15.08 -6.33
CA ALA A 89 -5.07 -16.44 -6.13
C ALA A 89 -5.92 -17.18 -5.10
N GLN A 90 -5.94 -16.67 -3.89
CA GLN A 90 -6.72 -17.29 -2.82
C GLN A 90 -8.20 -17.33 -3.17
N TRP A 91 -8.73 -16.19 -3.62
CA TRP A 91 -10.13 -16.09 -3.99
C TRP A 91 -10.45 -17.03 -5.15
N ALA A 92 -9.55 -17.11 -6.12
CA ALA A 92 -9.73 -17.98 -7.27
C ALA A 92 -10.24 -19.36 -6.85
N LYS A 93 -9.75 -19.84 -5.71
CA LYS A 93 -10.15 -21.15 -5.20
C LYS A 93 -11.67 -21.23 -5.08
N GLN A 94 -12.29 -20.13 -4.69
CA GLN A 94 -13.74 -20.08 -4.53
C GLN A 94 -14.44 -20.57 -5.80
N HIS A 95 -14.25 -19.84 -6.90
CA HIS A 95 -14.87 -20.20 -8.17
C HIS A 95 -13.87 -20.01 -9.31
N GLY A 96 -13.31 -18.81 -9.43
CA GLY A 96 -12.35 -18.52 -10.48
C GLY A 96 -12.96 -17.70 -11.59
N THR A 97 -14.18 -17.21 -11.38
CA THR A 97 -14.87 -16.40 -12.37
C THR A 97 -14.69 -14.91 -12.10
N PRO A 98 -15.14 -14.47 -10.91
CA PRO A 98 -15.04 -13.07 -10.50
C PRO A 98 -13.61 -12.64 -10.21
N PRO A 99 -12.77 -13.61 -9.83
CA PRO A 99 -11.36 -13.37 -9.52
C PRO A 99 -10.55 -13.03 -10.77
N THR A 100 -10.39 -11.73 -11.02
CA THR A 100 -9.63 -11.27 -12.18
C THR A 100 -9.04 -9.88 -11.93
N ALA A 101 -7.91 -9.61 -12.57
CA ALA A 101 -7.24 -8.31 -12.42
C ALA A 101 -8.24 -7.17 -12.57
N SER A 102 -9.38 -7.45 -13.19
CA SER A 102 -10.41 -6.45 -13.40
C SER A 102 -11.25 -6.26 -12.14
N ASP A 103 -11.55 -7.37 -11.47
CA ASP A 103 -12.35 -7.33 -10.25
C ASP A 103 -11.47 -7.07 -9.04
N VAL A 104 -10.39 -7.84 -8.91
CA VAL A 104 -9.47 -7.69 -7.79
C VAL A 104 -9.21 -6.22 -7.49
N VAL A 105 -9.43 -5.37 -8.47
CA VAL A 105 -9.22 -3.94 -8.31
C VAL A 105 -10.05 -3.39 -7.16
N GLY A 106 -11.31 -3.82 -7.08
CA GLY A 106 -12.18 -3.37 -6.02
C GLY A 106 -12.79 -4.51 -5.23
N MET A 107 -12.56 -5.74 -5.70
CA MET A 107 -13.08 -6.92 -5.03
C MET A 107 -12.61 -6.98 -3.58
N PRO A 108 -11.31 -6.72 -3.35
CA PRO A 108 -10.72 -6.74 -2.01
C PRO A 108 -11.19 -5.57 -1.17
N GLN A 109 -10.74 -5.54 0.08
CA GLN A 109 -11.12 -4.48 1.01
C GLN A 109 -10.23 -3.25 0.81
N TRP A 110 -8.95 -3.48 0.55
CA TRP A 110 -8.00 -2.40 0.34
C TRP A 110 -8.62 -1.28 -0.50
N GLN A 111 -9.43 -1.67 -1.48
CA GLN A 111 -10.07 -0.70 -2.36
C GLN A 111 -10.93 0.28 -1.55
N GLU A 112 -11.71 -0.25 -0.62
CA GLU A 112 -12.57 0.58 0.22
C GLU A 112 -11.78 1.17 1.38
N TYR A 113 -11.05 0.32 2.09
CA TYR A 113 -10.26 0.75 3.24
C TYR A 113 -9.45 2.00 2.89
N THR A 114 -8.55 1.87 1.91
CA THR A 114 -7.72 2.99 1.48
C THR A 114 -8.54 4.26 1.33
N ALA A 115 -9.81 4.10 0.97
CA ALA A 115 -10.70 5.23 0.79
C ALA A 115 -11.18 5.78 2.13
N MET A 116 -11.49 4.87 3.06
CA MET A 116 -11.96 5.27 4.38
C MET A 116 -10.91 6.11 5.11
N LEU A 117 -9.65 5.96 4.68
CA LEU A 117 -8.55 6.70 5.29
C LEU A 117 -8.66 8.19 4.97
N ARG A 118 -8.73 8.51 3.68
CA ARG A 118 -8.82 9.89 3.24
C ARG A 118 -10.24 10.43 3.46
N GLU A 119 -11.23 9.55 3.32
CA GLU A 119 -12.62 9.94 3.50
C GLU A 119 -12.93 10.15 4.98
N ARG A 120 -12.59 9.17 5.81
CA ARG A 120 -12.84 9.25 7.23
C ARG A 120 -11.66 9.91 7.96
N PHE A 121 -10.46 9.42 7.70
CA PHE A 121 -9.27 9.97 8.32
C PHE A 121 -9.46 10.15 9.83
N ALA A 122 -10.24 9.24 10.43
CA ALA A 122 -10.50 9.31 11.85
C ALA A 122 -9.28 9.80 12.63
N GLY A 123 -8.23 8.99 12.63
CA GLY A 123 -7.01 9.37 13.34
C GLY A 123 -5.79 8.69 12.77
N LEU A 124 -5.76 8.50 11.46
CA LEU A 124 -4.64 7.86 10.79
C LEU A 124 -3.51 8.86 10.56
N ASP A 125 -3.82 10.13 10.70
CA ASP A 125 -2.83 11.19 10.50
C ASP A 125 -2.04 11.44 11.78
N THR A 126 -1.10 12.37 11.71
CA THR A 126 -0.26 12.70 12.87
C THR A 126 0.15 11.45 13.62
N ILE A 127 0.32 10.35 12.89
CA ILE A 127 0.72 9.09 13.49
C ILE A 127 1.82 9.30 14.53
N LYS A 22 15.22 37.06 14.43
CA LYS A 22 13.81 36.67 14.37
C LYS A 22 13.69 35.22 13.90
N GLN A 23 14.44 34.87 12.86
CA GLN A 23 14.42 33.52 12.32
C GLN A 23 15.23 32.56 13.18
N GLN A 24 14.92 31.27 13.09
CA GLN A 24 15.64 30.26 13.86
C GLN A 24 15.88 29.00 13.03
N LEU A 25 16.90 28.25 13.39
CA LEU A 25 17.24 27.02 12.69
C LEU A 25 16.09 26.02 12.75
N GLN A 26 16.16 25.00 11.90
CA GLN A 26 15.12 23.97 11.86
C GLN A 26 15.72 22.59 12.05
N GLU A 27 15.14 21.81 12.96
CA GLU A 27 15.62 20.46 13.23
C GLU A 27 14.81 19.42 12.46
N HIS A 28 15.33 18.20 12.39
CA HIS A 28 14.65 17.12 11.69
C HIS A 28 13.91 16.21 12.66
N ALA A 29 13.16 15.26 12.11
CA ALA A 29 12.40 14.32 12.93
C ALA A 29 12.53 12.90 12.40
N PRO A 30 12.56 11.92 13.32
CA PRO A 30 12.68 10.51 12.96
C PRO A 30 11.41 9.96 12.29
N SER A 31 11.59 9.02 11.38
CA SER A 31 10.47 8.43 10.67
C SER A 31 10.90 7.17 9.91
N HIS A 32 9.92 6.36 9.54
CA HIS A 32 10.20 5.12 8.79
C HIS A 32 10.72 5.43 7.40
N ALA A 33 11.09 4.39 6.67
CA ALA A 33 11.61 4.56 5.31
C ALA A 33 10.99 3.54 4.36
N ASN A 34 10.57 4.01 3.19
CA ASN A 34 9.95 3.13 2.19
C ASN A 34 10.85 1.95 1.87
N LEU A 35 12.13 2.23 1.59
CA LEU A 35 13.10 1.19 1.27
C LEU A 35 13.13 0.13 2.37
N ASP A 36 12.74 0.52 3.58
CA ASP A 36 12.72 -0.40 4.71
C ASP A 36 12.11 -1.74 4.31
N VAL A 37 10.82 -1.72 3.97
CA VAL A 37 10.12 -2.93 3.57
C VAL A 37 10.39 -3.28 2.11
N LYS A 38 10.11 -4.51 1.73
CA LYS A 38 10.32 -4.96 0.36
C LYS A 38 9.04 -4.85 -0.46
N TRP A 39 8.05 -5.67 -0.11
CA TRP A 39 6.77 -5.66 -0.81
C TRP A 39 5.62 -5.97 0.15
N LEU A 40 4.40 -5.89 -0.36
CA LEU A 40 3.21 -6.17 0.46
C LEU A 40 3.33 -7.52 1.14
N ASP A 41 3.91 -8.50 0.45
CA ASP A 41 4.08 -9.84 0.99
C ASP A 41 5.56 -10.18 1.12
N GLY A 42 5.84 -11.32 1.74
CA GLY A 42 7.22 -11.75 1.92
C GLY A 42 8.09 -10.66 2.51
N LEU A 43 8.36 -10.75 3.81
CA LEU A 43 9.19 -9.77 4.49
C LEU A 43 9.89 -10.39 5.69
N ARG A 44 10.95 -9.72 6.16
CA ARG A 44 11.71 -10.21 7.31
C ARG A 44 11.89 -9.11 8.34
N ALA A 45 11.49 -9.40 9.58
CA ALA A 45 11.60 -8.44 10.66
C ALA A 45 10.95 -7.11 10.29
N GLY A 46 9.86 -7.18 9.55
CA GLY A 46 9.16 -5.98 9.13
C GLY A 46 7.65 -6.17 9.08
N SER A 47 7.09 -6.70 10.15
CA SER A 47 5.65 -6.95 10.22
C SER A 47 5.01 -6.06 11.29
N MET A 48 5.83 -5.49 12.16
CA MET A 48 5.34 -4.62 13.22
C MET A 48 4.29 -3.65 12.70
N ALA A 49 4.32 -3.41 11.39
CA ALA A 49 3.37 -2.50 10.76
C ALA A 49 2.47 -3.25 9.79
N LEU A 50 1.23 -3.47 10.18
CA LEU A 50 0.26 -4.17 9.35
C LEU A 50 -0.35 -3.23 8.32
N GLN A 51 -0.60 -1.99 8.73
CA GLN A 51 -1.18 -1.00 7.84
C GLN A 51 -0.10 -0.27 7.06
N GLY A 52 1.16 -0.50 7.44
CA GLY A 52 2.27 0.15 6.76
C GLY A 52 2.15 0.07 5.25
N ASP A 53 1.35 -0.88 4.77
CA ASP A 53 1.17 -1.07 3.34
C ASP A 53 0.45 0.13 2.72
N VAL A 54 -0.75 0.42 3.23
CA VAL A 54 -1.55 1.54 2.74
C VAL A 54 -1.12 2.84 3.39
N LYS A 55 -0.80 2.78 4.68
CA LYS A 55 -0.38 3.96 5.43
C LYS A 55 0.64 4.76 4.63
N VAL A 56 1.53 4.06 3.93
CA VAL A 56 2.55 4.71 3.13
C VAL A 56 2.03 5.06 1.73
N TRP A 57 0.94 4.40 1.35
CA TRP A 57 0.33 4.64 0.04
C TRP A 57 0.31 6.13 -0.29
N MET A 58 -0.34 6.90 0.58
CA MET A 58 -0.44 8.34 0.39
C MET A 58 0.90 9.02 0.61
N GLN A 59 1.50 8.78 1.78
CA GLN A 59 2.78 9.37 2.11
C GLN A 59 3.79 9.14 0.99
N ASN A 60 3.57 8.10 0.21
CA ASN A 60 4.46 7.77 -0.90
C ASN A 60 4.29 8.76 -2.05
N LEU A 61 3.04 8.98 -2.44
CA LEU A 61 2.73 9.90 -3.53
C LEU A 61 2.70 11.34 -3.03
N GLU A 62 2.61 11.51 -1.72
CA GLU A 62 2.57 12.84 -1.11
C GLU A 62 3.61 13.75 -1.76
N ASP A 63 4.63 13.14 -2.36
CA ASP A 63 5.69 13.90 -3.03
C ASP A 63 5.23 14.41 -4.39
N LEU A 64 4.88 13.48 -5.27
CA LEU A 64 4.43 13.84 -6.61
C LEU A 64 3.06 14.52 -6.56
N HIS A 65 2.36 14.33 -5.45
CA HIS A 65 1.04 14.93 -5.28
C HIS A 65 1.02 16.37 -5.78
N THR A 66 2.12 17.08 -5.57
CA THR A 66 2.24 18.47 -6.00
C THR A 66 1.80 18.63 -7.45
N ARG A 67 2.20 17.69 -8.29
CA ARG A 67 1.86 17.73 -9.71
C ARG A 67 0.76 16.71 -10.02
N ARG A 68 1.04 15.44 -9.77
CA ARG A 68 0.08 14.38 -10.04
C ARG A 68 0.39 13.15 -9.18
N PRO A 69 -0.43 12.92 -8.14
CA PRO A 69 -0.27 11.78 -7.24
C PRO A 69 -0.59 10.46 -7.92
N ASP A 70 -1.76 10.38 -8.55
CA ASP A 70 -2.18 9.16 -9.23
C ASP A 70 -1.08 8.64 -10.14
N GLU A 71 -0.15 9.51 -10.52
CA GLU A 71 0.96 9.13 -11.38
C GLU A 71 2.06 8.44 -10.59
N PHE A 72 2.32 8.95 -9.39
CA PHE A 72 3.35 8.38 -8.53
C PHE A 72 2.92 7.01 -7.99
N THR A 73 1.62 6.74 -8.06
CA THR A 73 1.08 5.47 -7.59
C THR A 73 2.01 4.32 -7.93
N ALA A 74 2.81 4.50 -8.99
CA ALA A 74 3.74 3.46 -9.42
C ALA A 74 4.57 2.95 -8.24
N ARG A 75 4.61 3.72 -7.16
CA ARG A 75 5.37 3.34 -5.97
C ARG A 75 4.59 2.32 -5.15
N LEU A 76 3.46 2.75 -4.59
CA LEU A 76 2.63 1.88 -3.78
C LEU A 76 1.99 0.78 -4.63
N GLN A 77 1.96 0.99 -5.94
CA GLN A 77 1.38 0.02 -6.86
C GLN A 77 2.23 -1.25 -6.90
N GLN A 78 3.53 -1.10 -6.70
CA GLN A 78 4.44 -2.24 -6.71
C GLN A 78 4.09 -3.24 -5.62
N SER A 79 3.53 -2.74 -4.52
CA SER A 79 3.13 -3.59 -3.41
C SER A 79 1.73 -4.14 -3.60
N THR A 80 0.80 -3.26 -3.97
CA THR A 80 -0.58 -3.66 -4.20
C THR A 80 -0.67 -4.98 -4.96
N ASP A 81 0.40 -5.30 -5.69
CA ASP A 81 0.45 -6.53 -6.46
C ASP A 81 0.27 -7.75 -5.55
N ALA A 82 1.11 -7.85 -4.53
CA ALA A 82 1.05 -8.96 -3.59
C ALA A 82 -0.38 -9.17 -3.09
N LEU A 83 -1.07 -8.06 -2.81
CA LEU A 83 -2.44 -8.12 -2.31
C LEU A 83 -3.39 -8.56 -3.42
N TYR A 84 -3.30 -7.90 -4.57
CA TYR A 84 -4.15 -8.23 -5.71
C TYR A 84 -4.00 -9.69 -6.11
N SER A 85 -2.84 -10.27 -5.81
CA SER A 85 -2.56 -11.65 -6.14
C SER A 85 -3.15 -12.59 -5.09
N HIS A 86 -3.01 -12.21 -3.82
CA HIS A 86 -3.52 -13.01 -2.72
C HIS A 86 -5.02 -13.27 -2.89
N LEU A 87 -5.76 -12.23 -3.26
CA LEU A 87 -7.19 -12.34 -3.45
C LEU A 87 -7.51 -13.11 -4.73
N GLU A 88 -7.04 -12.59 -5.86
CA GLU A 88 -7.27 -13.23 -7.15
C GLU A 88 -6.85 -14.70 -7.11
N ALA A 89 -5.81 -14.99 -6.34
CA ALA A 89 -5.30 -16.35 -6.23
C ALA A 89 -6.10 -17.15 -5.19
N GLN A 90 -6.10 -16.65 -3.95
CA GLN A 90 -6.83 -17.31 -2.88
C GLN A 90 -8.33 -17.30 -3.14
N TRP A 91 -8.89 -16.11 -3.33
CA TRP A 91 -10.31 -15.96 -3.59
C TRP A 91 -10.76 -16.89 -4.71
N ALA A 92 -9.85 -17.17 -5.64
CA ALA A 92 -10.14 -18.05 -6.76
C ALA A 92 -10.85 -19.33 -6.29
N LYS A 93 -10.40 -19.86 -5.16
CA LYS A 93 -10.98 -21.08 -4.61
C LYS A 93 -12.51 -21.00 -4.62
N GLN A 94 -13.03 -19.79 -4.43
CA GLN A 94 -14.48 -19.59 -4.42
C GLN A 94 -15.11 -20.11 -5.71
N HIS A 95 -14.70 -19.55 -6.84
CA HIS A 95 -15.22 -19.95 -8.14
C HIS A 95 -14.09 -20.13 -9.15
N GLY A 96 -13.19 -19.16 -9.20
CA GLY A 96 -12.07 -19.22 -10.12
C GLY A 96 -12.23 -18.27 -11.29
N THR A 97 -13.47 -17.89 -11.58
CA THR A 97 -13.75 -16.98 -12.68
C THR A 97 -13.79 -15.53 -12.20
N PRO A 98 -14.16 -15.34 -10.92
CA PRO A 98 -14.24 -14.01 -10.31
C PRO A 98 -12.86 -13.38 -10.11
N PRO A 99 -11.84 -14.24 -9.98
CA PRO A 99 -10.45 -13.79 -9.77
C PRO A 99 -9.87 -13.13 -11.02
N THR A 100 -10.07 -11.81 -11.12
CA THR A 100 -9.56 -11.05 -12.26
C THR A 100 -9.39 -9.58 -11.90
N ALA A 101 -8.40 -8.95 -12.51
CA ALA A 101 -8.13 -7.53 -12.26
C ALA A 101 -9.43 -6.74 -12.12
N SER A 102 -10.30 -6.87 -13.11
CA SER A 102 -11.58 -6.16 -13.08
C SER A 102 -12.27 -6.31 -11.73
N ASP A 103 -12.16 -7.51 -11.15
CA ASP A 103 -12.77 -7.80 -9.86
C ASP A 103 -11.83 -7.40 -8.72
N VAL A 104 -10.69 -8.08 -8.64
CA VAL A 104 -9.70 -7.80 -7.60
C VAL A 104 -9.51 -6.30 -7.40
N VAL A 105 -9.80 -5.54 -8.44
CA VAL A 105 -9.68 -4.09 -8.38
C VAL A 105 -10.42 -3.51 -7.19
N GLY A 106 -11.62 -4.02 -6.94
CA GLY A 106 -12.42 -3.55 -5.83
C GLY A 106 -13.00 -4.69 -5.01
N MET A 107 -12.68 -5.92 -5.40
CA MET A 107 -13.18 -7.09 -4.69
C MET A 107 -12.65 -7.13 -3.26
N PRO A 108 -11.35 -6.90 -3.10
CA PRO A 108 -10.70 -6.90 -1.79
C PRO A 108 -11.11 -5.71 -0.94
N GLN A 109 -10.60 -5.66 0.29
CA GLN A 109 -10.92 -4.57 1.20
C GLN A 109 -10.04 -3.36 0.94
N TRP A 110 -8.80 -3.61 0.50
CA TRP A 110 -7.86 -2.55 0.21
C TRP A 110 -8.54 -1.40 -0.54
N GLN A 111 -9.34 -1.76 -1.53
CA GLN A 111 -10.05 -0.76 -2.34
C GLN A 111 -10.80 0.22 -1.44
N GLU A 112 -11.66 -0.31 -0.58
CA GLU A 112 -12.43 0.53 0.33
C GLU A 112 -11.54 1.17 1.39
N TYR A 113 -10.76 0.33 2.08
CA TYR A 113 -9.86 0.82 3.12
C TYR A 113 -9.06 2.01 2.62
N THR A 114 -8.25 1.79 1.58
CA THR A 114 -7.43 2.85 1.01
C THR A 114 -8.22 4.14 0.86
N ALA A 115 -9.54 4.01 0.75
CA ALA A 115 -10.41 5.18 0.60
C ALA A 115 -10.67 5.84 1.94
N MET A 116 -11.02 5.04 2.94
CA MET A 116 -11.30 5.55 4.27
C MET A 116 -10.11 6.36 4.80
N LEU A 117 -8.93 6.08 4.26
CA LEU A 117 -7.72 6.78 4.68
C LEU A 117 -7.77 8.25 4.28
N ARG A 118 -7.87 8.49 2.98
CA ARG A 118 -7.92 9.86 2.46
C ARG A 118 -9.28 10.49 2.74
N GLU A 119 -10.30 9.66 2.86
CA GLU A 119 -11.66 10.13 3.12
C GLU A 119 -11.84 10.44 4.60
N ARG A 120 -11.55 9.46 5.45
CA ARG A 120 -11.69 9.63 6.89
C ARG A 120 -10.47 10.33 7.47
N PHE A 121 -9.29 9.77 7.22
CA PHE A 121 -8.05 10.35 7.72
C PHE A 121 -8.17 10.71 9.19
N ALA A 122 -8.93 9.92 9.94
CA ALA A 122 -9.13 10.15 11.36
C ALA A 122 -7.86 10.66 12.02
N GLY A 123 -6.84 9.80 12.08
CA GLY A 123 -5.58 10.19 12.68
C GLY A 123 -4.43 9.31 12.24
N LEU A 124 -4.46 8.90 10.97
CA LEU A 124 -3.41 8.05 10.42
C LEU A 124 -2.27 8.89 9.86
N ASP A 125 -2.57 10.12 9.47
CA ASP A 125 -1.57 11.02 8.91
C ASP A 125 -0.50 11.35 9.95
N THR A 126 -0.93 11.68 11.16
CA THR A 126 -0.02 12.02 12.24
C THR A 126 0.95 10.87 12.51
N ILE A 127 0.51 9.64 12.25
CA ILE A 127 1.34 8.47 12.47
C ILE A 127 1.62 7.75 11.15
N LYS A 22 41.06 -10.31 -0.43
CA LYS A 22 40.04 -10.32 0.61
C LYS A 22 39.55 -8.89 0.90
N GLN A 23 38.27 -8.78 1.22
CA GLN A 23 37.69 -7.47 1.53
C GLN A 23 36.51 -7.63 2.50
N GLN A 24 36.21 -6.55 3.22
CA GLN A 24 35.10 -6.57 4.18
C GLN A 24 34.06 -5.50 3.83
N LEU A 25 32.86 -5.95 3.50
CA LEU A 25 31.77 -5.04 3.15
C LEU A 25 30.45 -5.56 3.67
N GLN A 26 29.88 -4.83 4.64
CA GLN A 26 28.60 -5.21 5.23
C GLN A 26 27.85 -3.99 5.76
N GLU A 27 26.59 -3.86 5.38
CA GLU A 27 25.78 -2.72 5.82
C GLU A 27 24.29 -3.08 5.78
N HIS A 28 23.66 -3.06 6.94
CA HIS A 28 22.23 -3.38 7.03
C HIS A 28 21.60 -2.68 8.23
N ALA A 29 20.27 -2.63 8.25
CA ALA A 29 19.54 -1.98 9.33
C ALA A 29 19.44 -2.91 10.55
N PRO A 30 19.58 -2.34 11.75
CA PRO A 30 19.50 -3.10 13.00
C PRO A 30 18.08 -3.59 13.29
N SER A 31 17.10 -2.73 13.04
CA SER A 31 15.70 -3.09 13.28
C SER A 31 14.78 -2.25 12.40
N HIS A 32 13.57 -2.77 12.16
CA HIS A 32 12.59 -2.06 11.33
C HIS A 32 11.59 -1.32 12.20
N ALA A 33 10.89 -0.37 11.60
CA ALA A 33 9.89 0.43 12.32
C ALA A 33 8.55 0.40 11.60
N ASN A 34 7.51 0.86 12.29
CA ASN A 34 6.17 0.89 11.72
C ASN A 34 6.16 1.65 10.39
N LEU A 35 6.84 2.78 10.36
CA LEU A 35 6.92 3.60 9.15
C LEU A 35 7.30 2.75 7.95
N ASP A 36 8.40 2.02 8.07
CA ASP A 36 8.88 1.16 7.00
C ASP A 36 8.23 -0.21 7.06
N VAL A 37 7.49 -0.56 6.01
CA VAL A 37 6.81 -1.85 5.94
C VAL A 37 7.04 -2.53 4.60
N LYS A 38 7.44 -3.79 4.64
CA LYS A 38 7.69 -4.56 3.43
C LYS A 38 6.50 -4.48 2.49
N TRP A 39 6.64 -5.11 1.32
CA TRP A 39 5.58 -5.12 0.32
C TRP A 39 4.33 -5.82 0.86
N LEU A 40 3.28 -5.86 0.05
CA LEU A 40 2.04 -6.51 0.45
C LEU A 40 2.17 -8.02 0.42
N ASP A 41 3.38 -8.50 0.14
CA ASP A 41 3.65 -9.94 0.09
C ASP A 41 3.88 -10.49 1.49
N GLY A 42 2.86 -11.17 2.02
CA GLY A 42 2.97 -11.74 3.35
C GLY A 42 3.83 -10.91 4.28
N LEU A 43 3.21 -9.98 4.98
CA LEU A 43 3.94 -9.11 5.91
C LEU A 43 4.24 -9.85 7.22
N ARG A 44 5.06 -9.23 8.05
CA ARG A 44 5.44 -9.82 9.33
C ARG A 44 5.76 -8.74 10.36
N ALA A 45 5.93 -9.15 11.61
CA ALA A 45 6.24 -8.22 12.68
C ALA A 45 5.07 -7.27 12.95
N GLY A 46 3.86 -7.82 12.91
CA GLY A 46 2.67 -7.01 13.15
C GLY A 46 1.71 -7.03 11.98
N SER A 47 1.19 -5.86 11.62
CA SER A 47 0.26 -5.74 10.51
C SER A 47 -0.93 -6.69 10.70
N MET A 48 -1.31 -6.90 11.95
CA MET A 48 -2.44 -7.79 12.27
C MET A 48 -3.74 -7.00 12.35
N ALA A 49 -3.66 -5.78 12.88
CA ALA A 49 -4.83 -4.93 13.02
C ALA A 49 -4.93 -3.94 11.86
N LEU A 50 -3.98 -3.01 11.81
CA LEU A 50 -3.96 -2.00 10.75
C LEU A 50 -3.13 -2.48 9.56
N GLN A 51 -3.07 -1.64 8.53
CA GLN A 51 -2.29 -1.97 7.33
C GLN A 51 -1.39 -0.81 6.92
N GLY A 52 -0.09 -0.98 7.14
CA GLY A 52 0.85 0.07 6.79
C GLY A 52 0.98 0.26 5.29
N ASP A 53 0.78 -0.82 4.54
CA ASP A 53 0.87 -0.76 3.08
C ASP A 53 -0.07 0.30 2.52
N VAL A 54 -1.25 0.41 3.11
CA VAL A 54 -2.23 1.39 2.67
C VAL A 54 -1.95 2.77 3.27
N LYS A 55 -1.24 2.78 4.40
CA LYS A 55 -0.90 4.02 5.08
C LYS A 55 0.26 4.73 4.38
N VAL A 56 1.12 3.94 3.75
CA VAL A 56 2.27 4.50 3.03
C VAL A 56 1.92 4.82 1.58
N TRP A 57 0.83 4.23 1.10
CA TRP A 57 0.38 4.46 -0.27
C TRP A 57 0.52 5.92 -0.65
N MET A 58 -0.13 6.79 0.12
CA MET A 58 -0.09 8.22 -0.14
C MET A 58 1.18 8.84 0.44
N GLN A 59 1.55 8.40 1.64
CA GLN A 59 2.74 8.91 2.30
C GLN A 59 3.96 8.81 1.39
N ASN A 60 3.92 7.86 0.46
CA ASN A 60 5.03 7.67 -0.48
C ASN A 60 4.96 8.69 -1.61
N LEU A 61 3.76 8.94 -2.10
CA LEU A 61 3.56 9.90 -3.19
C LEU A 61 3.53 11.33 -2.66
N GLU A 62 3.31 11.48 -1.35
CA GLU A 62 3.27 12.79 -0.73
C GLU A 62 4.40 13.68 -1.24
N ASP A 63 5.45 13.05 -1.76
CA ASP A 63 6.59 13.78 -2.28
C ASP A 63 6.32 14.27 -3.70
N LEU A 64 6.08 13.32 -4.61
CA LEU A 64 5.80 13.66 -6.01
C LEU A 64 4.54 14.49 -6.13
N HIS A 65 3.65 14.35 -5.14
CA HIS A 65 2.39 15.08 -5.14
C HIS A 65 2.61 16.53 -5.56
N THR A 66 3.71 17.12 -5.11
CA THR A 66 4.04 18.49 -5.44
C THR A 66 3.84 18.77 -6.93
N ARG A 67 4.24 17.81 -7.75
CA ARG A 67 4.10 17.94 -9.21
C ARG A 67 3.01 17.02 -9.74
N ARG A 68 3.15 15.73 -9.47
CA ARG A 68 2.17 14.74 -9.93
C ARG A 68 2.25 13.47 -9.08
N PRO A 69 1.29 13.33 -8.15
CA PRO A 69 1.23 12.16 -7.26
C PRO A 69 0.84 10.89 -8.00
N ASP A 70 -0.25 10.97 -8.76
CA ASP A 70 -0.73 9.81 -9.52
C ASP A 70 0.42 9.15 -10.28
N GLU A 71 1.50 9.89 -10.47
CA GLU A 71 2.67 9.38 -11.19
C GLU A 71 3.54 8.53 -10.26
N PHE A 72 3.82 9.06 -9.08
CA PHE A 72 4.65 8.35 -8.11
C PHE A 72 4.07 6.98 -7.79
N THR A 73 2.78 6.81 -8.09
CA THR A 73 2.10 5.54 -7.85
C THR A 73 3.00 4.36 -8.18
N ALA A 74 3.98 4.59 -9.03
CA ALA A 74 4.91 3.54 -9.43
C ALA A 74 5.56 2.89 -8.21
N ARG A 75 5.49 3.58 -7.07
CA ARG A 75 6.08 3.08 -5.83
C ARG A 75 5.15 2.06 -5.17
N LEU A 76 4.02 2.55 -4.65
CA LEU A 76 3.05 1.68 -3.99
C LEU A 76 2.35 0.78 -5.00
N GLN A 77 2.44 1.14 -6.28
CA GLN A 77 1.82 0.35 -7.34
C GLN A 77 2.34 -1.08 -7.34
N GLN A 78 3.54 -1.26 -6.77
CA GLN A 78 4.15 -2.58 -6.71
C GLN A 78 3.63 -3.37 -5.51
N SER A 79 3.13 -2.66 -4.51
CA SER A 79 2.61 -3.28 -3.30
C SER A 79 1.26 -3.94 -3.58
N THR A 80 0.27 -3.14 -3.94
CA THR A 80 -1.06 -3.64 -4.24
C THR A 80 -1.00 -4.93 -5.05
N ASP A 81 0.13 -5.14 -5.72
CA ASP A 81 0.32 -6.34 -6.54
C ASP A 81 0.19 -7.60 -5.69
N ALA A 82 0.91 -7.63 -4.57
CA ALA A 82 0.86 -8.78 -3.67
C ALA A 82 -0.56 -9.07 -3.22
N LEU A 83 -1.29 -8.04 -2.82
CA LEU A 83 -2.66 -8.18 -2.37
C LEU A 83 -3.59 -8.48 -3.55
N TYR A 84 -3.22 -8.01 -4.73
CA TYR A 84 -4.01 -8.23 -5.92
C TYR A 84 -3.92 -9.68 -6.39
N SER A 85 -2.70 -10.22 -6.37
CA SER A 85 -2.46 -11.60 -6.78
C SER A 85 -2.75 -12.57 -5.65
N HIS A 86 -2.49 -12.12 -4.42
CA HIS A 86 -2.72 -12.95 -3.24
C HIS A 86 -4.19 -13.37 -3.15
N LEU A 87 -5.08 -12.40 -3.21
CA LEU A 87 -6.52 -12.67 -3.13
C LEU A 87 -7.02 -13.29 -4.43
N GLU A 88 -6.66 -12.68 -5.55
CA GLU A 88 -7.08 -13.18 -6.86
C GLU A 88 -6.59 -14.61 -7.08
N ALA A 89 -5.40 -14.91 -6.55
CA ALA A 89 -4.83 -16.24 -6.69
C ALA A 89 -5.35 -17.19 -5.62
N GLN A 90 -5.22 -16.78 -4.36
CA GLN A 90 -5.69 -17.60 -3.24
C GLN A 90 -7.21 -17.67 -3.23
N TRP A 91 -7.85 -16.52 -3.17
CA TRP A 91 -9.31 -16.45 -3.14
C TRP A 91 -9.91 -17.09 -4.41
N ALA A 92 -9.11 -17.13 -5.47
CA ALA A 92 -9.55 -17.70 -6.74
C ALA A 92 -10.27 -19.03 -6.51
N LYS A 93 -9.71 -19.87 -5.64
CA LYS A 93 -10.29 -21.16 -5.34
C LYS A 93 -11.79 -21.04 -5.10
N GLN A 94 -12.21 -19.92 -4.53
CA GLN A 94 -13.63 -19.68 -4.26
C GLN A 94 -14.48 -20.05 -5.46
N HIS A 95 -14.25 -19.36 -6.57
CA HIS A 95 -15.00 -19.62 -7.80
C HIS A 95 -14.07 -19.66 -9.01
N GLY A 96 -13.27 -18.61 -9.17
CA GLY A 96 -12.35 -18.55 -10.29
C GLY A 96 -12.88 -17.71 -11.44
N THR A 97 -14.20 -17.52 -11.47
CA THR A 97 -14.83 -16.74 -12.52
C THR A 97 -14.87 -15.26 -12.16
N PRO A 98 -15.40 -14.95 -10.98
CA PRO A 98 -15.50 -13.58 -10.49
C PRO A 98 -14.14 -12.98 -10.14
N PRO A 99 -13.19 -13.85 -9.78
CA PRO A 99 -11.83 -13.43 -9.42
C PRO A 99 -11.04 -12.93 -10.62
N THR A 100 -11.09 -11.62 -10.84
CA THR A 100 -10.38 -11.01 -11.96
C THR A 100 -9.90 -9.60 -11.60
N ALA A 101 -8.87 -9.15 -12.30
CA ALA A 101 -8.31 -7.81 -12.06
C ALA A 101 -9.43 -6.77 -11.97
N SER A 102 -10.59 -7.10 -12.52
CA SER A 102 -11.73 -6.19 -12.50
C SER A 102 -12.44 -6.24 -11.14
N ASP A 103 -12.52 -7.43 -10.56
CA ASP A 103 -13.18 -7.61 -9.28
C ASP A 103 -12.17 -7.48 -8.13
N VAL A 104 -11.11 -8.28 -8.19
CA VAL A 104 -10.07 -8.26 -7.17
C VAL A 104 -9.68 -6.82 -6.82
N VAL A 105 -9.62 -5.98 -7.84
CA VAL A 105 -9.25 -4.57 -7.64
C VAL A 105 -10.01 -3.97 -6.47
N GLY A 106 -11.25 -4.41 -6.28
CA GLY A 106 -12.06 -3.90 -5.20
C GLY A 106 -12.99 -4.95 -4.62
N MET A 107 -12.71 -6.21 -4.92
CA MET A 107 -13.52 -7.31 -4.42
C MET A 107 -13.29 -7.55 -2.94
N PRO A 108 -12.01 -7.60 -2.54
CA PRO A 108 -11.61 -7.80 -1.14
C PRO A 108 -11.94 -6.60 -0.27
N GLN A 109 -11.34 -6.56 0.92
CA GLN A 109 -11.56 -5.47 1.86
C GLN A 109 -10.85 -4.20 1.39
N TRP A 110 -9.56 -4.31 1.15
CA TRP A 110 -8.76 -3.17 0.69
C TRP A 110 -9.51 -2.37 -0.36
N GLN A 111 -10.47 -3.01 -1.02
CA GLN A 111 -11.27 -2.34 -2.04
C GLN A 111 -11.68 -0.95 -1.60
N GLU A 112 -12.13 -0.84 -0.35
CA GLU A 112 -12.56 0.44 0.20
C GLU A 112 -11.36 1.24 0.71
N TYR A 113 -10.42 0.55 1.34
CA TYR A 113 -9.23 1.19 1.87
C TYR A 113 -8.41 1.85 0.77
N THR A 114 -7.90 1.02 -0.15
CA THR A 114 -7.10 1.52 -1.26
C THR A 114 -7.73 2.75 -1.88
N ALA A 115 -9.07 2.81 -1.86
CA ALA A 115 -9.79 3.94 -2.42
C ALA A 115 -9.85 5.10 -1.43
N MET A 116 -10.14 4.79 -0.17
CA MET A 116 -10.22 5.81 0.86
C MET A 116 -9.07 6.80 0.75
N LEU A 117 -7.99 6.37 0.11
CA LEU A 117 -6.82 7.22 -0.06
C LEU A 117 -7.06 8.28 -1.14
N ARG A 118 -7.44 7.81 -2.33
CA ARG A 118 -7.70 8.71 -3.45
C ARG A 118 -9.10 9.31 -3.34
N GLU A 119 -10.09 8.45 -3.13
CA GLU A 119 -11.47 8.89 -3.02
C GLU A 119 -11.63 9.88 -1.87
N ARG A 120 -11.18 9.49 -0.68
CA ARG A 120 -11.28 10.35 0.50
C ARG A 120 -9.96 11.07 0.74
N PHE A 121 -9.15 11.19 -0.31
CA PHE A 121 -7.86 11.87 -0.20
C PHE A 121 -8.01 13.22 0.50
N ALA A 122 -9.23 13.72 0.54
CA ALA A 122 -9.51 15.01 1.19
C ALA A 122 -8.93 15.04 2.60
N GLY A 123 -8.61 13.87 3.13
CA GLY A 123 -8.05 13.79 4.47
C GLY A 123 -6.96 12.74 4.58
N LEU A 124 -5.95 12.85 3.72
CA LEU A 124 -4.84 11.91 3.73
C LEU A 124 -4.00 12.06 5.01
N ASP A 125 -4.19 11.13 5.94
CA ASP A 125 -3.45 11.16 7.20
C ASP A 125 -3.41 9.77 7.82
N THR A 126 -2.42 9.55 8.70
CA THR A 126 -2.27 8.27 9.37
C THR A 126 -3.43 8.00 10.33
N ILE A 127 -4.35 7.15 9.91
CA ILE A 127 -5.50 6.80 10.73
C ILE A 127 -5.08 6.36 12.12
N LYS A 22 30.10 14.50 5.96
CA LYS A 22 30.10 13.63 7.13
C LYS A 22 28.94 13.98 8.06
N GLN A 23 27.77 14.23 7.47
CA GLN A 23 26.59 14.57 8.25
C GLN A 23 25.34 13.93 7.66
N GLN A 24 24.29 13.80 8.47
CA GLN A 24 23.05 13.20 8.01
C GLN A 24 23.28 11.76 7.52
N LEU A 25 24.09 11.02 8.26
CA LEU A 25 24.40 9.64 7.90
C LEU A 25 23.25 8.71 8.29
N GLN A 26 23.10 7.62 7.55
CA GLN A 26 22.04 6.65 7.82
C GLN A 26 22.49 5.65 8.88
N GLU A 27 23.69 5.12 8.73
CA GLU A 27 24.23 4.16 9.67
C GLU A 27 23.81 4.50 11.10
N HIS A 28 24.22 5.68 11.56
CA HIS A 28 23.89 6.12 12.92
C HIS A 28 22.46 5.71 13.28
N ALA A 29 21.51 6.06 12.43
CA ALA A 29 20.12 5.72 12.67
C ALA A 29 19.88 4.21 12.56
N PRO A 30 18.78 3.75 13.18
CA PRO A 30 18.42 2.32 13.16
C PRO A 30 17.97 1.85 11.78
N SER A 31 17.10 2.63 11.15
CA SER A 31 16.59 2.28 9.83
C SER A 31 17.25 3.14 8.76
N HIS A 32 17.13 2.70 7.50
CA HIS A 32 17.72 3.42 6.38
C HIS A 32 16.89 4.66 6.04
N ALA A 33 15.64 4.44 5.63
CA ALA A 33 14.76 5.54 5.27
C ALA A 33 13.30 5.14 5.44
N ASN A 34 12.50 6.04 6.01
CA ASN A 34 11.09 5.78 6.23
C ASN A 34 10.42 5.27 4.96
N LEU A 35 10.79 5.84 3.83
CA LEU A 35 10.22 5.45 2.54
C LEU A 35 10.54 3.99 2.24
N ASP A 36 11.72 3.54 2.66
CA ASP A 36 12.13 2.16 2.44
C ASP A 36 11.19 1.18 3.14
N VAL A 37 10.38 0.49 2.35
CA VAL A 37 9.43 -0.47 2.90
C VAL A 37 9.24 -1.66 1.96
N LYS A 38 9.61 -2.84 2.42
CA LYS A 38 9.48 -4.05 1.63
C LYS A 38 8.05 -4.21 1.10
N TRP A 39 7.92 -4.86 -0.04
CA TRP A 39 6.62 -5.09 -0.65
C TRP A 39 5.66 -5.72 0.34
N LEU A 40 4.41 -5.94 -0.09
CA LEU A 40 3.40 -6.54 0.77
C LEU A 40 3.70 -8.02 1.00
N ASP A 41 4.17 -8.70 -0.04
CA ASP A 41 4.50 -10.12 0.05
C ASP A 41 5.66 -10.35 1.02
N GLY A 42 5.68 -11.52 1.64
CA GLY A 42 6.74 -11.84 2.57
C GLY A 42 7.17 -10.64 3.40
N LEU A 43 6.37 -10.28 4.39
CA LEU A 43 6.67 -9.13 5.25
C LEU A 43 7.14 -9.60 6.63
N ARG A 44 7.88 -8.75 7.31
CA ARG A 44 8.38 -9.07 8.65
C ARG A 44 7.98 -8.00 9.65
N ALA A 45 7.84 -8.40 10.90
CA ALA A 45 7.46 -7.46 11.97
C ALA A 45 8.20 -6.14 11.82
N GLY A 46 9.39 -6.19 11.26
CA GLY A 46 10.18 -4.98 11.07
C GLY A 46 9.32 -3.77 10.77
N SER A 47 8.29 -3.97 9.96
CA SER A 47 7.38 -2.89 9.58
C SER A 47 6.76 -2.25 10.82
N MET A 48 6.29 -3.09 11.73
CA MET A 48 5.65 -2.62 12.95
C MET A 48 4.49 -1.68 12.64
N ALA A 49 3.70 -2.04 11.65
CA ALA A 49 2.55 -1.23 11.26
C ALA A 49 1.50 -2.07 10.55
N LEU A 50 0.28 -2.06 11.10
CA LEU A 50 -0.82 -2.82 10.52
C LEU A 50 -1.30 -2.20 9.22
N GLN A 51 -1.31 -0.87 9.18
CA GLN A 51 -1.74 -0.14 7.99
C GLN A 51 -0.56 0.56 7.32
N GLY A 52 0.65 0.21 7.74
CA GLY A 52 1.84 0.82 7.17
C GLY A 52 1.84 0.76 5.66
N ASP A 53 1.05 -0.13 5.09
CA ASP A 53 0.96 -0.27 3.65
C ASP A 53 0.16 0.87 3.03
N VAL A 54 -1.08 1.02 3.46
CA VAL A 54 -1.95 2.07 2.96
C VAL A 54 -1.53 3.43 3.49
N LYS A 55 -0.82 3.43 4.61
CA LYS A 55 -0.35 4.67 5.23
C LYS A 55 0.69 5.35 4.35
N VAL A 56 1.49 4.55 3.67
CA VAL A 56 2.54 5.07 2.79
C VAL A 56 2.02 5.28 1.37
N TRP A 57 0.90 4.62 1.06
CA TRP A 57 0.30 4.73 -0.27
C TRP A 57 0.34 6.18 -0.76
N MET A 58 -0.20 7.09 0.04
CA MET A 58 -0.21 8.51 -0.32
C MET A 58 1.09 9.19 0.09
N GLN A 59 1.49 8.97 1.32
CA GLN A 59 2.72 9.57 1.85
C GLN A 59 3.84 9.49 0.81
N ASN A 60 3.82 8.43 0.01
CA ASN A 60 4.84 8.24 -1.02
C ASN A 60 4.63 9.21 -2.18
N LEU A 61 3.39 9.27 -2.68
CA LEU A 61 3.06 10.15 -3.78
C LEU A 61 2.95 11.60 -3.31
N GLU A 62 2.84 11.78 -2.01
CA GLU A 62 2.73 13.12 -1.43
C GLU A 62 3.85 14.02 -1.94
N ASP A 63 5.05 13.46 -2.06
CA ASP A 63 6.21 14.21 -2.52
C ASP A 63 6.25 14.25 -4.05
N LEU A 64 6.37 13.09 -4.67
CA LEU A 64 6.42 13.00 -6.13
C LEU A 64 5.22 13.71 -6.75
N HIS A 65 4.09 13.67 -6.07
CA HIS A 65 2.87 14.32 -6.55
C HIS A 65 3.20 15.68 -7.15
N THR A 66 4.30 16.28 -6.72
CA THR A 66 4.72 17.59 -7.21
C THR A 66 4.54 17.69 -8.72
N ARG A 67 4.53 16.53 -9.38
CA ARG A 67 4.37 16.49 -10.83
C ARG A 67 3.11 15.71 -11.22
N ARG A 68 3.15 14.40 -10.99
CA ARG A 68 2.02 13.54 -11.32
C ARG A 68 2.04 12.27 -10.47
N PRO A 69 0.87 11.89 -9.93
CA PRO A 69 0.73 10.69 -9.10
C PRO A 69 0.89 9.41 -9.91
N ASP A 70 0.42 9.44 -11.15
CA ASP A 70 0.51 8.27 -12.02
C ASP A 70 1.95 7.79 -12.16
N GLU A 71 2.89 8.68 -11.80
CA GLU A 71 4.32 8.35 -11.89
C GLU A 71 4.77 7.58 -10.64
N PHE A 72 4.51 8.17 -9.47
CA PHE A 72 4.90 7.54 -8.22
C PHE A 72 3.93 6.43 -7.85
N THR A 73 2.77 6.43 -8.49
CA THR A 73 1.76 5.41 -8.22
C THR A 73 2.35 4.00 -8.31
N ALA A 74 3.50 3.89 -8.97
CA ALA A 74 4.17 2.61 -9.12
C ALA A 74 4.76 2.13 -7.80
N ARG A 75 5.01 3.08 -6.89
CA ARG A 75 5.58 2.77 -5.60
C ARG A 75 4.62 1.89 -4.78
N LEU A 76 3.50 2.47 -4.38
CA LEU A 76 2.50 1.75 -3.60
C LEU A 76 1.85 0.64 -4.43
N GLN A 77 1.97 0.76 -5.75
CA GLN A 77 1.39 -0.24 -6.65
C GLN A 77 2.05 -1.59 -6.45
N GLN A 78 3.34 -1.58 -6.09
CA GLN A 78 4.08 -2.82 -5.87
C GLN A 78 3.60 -3.53 -4.61
N SER A 79 3.21 -2.74 -3.62
CA SER A 79 2.73 -3.29 -2.35
C SER A 79 1.42 -4.06 -2.54
N THR A 80 0.41 -3.36 -3.05
CA THR A 80 -0.89 -3.97 -3.29
C THR A 80 -0.78 -5.14 -4.26
N ASP A 81 0.26 -5.12 -5.09
CA ASP A 81 0.48 -6.18 -6.07
C ASP A 81 0.31 -7.56 -5.42
N ALA A 82 1.08 -7.80 -4.36
CA ALA A 82 1.02 -9.07 -3.66
C ALA A 82 -0.43 -9.43 -3.30
N LEU A 83 -1.16 -8.47 -2.74
CA LEU A 83 -2.54 -8.69 -2.35
C LEU A 83 -3.40 -9.04 -3.57
N TYR A 84 -3.13 -8.38 -4.68
CA TYR A 84 -3.88 -8.62 -5.91
C TYR A 84 -3.79 -10.08 -6.32
N SER A 85 -2.57 -10.55 -6.58
CA SER A 85 -2.35 -11.93 -6.99
C SER A 85 -2.77 -12.89 -5.88
N HIS A 86 -2.46 -12.53 -4.64
CA HIS A 86 -2.81 -13.37 -3.49
C HIS A 86 -4.31 -13.63 -3.44
N LEU A 87 -5.10 -12.57 -3.61
CA LEU A 87 -6.55 -12.68 -3.59
C LEU A 87 -7.07 -13.33 -4.87
N GLU A 88 -6.75 -12.72 -6.01
CA GLU A 88 -7.17 -13.24 -7.30
C GLU A 88 -6.77 -14.69 -7.46
N ALA A 89 -5.64 -15.06 -6.85
CA ALA A 89 -5.14 -16.43 -6.94
C ALA A 89 -5.81 -17.32 -5.89
N GLN A 90 -5.63 -16.97 -4.62
CA GLN A 90 -6.21 -17.73 -3.52
C GLN A 90 -7.74 -17.65 -3.56
N TRP A 91 -8.26 -16.44 -3.53
CA TRP A 91 -9.70 -16.22 -3.57
C TRP A 91 -10.33 -16.89 -4.79
N ALA A 92 -9.57 -16.94 -5.88
CA ALA A 92 -10.05 -17.55 -7.11
C ALA A 92 -10.67 -18.92 -6.84
N LYS A 93 -10.06 -19.67 -5.92
CA LYS A 93 -10.55 -20.99 -5.57
C LYS A 93 -12.05 -20.99 -5.38
N GLN A 94 -12.62 -19.81 -5.12
CA GLN A 94 -14.05 -19.67 -4.91
C GLN A 94 -14.82 -20.07 -6.16
N HIS A 95 -14.54 -19.39 -7.27
CA HIS A 95 -15.22 -19.68 -8.54
C HIS A 95 -14.20 -19.82 -9.67
N GLY A 96 -13.34 -18.81 -9.80
CA GLY A 96 -12.33 -18.84 -10.85
C GLY A 96 -12.67 -17.90 -12.00
N THR A 97 -13.95 -17.66 -12.21
CA THR A 97 -14.40 -16.79 -13.28
C THR A 97 -14.52 -15.34 -12.81
N PRO A 98 -15.09 -15.16 -11.60
CA PRO A 98 -15.27 -13.83 -11.01
C PRO A 98 -13.95 -13.20 -10.58
N PRO A 99 -12.96 -14.05 -10.27
CA PRO A 99 -11.64 -13.60 -9.85
C PRO A 99 -10.85 -12.95 -10.99
N THR A 100 -10.94 -11.62 -11.07
CA THR A 100 -10.25 -10.87 -12.11
C THR A 100 -9.94 -9.45 -11.66
N ALA A 101 -8.96 -8.82 -12.29
CA ALA A 101 -8.57 -7.46 -11.96
C ALA A 101 -9.79 -6.57 -11.76
N SER A 102 -10.92 -6.99 -12.33
CA SER A 102 -12.15 -6.23 -12.22
C SER A 102 -12.79 -6.43 -10.85
N ASP A 103 -12.73 -7.66 -10.35
CA ASP A 103 -13.30 -7.99 -9.05
C ASP A 103 -12.28 -7.79 -7.94
N VAL A 104 -11.07 -8.32 -8.15
CA VAL A 104 -10.00 -8.21 -7.17
C VAL A 104 -9.73 -6.75 -6.83
N VAL A 105 -10.07 -5.85 -7.76
CA VAL A 105 -9.85 -4.42 -7.56
C VAL A 105 -10.74 -3.89 -6.45
N GLY A 106 -11.77 -4.65 -6.10
CA GLY A 106 -12.69 -4.23 -5.05
C GLY A 106 -13.11 -5.38 -4.15
N MET A 107 -12.66 -6.58 -4.49
CA MET A 107 -13.00 -7.76 -3.71
C MET A 107 -12.34 -7.71 -2.34
N PRO A 108 -11.04 -7.38 -2.32
CA PRO A 108 -10.27 -7.30 -1.08
C PRO A 108 -10.68 -6.11 -0.21
N GLN A 109 -10.03 -5.96 0.93
CA GLN A 109 -10.33 -4.87 1.85
C GLN A 109 -9.59 -3.60 1.43
N TRP A 110 -8.36 -3.75 0.96
CA TRP A 110 -7.56 -2.62 0.54
C TRP A 110 -8.40 -1.63 -0.26
N GLN A 111 -9.19 -2.15 -1.20
CA GLN A 111 -10.04 -1.31 -2.04
C GLN A 111 -10.80 -0.29 -1.18
N GLU A 112 -11.31 -0.73 -0.04
CA GLU A 112 -12.05 0.15 0.86
C GLU A 112 -11.10 0.93 1.75
N TYR A 113 -10.10 0.25 2.29
CA TYR A 113 -9.12 0.89 3.17
C TYR A 113 -8.47 2.08 2.49
N THR A 114 -7.76 1.81 1.38
CA THR A 114 -7.09 2.86 0.64
C THR A 114 -8.02 4.03 0.36
N ALA A 115 -9.32 3.77 0.40
CA ALA A 115 -10.32 4.79 0.16
C ALA A 115 -10.62 5.58 1.43
N MET A 116 -10.75 4.88 2.55
CA MET A 116 -11.04 5.50 3.83
C MET A 116 -10.02 6.61 4.13
N LEU A 117 -8.84 6.51 3.52
CA LEU A 117 -7.79 7.48 3.72
C LEU A 117 -8.16 8.82 3.09
N ARG A 118 -8.39 8.81 1.78
CA ARG A 118 -8.76 10.03 1.05
C ARG A 118 -10.19 10.43 1.38
N GLU A 119 -11.01 9.46 1.76
CA GLU A 119 -12.40 9.73 2.10
C GLU A 119 -12.53 10.27 3.52
N ARG A 120 -11.98 9.53 4.47
CA ARG A 120 -12.03 9.93 5.88
C ARG A 120 -10.87 10.86 6.21
N PHE A 121 -9.66 10.47 5.82
CA PHE A 121 -8.48 11.27 6.09
C PHE A 121 -8.45 11.75 7.53
N ALA A 122 -8.99 10.93 8.43
CA ALA A 122 -9.03 11.27 9.85
C ALA A 122 -7.80 12.07 10.26
N GLY A 123 -6.65 11.69 9.71
CA GLY A 123 -5.41 12.39 10.03
C GLY A 123 -4.38 12.28 8.93
N LEU A 124 -3.97 11.04 8.62
CA LEU A 124 -2.98 10.80 7.58
C LEU A 124 -1.73 11.64 7.81
N ASP A 125 -1.41 11.87 9.08
CA ASP A 125 -0.24 12.66 9.44
C ASP A 125 0.93 11.75 9.81
N THR A 126 0.62 10.63 10.45
CA THR A 126 1.64 9.67 10.87
C THR A 126 2.55 9.30 9.70
N ILE A 127 3.76 9.84 9.71
CA ILE A 127 4.73 9.56 8.65
C ILE A 127 4.13 9.83 7.27
N LYS A 22 7.34 17.85 27.81
CA LYS A 22 6.13 18.53 28.25
C LYS A 22 4.91 17.99 27.52
N GLN A 23 3.73 18.48 27.90
CA GLN A 23 2.49 18.04 27.29
C GLN A 23 2.65 17.88 25.78
N GLN A 24 3.33 18.85 25.17
CA GLN A 24 3.56 18.82 23.73
C GLN A 24 4.32 17.56 23.31
N LEU A 25 3.84 16.91 22.26
CA LEU A 25 4.48 15.68 21.77
C LEU A 25 5.16 15.93 20.43
N GLN A 26 4.56 16.79 19.61
CA GLN A 26 5.11 17.10 18.29
C GLN A 26 6.56 17.57 18.42
N GLU A 27 7.43 17.02 17.58
CA GLU A 27 8.84 17.39 17.59
C GLU A 27 9.51 17.03 16.26
N HIS A 28 10.79 17.37 16.14
CA HIS A 28 11.54 17.09 14.92
C HIS A 28 11.71 15.58 14.72
N ALA A 29 10.99 15.04 13.75
CA ALA A 29 11.07 13.61 13.46
C ALA A 29 12.26 13.29 12.57
N PRO A 30 12.86 12.11 12.77
CA PRO A 30 14.02 11.66 12.00
C PRO A 30 13.66 11.33 10.55
N SER A 31 14.63 11.52 9.65
CA SER A 31 14.41 11.24 8.23
C SER A 31 14.03 9.79 8.01
N HIS A 32 12.87 9.56 7.42
CA HIS A 32 12.39 8.22 7.14
C HIS A 32 12.16 8.00 5.65
N ALA A 33 12.89 7.06 5.06
CA ALA A 33 12.76 6.76 3.65
C ALA A 33 11.35 6.30 3.31
N ASN A 34 10.94 6.55 2.07
CA ASN A 34 9.61 6.16 1.62
C ASN A 34 9.55 4.65 1.36
N LEU A 35 10.54 4.14 0.65
CA LEU A 35 10.60 2.72 0.34
C LEU A 35 11.30 1.93 1.45
N ASP A 36 11.46 2.59 2.61
CA ASP A 36 12.11 1.95 3.75
C ASP A 36 11.62 0.53 3.92
N VAL A 37 10.30 0.36 4.00
CA VAL A 37 9.71 -0.96 4.17
C VAL A 37 9.65 -1.72 2.85
N LYS A 38 9.39 -3.02 2.93
CA LYS A 38 9.31 -3.85 1.73
C LYS A 38 7.94 -3.73 1.07
N TRP A 39 7.75 -4.43 -0.04
CA TRP A 39 6.49 -4.40 -0.75
C TRP A 39 5.31 -4.68 0.18
N LEU A 40 4.11 -4.64 -0.37
CA LEU A 40 2.91 -4.90 0.41
C LEU A 40 3.06 -6.16 1.25
N ASP A 41 3.58 -7.22 0.64
CA ASP A 41 3.79 -8.48 1.32
C ASP A 41 5.27 -8.86 1.33
N GLY A 42 5.74 -9.36 2.48
CA GLY A 42 7.13 -9.74 2.60
C GLY A 42 7.65 -9.58 4.02
N LEU A 43 7.35 -8.44 4.63
CA LEU A 43 7.79 -8.16 5.99
C LEU A 43 7.35 -9.27 6.95
N ARG A 44 8.06 -9.40 8.07
CA ARG A 44 7.75 -10.41 9.06
C ARG A 44 6.69 -9.91 10.04
N ALA A 45 6.92 -8.72 10.59
CA ALA A 45 5.98 -8.14 11.54
C ALA A 45 6.30 -6.65 11.77
N GLY A 46 5.37 -5.95 12.41
CA GLY A 46 5.56 -4.53 12.67
C GLY A 46 4.62 -3.66 11.88
N SER A 47 4.83 -3.57 10.58
CA SER A 47 3.99 -2.76 9.71
C SER A 47 2.58 -3.34 9.62
N MET A 48 2.50 -4.63 9.29
CA MET A 48 1.21 -5.31 9.16
C MET A 48 0.21 -4.75 10.17
N ALA A 49 0.62 -4.68 11.44
CA ALA A 49 -0.26 -4.17 12.49
C ALA A 49 -0.83 -2.81 12.11
N LEU A 50 0.04 -1.89 11.72
CA LEU A 50 -0.38 -0.54 11.34
C LEU A 50 -0.79 -0.51 9.86
N GLN A 51 -0.91 -1.69 9.26
CA GLN A 51 -1.30 -1.79 7.86
C GLN A 51 -0.37 -0.95 6.98
N GLY A 52 0.94 -1.09 7.20
CA GLY A 52 1.91 -0.35 6.42
C GLY A 52 1.54 -0.28 4.95
N ASP A 53 0.77 -1.26 4.49
CA ASP A 53 0.35 -1.31 3.09
C ASP A 53 -0.49 -0.09 2.74
N VAL A 54 -1.60 0.09 3.45
CA VAL A 54 -2.49 1.22 3.21
C VAL A 54 -2.01 2.47 3.93
N LYS A 55 -1.28 2.26 5.03
CA LYS A 55 -0.76 3.38 5.82
C LYS A 55 0.22 4.20 5.00
N VAL A 56 0.99 3.53 4.15
CA VAL A 56 1.98 4.21 3.30
C VAL A 56 1.37 4.61 1.97
N TRP A 57 0.25 3.99 1.62
CA TRP A 57 -0.43 4.28 0.36
C TRP A 57 -0.48 5.79 0.11
N MET A 58 -0.48 6.56 1.19
CA MET A 58 -0.52 8.02 1.08
C MET A 58 0.88 8.59 0.94
N GLN A 59 1.71 8.36 1.95
CA GLN A 59 3.08 8.86 1.94
C GLN A 59 3.78 8.49 0.63
N ASN A 60 3.44 7.33 0.09
CA ASN A 60 4.04 6.86 -1.15
C ASN A 60 3.81 7.86 -2.28
N LEU A 61 2.56 8.27 -2.45
CA LEU A 61 2.21 9.24 -3.50
C LEU A 61 2.45 10.67 -3.02
N GLU A 62 2.47 10.86 -1.71
CA GLU A 62 2.71 12.18 -1.12
C GLU A 62 4.01 12.77 -1.65
N ASP A 63 5.08 11.97 -1.62
CA ASP A 63 6.38 12.42 -2.09
C ASP A 63 6.46 12.36 -3.61
N LEU A 64 6.18 11.19 -4.16
CA LEU A 64 6.22 10.99 -5.61
C LEU A 64 5.36 12.03 -6.33
N HIS A 65 4.07 12.04 -6.01
CA HIS A 65 3.14 12.98 -6.62
C HIS A 65 3.75 14.37 -6.69
N THR A 66 4.53 14.74 -5.68
CA THR A 66 5.17 16.04 -5.63
C THR A 66 6.03 16.27 -6.87
N ARG A 67 6.74 15.24 -7.29
CA ARG A 67 7.61 15.33 -8.46
C ARG A 67 6.87 14.87 -9.72
N ARG A 68 6.52 13.58 -9.75
CA ARG A 68 5.81 13.01 -10.90
C ARG A 68 4.42 12.54 -10.49
N PRO A 69 3.39 13.20 -11.03
CA PRO A 69 1.99 12.86 -10.74
C PRO A 69 1.58 11.53 -11.35
N ASP A 70 2.10 11.24 -12.54
CA ASP A 70 1.78 9.99 -13.23
C ASP A 70 2.40 8.80 -12.50
N GLU A 71 3.70 8.90 -12.20
CA GLU A 71 4.40 7.82 -11.51
C GLU A 71 3.94 7.71 -10.06
N PHE A 72 3.21 8.72 -9.61
CA PHE A 72 2.71 8.75 -8.23
C PHE A 72 2.19 7.37 -7.83
N THR A 73 1.55 6.68 -8.77
CA THR A 73 1.00 5.36 -8.51
C THR A 73 2.08 4.29 -8.58
N ALA A 74 3.14 4.56 -9.35
CA ALA A 74 4.24 3.63 -9.49
C ALA A 74 4.85 3.28 -8.14
N ARG A 75 4.60 4.13 -7.15
CA ARG A 75 5.13 3.92 -5.81
C ARG A 75 4.26 2.90 -5.04
N LEU A 76 3.03 3.29 -4.78
CA LEU A 76 2.10 2.42 -4.05
C LEU A 76 1.72 1.20 -4.89
N GLN A 77 1.50 1.43 -6.18
CA GLN A 77 1.13 0.34 -7.09
C GLN A 77 2.01 -0.88 -6.86
N GLN A 78 3.30 -0.65 -6.64
CA GLN A 78 4.24 -1.74 -6.41
C GLN A 78 3.80 -2.59 -5.22
N SER A 79 3.19 -1.95 -4.24
CA SER A 79 2.73 -2.65 -3.05
C SER A 79 1.37 -3.28 -3.28
N THR A 80 0.37 -2.44 -3.55
CA THR A 80 -0.99 -2.92 -3.79
C THR A 80 -0.99 -4.11 -4.75
N ASP A 81 0.08 -4.25 -5.51
CA ASP A 81 0.22 -5.34 -6.46
C ASP A 81 0.17 -6.70 -5.75
N ALA A 82 0.79 -6.75 -4.58
CA ALA A 82 0.82 -7.98 -3.79
C ALA A 82 -0.58 -8.39 -3.35
N LEU A 83 -1.33 -7.43 -2.82
CA LEU A 83 -2.70 -7.69 -2.36
C LEU A 83 -3.64 -7.90 -3.55
N TYR A 84 -3.39 -7.16 -4.63
CA TYR A 84 -4.21 -7.27 -5.83
C TYR A 84 -4.17 -8.67 -6.41
N SER A 85 -2.96 -9.21 -6.52
CA SER A 85 -2.77 -10.55 -7.07
C SER A 85 -2.96 -11.62 -5.99
N HIS A 86 -2.46 -11.32 -4.79
CA HIS A 86 -2.58 -12.25 -3.67
C HIS A 86 -4.00 -12.77 -3.54
N LEU A 87 -4.97 -11.86 -3.61
CA LEU A 87 -6.37 -12.23 -3.50
C LEU A 87 -6.85 -12.95 -4.77
N GLU A 88 -6.67 -12.29 -5.91
CA GLU A 88 -7.09 -12.86 -7.18
C GLU A 88 -6.52 -14.27 -7.36
N ALA A 89 -5.31 -14.48 -6.85
CA ALA A 89 -4.67 -15.79 -6.95
C ALA A 89 -5.09 -16.70 -5.80
N GLN A 90 -4.83 -16.25 -4.57
CA GLN A 90 -5.18 -17.02 -3.38
C GLN A 90 -6.69 -17.25 -3.31
N TRP A 91 -7.45 -16.15 -3.38
CA TRP A 91 -8.90 -16.23 -3.32
C TRP A 91 -9.45 -17.00 -4.51
N ALA A 92 -8.73 -16.97 -5.62
CA ALA A 92 -9.15 -17.67 -6.83
C ALA A 92 -9.56 -19.11 -6.52
N LYS A 93 -8.83 -19.74 -5.61
CA LYS A 93 -9.12 -21.13 -5.23
C LYS A 93 -10.58 -21.27 -4.80
N GLN A 94 -11.16 -20.19 -4.29
CA GLN A 94 -12.55 -20.20 -3.85
C GLN A 94 -13.49 -20.52 -5.01
N HIS A 95 -13.45 -19.68 -6.03
CA HIS A 95 -14.30 -19.87 -7.21
C HIS A 95 -13.48 -19.75 -8.49
N GLY A 96 -12.75 -18.65 -8.63
CA GLY A 96 -11.94 -18.45 -9.82
C GLY A 96 -12.66 -17.66 -10.89
N THR A 97 -13.98 -17.55 -10.74
CA THR A 97 -14.80 -16.81 -11.71
C THR A 97 -14.87 -15.33 -11.35
N PRO A 98 -15.31 -15.04 -10.11
CA PRO A 98 -15.43 -13.66 -9.62
C PRO A 98 -14.08 -12.99 -9.41
N PRO A 99 -13.06 -13.82 -9.13
CA PRO A 99 -11.70 -13.33 -8.90
C PRO A 99 -11.05 -12.79 -10.17
N THR A 100 -11.14 -11.48 -10.36
CA THR A 100 -10.56 -10.84 -11.55
C THR A 100 -10.09 -9.42 -11.22
N ALA A 101 -9.00 -9.01 -11.85
CA ALA A 101 -8.44 -7.68 -11.63
C ALA A 101 -9.54 -6.63 -11.60
N SER A 102 -10.67 -6.93 -12.23
CA SER A 102 -11.80 -6.01 -12.26
C SER A 102 -12.50 -5.96 -10.91
N ASP A 103 -12.64 -7.12 -10.28
CA ASP A 103 -13.28 -7.21 -8.98
C ASP A 103 -12.26 -7.10 -7.85
N VAL A 104 -11.20 -7.89 -7.93
CA VAL A 104 -10.16 -7.87 -6.92
C VAL A 104 -9.85 -6.45 -6.47
N VAL A 105 -9.89 -5.51 -7.41
CA VAL A 105 -9.62 -4.11 -7.10
C VAL A 105 -10.40 -3.65 -5.87
N GLY A 106 -11.67 -4.06 -5.79
CA GLY A 106 -12.50 -3.69 -4.67
C GLY A 106 -13.32 -4.84 -4.15
N MET A 107 -12.97 -6.06 -4.56
CA MET A 107 -13.68 -7.26 -4.13
C MET A 107 -13.37 -7.58 -2.68
N PRO A 108 -12.08 -7.56 -2.32
CA PRO A 108 -11.63 -7.85 -0.97
C PRO A 108 -12.02 -6.76 0.03
N GLN A 109 -11.36 -6.75 1.19
CA GLN A 109 -11.64 -5.75 2.21
C GLN A 109 -10.98 -4.42 1.86
N TRP A 110 -9.70 -4.47 1.53
CA TRP A 110 -8.95 -3.27 1.18
C TRP A 110 -9.75 -2.39 0.22
N GLN A 111 -10.72 -2.99 -0.46
CA GLN A 111 -11.56 -2.27 -1.40
C GLN A 111 -11.96 -0.91 -0.85
N GLU A 112 -12.45 -0.91 0.39
CA GLU A 112 -12.87 0.32 1.04
C GLU A 112 -11.68 1.05 1.67
N TYR A 113 -11.00 0.37 2.59
CA TYR A 113 -9.84 0.95 3.26
C TYR A 113 -8.97 1.72 2.28
N THR A 114 -8.54 1.03 1.21
CA THR A 114 -7.70 1.65 0.19
C THR A 114 -8.24 3.02 -0.22
N ALA A 115 -9.57 3.14 -0.24
CA ALA A 115 -10.22 4.38 -0.62
C ALA A 115 -10.29 5.34 0.56
N MET A 116 -10.73 4.84 1.70
CA MET A 116 -10.86 5.64 2.91
C MET A 116 -9.63 6.53 3.09
N LEU A 117 -8.52 6.13 2.48
CA LEU A 117 -7.28 6.90 2.57
C LEU A 117 -7.40 8.22 1.83
N ARG A 118 -7.76 8.16 0.55
CA ARG A 118 -7.91 9.35 -0.27
C ARG A 118 -9.28 10.00 -0.03
N GLU A 119 -10.31 9.18 0.07
CA GLU A 119 -11.66 9.67 0.29
C GLU A 119 -11.87 10.07 1.75
N ARG A 120 -11.59 9.14 2.66
CA ARG A 120 -11.74 9.39 4.08
C ARG A 120 -10.41 9.80 4.71
N PHE A 121 -9.51 10.33 3.88
CA PHE A 121 -8.21 10.76 4.35
C PHE A 121 -8.31 11.45 5.71
N ALA A 122 -9.49 12.00 6.00
CA ALA A 122 -9.73 12.68 7.26
C ALA A 122 -9.39 11.78 8.45
N GLY A 123 -9.82 10.52 8.36
CA GLY A 123 -9.55 9.57 9.43
C GLY A 123 -8.07 9.37 9.66
N LEU A 124 -7.26 9.65 8.64
CA LEU A 124 -5.82 9.49 8.74
C LEU A 124 -5.24 10.44 9.78
N ASP A 125 -4.93 9.91 10.96
CA ASP A 125 -4.36 10.72 12.03
C ASP A 125 -3.11 10.06 12.62
N THR A 126 -1.98 10.73 12.48
CA THR A 126 -0.72 10.21 12.99
C THR A 126 -0.51 8.76 12.57
N ILE A 127 -1.04 8.40 11.40
CA ILE A 127 -0.92 7.04 10.89
C ILE A 127 0.54 6.61 10.81
#